data_7Z3C
#
_entry.id   7Z3C
#
_entity_poly.entity_id   1
_entity_poly.type   'polypeptide(L)'
_entity_poly.pdbx_seq_one_letter_code
;MDKEEAKANAAAHEWYVAIDEKQVGPFNVEKVKDLWDRGEVGPDSLCWRSGFSDWIPLSETAELASVLAPRPSKPVIVAP
EPVSG
;
_entity_poly.pdbx_strand_id   A
#
# COMPACT_ATOMS: atom_id res chain seq x y z
N MET A 1 3.10 -14.43 -23.06
CA MET A 1 2.06 -13.79 -22.25
C MET A 1 0.89 -13.36 -23.13
N ASP A 2 -0.32 -13.43 -22.57
CA ASP A 2 -1.52 -13.05 -23.30
C ASP A 2 -2.23 -11.90 -22.61
N LYS A 3 -1.48 -11.09 -21.87
CA LYS A 3 -2.03 -9.96 -21.15
C LYS A 3 -1.09 -8.76 -21.20
N GLU A 4 -1.44 -7.70 -20.49
CA GLU A 4 -0.62 -6.50 -20.45
C GLU A 4 -0.23 -6.14 -19.02
N GLU A 5 0.93 -5.53 -18.86
CA GLU A 5 1.42 -5.14 -17.54
C GLU A 5 1.58 -3.62 -17.45
N ALA A 6 2.02 -3.00 -18.54
CA ALA A 6 2.21 -1.56 -18.59
C ALA A 6 1.05 -0.87 -19.29
N LYS A 7 0.37 -1.61 -20.17
CA LYS A 7 -0.76 -1.07 -20.91
C LYS A 7 -2.06 -1.25 -20.12
N ALA A 8 -2.08 -2.25 -19.25
CA ALA A 8 -3.26 -2.53 -18.44
C ALA A 8 -3.63 -1.34 -17.57
N ASN A 9 -4.92 -1.16 -17.33
CA ASN A 9 -5.40 -0.05 -16.51
C ASN A 9 -5.35 -0.40 -15.02
N ALA A 10 -5.67 -1.65 -14.71
CA ALA A 10 -5.66 -2.12 -13.32
C ALA A 10 -4.30 -1.85 -12.68
N ALA A 11 -3.26 -1.81 -13.50
CA ALA A 11 -1.91 -1.58 -13.00
C ALA A 11 -1.31 -0.32 -13.63
N ALA A 12 -2.16 0.61 -14.02
CA ALA A 12 -1.71 1.86 -14.64
C ALA A 12 -1.61 2.97 -13.61
N HIS A 13 -1.46 2.59 -12.35
CA HIS A 13 -1.34 3.57 -11.26
C HIS A 13 0.12 3.87 -10.94
N GLU A 14 0.43 5.14 -10.72
CA GLU A 14 1.79 5.55 -10.41
C GLU A 14 1.82 6.43 -9.17
N TRP A 15 2.36 5.89 -8.07
CA TRP A 15 2.44 6.62 -6.82
C TRP A 15 3.63 6.14 -5.99
N TYR A 16 4.44 7.08 -5.51
CA TYR A 16 5.61 6.75 -4.71
C TYR A 16 5.23 6.59 -3.24
N VAL A 17 6.21 6.22 -2.42
CA VAL A 17 5.98 6.03 -1.00
C VAL A 17 7.21 6.43 -0.19
N ALA A 18 6.98 6.99 0.99
CA ALA A 18 8.07 7.42 1.86
C ALA A 18 8.57 6.26 2.71
N ILE A 19 9.68 5.66 2.29
CA ILE A 19 10.25 4.53 3.01
C ILE A 19 11.68 4.84 3.45
N ASP A 20 11.96 4.66 4.73
CA ASP A 20 13.30 4.92 5.27
C ASP A 20 13.73 6.36 5.00
N GLU A 21 12.75 7.26 4.94
CA GLU A 21 13.03 8.67 4.68
C GLU A 21 13.50 8.87 3.24
N LYS A 22 13.39 7.83 2.43
CA LYS A 22 13.80 7.90 1.04
C LYS A 22 12.65 7.55 0.11
N GLN A 23 12.54 8.28 -0.99
CA GLN A 23 11.47 8.05 -1.97
C GLN A 23 11.69 6.73 -2.70
N VAL A 24 10.60 6.01 -2.94
CA VAL A 24 10.67 4.72 -3.64
C VAL A 24 10.22 4.87 -5.09
N GLY A 25 10.34 3.78 -5.84
CA GLY A 25 9.94 3.81 -7.24
C GLY A 25 8.44 3.85 -7.41
N PRO A 26 7.99 4.02 -8.67
CA PRO A 26 6.56 4.08 -9.00
C PRO A 26 5.86 2.74 -8.81
N PHE A 27 4.84 2.72 -7.96
CA PHE A 27 4.09 1.50 -7.69
C PHE A 27 2.67 1.60 -8.25
N ASN A 28 1.96 0.48 -8.24
CA ASN A 28 0.59 0.44 -8.75
C ASN A 28 -0.32 -0.31 -7.80
N VAL A 29 -1.62 0.01 -7.85
CA VAL A 29 -2.60 -0.63 -6.98
C VAL A 29 -2.54 -2.15 -7.13
N GLU A 30 -2.10 -2.62 -8.29
CA GLU A 30 -2.00 -4.04 -8.56
C GLU A 30 -0.71 -4.62 -7.97
N LYS A 31 0.29 -3.77 -7.81
CA LYS A 31 1.57 -4.18 -7.26
C LYS A 31 1.58 -4.05 -5.75
N VAL A 32 1.25 -2.86 -5.26
CA VAL A 32 1.22 -2.60 -3.82
C VAL A 32 0.27 -3.57 -3.11
N LYS A 33 -0.89 -3.81 -3.71
CA LYS A 33 -1.87 -4.72 -3.14
C LYS A 33 -1.22 -6.01 -2.68
N ASP A 34 -0.21 -6.45 -3.43
CA ASP A 34 0.50 -7.68 -3.10
C ASP A 34 1.55 -7.44 -2.02
N LEU A 35 2.22 -6.29 -2.10
CA LEU A 35 3.25 -5.94 -1.13
C LEU A 35 2.64 -5.68 0.24
N TRP A 36 1.75 -4.69 0.32
CA TRP A 36 1.09 -4.35 1.57
C TRP A 36 0.45 -5.58 2.20
N ASP A 37 -0.07 -6.47 1.36
CA ASP A 37 -0.71 -7.70 1.84
C ASP A 37 0.23 -8.49 2.74
N ARG A 38 1.49 -8.61 2.31
CA ARG A 38 2.48 -9.34 3.08
C ARG A 38 3.27 -8.40 3.98
N GLY A 39 3.08 -7.10 3.79
CA GLY A 39 3.78 -6.12 4.60
C GLY A 39 5.12 -5.73 4.00
N GLU A 40 5.17 -5.59 2.68
CA GLU A 40 6.39 -5.22 1.98
C GLU A 40 6.53 -3.70 1.90
N VAL A 41 5.39 -3.01 1.80
CA VAL A 41 5.38 -1.56 1.71
C VAL A 41 5.30 -0.92 3.10
N GLY A 42 5.13 0.39 3.14
CA GLY A 42 5.04 1.09 4.41
C GLY A 42 3.62 1.53 4.73
N PRO A 43 2.96 0.77 5.61
CA PRO A 43 1.58 1.07 6.02
C PRO A 43 1.49 2.32 6.88
N ASP A 44 2.46 2.50 7.76
CA ASP A 44 2.49 3.66 8.65
C ASP A 44 3.28 4.80 8.02
N SER A 45 4.03 4.49 6.96
CA SER A 45 4.84 5.49 6.28
C SER A 45 3.98 6.35 5.36
N LEU A 46 4.48 7.54 5.06
CA LEU A 46 3.75 8.48 4.20
C LEU A 46 3.73 7.98 2.76
N CYS A 47 2.69 8.36 2.04
CA CYS A 47 2.55 7.96 0.63
C CYS A 47 2.38 9.17 -0.28
N TRP A 48 3.07 9.16 -1.40
CA TRP A 48 2.99 10.26 -2.36
C TRP A 48 2.39 9.80 -3.68
N ARG A 49 2.28 10.72 -4.63
CA ARG A 49 1.72 10.40 -5.94
C ARG A 49 1.80 11.61 -6.87
N SER A 50 1.68 11.35 -8.18
CA SER A 50 1.75 12.42 -9.17
C SER A 50 0.69 13.49 -8.89
N GLY A 51 1.13 14.64 -8.40
CA GLY A 51 0.22 15.73 -8.10
C GLY A 51 0.10 15.99 -6.62
N PHE A 52 0.50 15.01 -5.81
CA PHE A 52 0.44 15.14 -4.36
C PHE A 52 1.17 16.41 -3.89
N SER A 53 0.51 17.17 -3.03
CA SER A 53 1.09 18.41 -2.50
C SER A 53 1.87 18.14 -1.22
N ASP A 54 1.41 17.17 -0.45
CA ASP A 54 2.06 16.81 0.81
C ASP A 54 2.13 15.29 0.97
N TRP A 55 2.67 14.85 2.10
CA TRP A 55 2.80 13.43 2.38
C TRP A 55 1.84 13.00 3.48
N ILE A 56 1.18 11.86 3.29
CA ILE A 56 0.23 11.35 4.27
C ILE A 56 0.36 9.84 4.41
N PRO A 57 0.38 9.35 5.67
CA PRO A 57 0.50 7.92 5.97
C PRO A 57 -0.76 7.15 5.59
N LEU A 58 -0.58 5.88 5.23
CA LEU A 58 -1.71 5.04 4.85
C LEU A 58 -2.52 4.61 6.07
N SER A 59 -1.90 4.70 7.24
CA SER A 59 -2.55 4.33 8.49
C SER A 59 -3.48 5.43 8.97
N GLU A 60 -3.53 6.52 8.22
CA GLU A 60 -4.38 7.66 8.57
C GLU A 60 -5.56 7.77 7.61
N THR A 61 -5.35 7.33 6.37
CA THR A 61 -6.39 7.39 5.35
C THR A 61 -7.06 6.03 5.17
N ALA A 62 -8.38 6.00 5.29
CA ALA A 62 -9.13 4.77 5.13
C ALA A 62 -9.35 4.43 3.67
N GLU A 63 -9.12 5.41 2.80
CA GLU A 63 -9.29 5.23 1.37
C GLU A 63 -8.31 4.19 0.83
N LEU A 64 -7.28 3.90 1.63
CA LEU A 64 -6.27 2.93 1.24
C LEU A 64 -6.63 1.53 1.71
N ALA A 65 -7.55 1.46 2.68
CA ALA A 65 -7.99 0.18 3.21
C ALA A 65 -8.88 -0.56 2.22
N SER A 66 -9.79 0.18 1.58
CA SER A 66 -10.70 -0.41 0.60
C SER A 66 -9.93 -1.01 -0.57
N VAL A 67 -8.72 -0.51 -0.79
CA VAL A 67 -7.87 -0.99 -1.88
C VAL A 67 -6.89 -2.06 -1.38
N LEU A 68 -6.23 -1.75 -0.25
CA LEU A 68 -5.27 -2.67 0.32
C LEU A 68 -5.87 -3.45 1.48
N ALA A 69 -6.24 -4.70 1.23
CA ALA A 69 -6.83 -5.55 2.26
C ALA A 69 -5.92 -5.66 3.48
N PRO A 70 -6.39 -5.12 4.62
CA PRO A 70 -5.63 -5.15 5.87
C PRO A 70 -5.52 -6.55 6.46
N ARG A 71 -4.55 -6.74 7.34
CA ARG A 71 -4.33 -8.04 7.97
C ARG A 71 -4.61 -7.97 9.47
N PRO A 72 -5.37 -8.95 9.98
CA PRO A 72 -5.74 -9.02 11.40
C PRO A 72 -4.53 -9.35 12.28
N SER A 73 -4.28 -8.50 13.27
CA SER A 73 -3.16 -8.71 14.19
C SER A 73 -3.58 -8.42 15.63
N LYS A 74 -2.82 -8.97 16.57
CA LYS A 74 -3.11 -8.77 17.99
C LYS A 74 -3.30 -7.30 18.31
N PRO A 75 -3.95 -7.01 19.45
CA PRO A 75 -4.21 -5.65 19.89
C PRO A 75 -2.94 -4.92 20.33
N VAL A 76 -2.85 -3.64 19.98
CA VAL A 76 -1.68 -2.84 20.34
C VAL A 76 -2.10 -1.51 20.98
N ILE A 77 -1.26 -1.00 21.85
CA ILE A 77 -1.54 0.27 22.53
C ILE A 77 -0.68 1.40 21.96
N VAL A 78 -1.22 2.60 21.94
CA VAL A 78 -0.51 3.76 21.43
C VAL A 78 -0.47 4.88 22.45
N ALA A 79 0.51 5.78 22.32
CA ALA A 79 0.64 6.90 23.24
C ALA A 79 -0.66 7.68 23.37
N PRO A 80 -0.79 8.46 24.45
CA PRO A 80 -1.98 9.26 24.72
C PRO A 80 -2.12 10.43 23.74
N GLU A 81 -0.99 11.07 23.43
CA GLU A 81 -0.98 12.20 22.51
C GLU A 81 -0.89 11.73 21.07
N PRO A 82 -1.68 12.36 20.18
CA PRO A 82 -1.71 12.01 18.76
C PRO A 82 -0.42 12.42 18.04
N VAL A 83 -0.25 11.95 16.82
CA VAL A 83 0.93 12.27 16.03
C VAL A 83 0.68 13.48 15.14
N SER A 84 -0.57 13.69 14.76
CA SER A 84 -0.94 14.81 13.91
C SER A 84 -2.12 15.57 14.50
N GLY A 85 -2.03 16.90 14.49
CA GLY A 85 -3.09 17.73 15.02
C GLY A 85 -2.55 18.89 15.84
N MET A 1 16.05 2.64 -23.71
CA MET A 1 14.76 2.41 -23.09
C MET A 1 13.89 3.66 -23.15
N ASP A 2 12.84 3.62 -23.96
CA ASP A 2 11.94 4.75 -24.11
C ASP A 2 10.49 4.34 -23.84
N LYS A 3 10.31 3.43 -22.89
CA LYS A 3 8.98 2.95 -22.53
C LYS A 3 8.59 3.42 -21.13
N GLU A 4 7.46 2.92 -20.64
CA GLU A 4 6.98 3.28 -19.31
C GLU A 4 6.04 2.21 -18.76
N GLU A 5 5.77 2.29 -17.46
CA GLU A 5 4.89 1.33 -16.81
C GLU A 5 3.44 1.79 -16.86
N ALA A 6 3.24 3.08 -17.05
CA ALA A 6 1.91 3.66 -17.12
C ALA A 6 1.10 3.04 -18.25
N LYS A 7 1.80 2.47 -19.23
CA LYS A 7 1.15 1.83 -20.37
C LYS A 7 0.10 0.82 -19.91
N ALA A 8 0.52 -0.12 -19.07
CA ALA A 8 -0.39 -1.14 -18.55
C ALA A 8 -1.61 -0.51 -17.92
N ASN A 9 -2.74 -1.21 -18.00
CA ASN A 9 -4.00 -0.71 -17.43
C ASN A 9 -4.09 -1.06 -15.95
N ALA A 10 -4.02 -2.35 -15.63
CA ALA A 10 -4.09 -2.79 -14.25
C ALA A 10 -3.03 -2.12 -13.39
N ALA A 11 -1.86 -1.86 -13.97
CA ALA A 11 -0.77 -1.22 -13.26
C ALA A 11 -0.56 0.21 -13.77
N ALA A 12 -1.63 0.82 -14.27
CA ALA A 12 -1.57 2.19 -14.78
C ALA A 12 -1.40 3.18 -13.64
N HIS A 13 -1.60 2.72 -12.41
CA HIS A 13 -1.46 3.58 -11.23
C HIS A 13 0.00 3.83 -10.91
N GLU A 14 0.34 5.09 -10.64
CA GLU A 14 1.71 5.46 -10.32
C GLU A 14 1.76 6.35 -9.07
N TRP A 15 2.35 5.85 -8.00
CA TRP A 15 2.46 6.60 -6.77
C TRP A 15 3.66 6.13 -5.94
N TYR A 16 4.47 7.09 -5.50
CA TYR A 16 5.65 6.77 -4.71
C TYR A 16 5.30 6.64 -3.23
N VAL A 17 6.30 6.30 -2.42
CA VAL A 17 6.09 6.15 -0.99
C VAL A 17 7.30 6.64 -0.20
N ALA A 18 7.10 6.91 1.08
CA ALA A 18 8.18 7.38 1.94
C ALA A 18 8.82 6.23 2.71
N ILE A 19 9.96 5.77 2.22
CA ILE A 19 10.68 4.67 2.86
C ILE A 19 12.12 5.06 3.16
N ASP A 20 12.53 4.89 4.42
CA ASP A 20 13.89 5.21 4.84
C ASP A 20 14.18 6.70 4.63
N GLU A 21 13.13 7.52 4.71
CA GLU A 21 13.27 8.96 4.54
C GLU A 21 13.56 9.30 3.09
N LYS A 22 13.45 8.30 2.21
CA LYS A 22 13.70 8.51 0.79
C LYS A 22 12.50 8.06 -0.04
N GLN A 23 12.48 8.46 -1.30
CA GLN A 23 11.38 8.10 -2.20
C GLN A 23 11.57 6.70 -2.75
N VAL A 24 10.46 6.02 -3.02
CA VAL A 24 10.50 4.66 -3.56
C VAL A 24 10.20 4.65 -5.05
N GLY A 25 10.32 3.48 -5.67
CA GLY A 25 10.06 3.37 -7.09
C GLY A 25 8.58 3.44 -7.41
N PRO A 26 8.25 3.44 -8.71
CA PRO A 26 6.87 3.50 -9.17
C PRO A 26 6.09 2.22 -8.88
N PHE A 27 5.00 2.36 -8.13
CA PHE A 27 4.17 1.21 -7.78
C PHE A 27 2.77 1.35 -8.37
N ASN A 28 1.98 0.28 -8.25
CA ASN A 28 0.62 0.29 -8.76
C ASN A 28 -0.33 -0.43 -7.82
N VAL A 29 -1.61 -0.09 -7.89
CA VAL A 29 -2.62 -0.70 -7.04
C VAL A 29 -2.59 -2.22 -7.16
N GLU A 30 -2.12 -2.71 -8.30
CA GLU A 30 -2.04 -4.14 -8.55
C GLU A 30 -0.81 -4.74 -7.88
N LYS A 31 0.23 -3.93 -7.73
CA LYS A 31 1.48 -4.38 -7.10
C LYS A 31 1.43 -4.16 -5.59
N VAL A 32 1.20 -2.91 -5.19
CA VAL A 32 1.12 -2.59 -3.77
C VAL A 32 0.16 -3.51 -3.03
N LYS A 33 -1.02 -3.70 -3.60
CA LYS A 33 -2.03 -4.57 -2.99
C LYS A 33 -1.42 -5.89 -2.56
N ASP A 34 -0.44 -6.37 -3.33
CA ASP A 34 0.23 -7.62 -3.02
C ASP A 34 1.32 -7.42 -1.98
N LEU A 35 2.04 -6.31 -2.09
CA LEU A 35 3.12 -5.99 -1.15
C LEU A 35 2.56 -5.73 0.24
N TRP A 36 1.67 -4.75 0.35
CA TRP A 36 1.07 -4.40 1.62
C TRP A 36 0.42 -5.62 2.28
N ASP A 37 -0.07 -6.53 1.45
CA ASP A 37 -0.71 -7.74 1.95
C ASP A 37 0.26 -8.56 2.79
N ARG A 38 1.49 -8.69 2.32
CA ARG A 38 2.51 -9.46 3.03
C ARG A 38 3.33 -8.54 3.94
N GLY A 39 3.17 -7.24 3.75
CA GLY A 39 3.91 -6.28 4.56
C GLY A 39 5.22 -5.88 3.94
N GLU A 40 5.22 -5.62 2.63
CA GLU A 40 6.43 -5.24 1.93
C GLU A 40 6.54 -3.72 1.84
N VAL A 41 5.41 -3.05 1.76
CA VAL A 41 5.38 -1.59 1.67
C VAL A 41 5.30 -0.96 3.06
N GLY A 42 5.13 0.36 3.10
CA GLY A 42 5.03 1.06 4.37
C GLY A 42 3.62 1.50 4.68
N PRO A 43 2.93 0.74 5.55
CA PRO A 43 1.55 1.04 5.95
C PRO A 43 1.47 2.28 6.83
N ASP A 44 2.43 2.44 7.73
CA ASP A 44 2.47 3.58 8.63
C ASP A 44 3.30 4.71 8.05
N SER A 45 3.79 4.50 6.83
CA SER A 45 4.60 5.51 6.15
C SER A 45 3.75 6.40 5.26
N LEU A 46 4.29 7.56 4.89
CA LEU A 46 3.58 8.50 4.04
C LEU A 46 3.68 8.09 2.57
N CYS A 47 2.54 8.14 1.87
CA CYS A 47 2.50 7.78 0.46
C CYS A 47 2.36 9.01 -0.42
N TRP A 48 3.09 9.03 -1.53
CA TRP A 48 3.04 10.16 -2.45
C TRP A 48 2.61 9.71 -3.84
N ARG A 49 2.29 10.67 -4.70
CA ARG A 49 1.86 10.37 -6.06
C ARG A 49 1.86 11.62 -6.92
N SER A 50 1.68 11.45 -8.23
CA SER A 50 1.67 12.56 -9.16
C SER A 50 0.56 13.55 -8.80
N GLY A 51 0.96 14.71 -8.30
CA GLY A 51 -0.02 15.73 -7.93
C GLY A 51 -0.05 15.99 -6.44
N PHE A 52 0.38 15.00 -5.66
CA PHE A 52 0.39 15.12 -4.21
C PHE A 52 1.18 16.35 -3.77
N SER A 53 0.64 17.09 -2.81
CA SER A 53 1.29 18.29 -2.31
C SER A 53 1.82 18.08 -0.90
N ASP A 54 1.34 17.03 -0.24
CA ASP A 54 1.76 16.70 1.11
C ASP A 54 1.71 15.21 1.36
N TRP A 55 2.70 14.69 2.09
CA TRP A 55 2.76 13.27 2.39
C TRP A 55 1.75 12.89 3.48
N ILE A 56 1.08 11.77 3.30
CA ILE A 56 0.09 11.30 4.26
C ILE A 56 0.19 9.80 4.47
N PRO A 57 0.18 9.37 5.74
CA PRO A 57 0.27 7.96 6.11
C PRO A 57 -0.99 7.18 5.74
N LEU A 58 -0.81 5.92 5.37
CA LEU A 58 -1.93 5.07 4.98
C LEU A 58 -2.70 4.61 6.22
N SER A 59 -2.05 4.64 7.37
CA SER A 59 -2.68 4.22 8.61
C SER A 59 -3.64 5.30 9.13
N GLU A 60 -3.71 6.41 8.41
CA GLU A 60 -4.58 7.52 8.79
C GLU A 60 -5.71 7.69 7.77
N THR A 61 -5.43 7.31 6.53
CA THR A 61 -6.42 7.43 5.46
C THR A 61 -7.16 6.10 5.25
N ALA A 62 -8.49 6.16 5.31
CA ALA A 62 -9.30 4.97 5.13
C ALA A 62 -9.49 4.66 3.65
N GLU A 63 -9.10 5.61 2.79
CA GLU A 63 -9.22 5.43 1.36
C GLU A 63 -8.20 4.44 0.83
N LEU A 64 -7.29 4.02 1.70
CA LEU A 64 -6.25 3.07 1.33
C LEU A 64 -6.64 1.65 1.72
N ALA A 65 -7.42 1.53 2.80
CA ALA A 65 -7.86 0.23 3.28
C ALA A 65 -8.84 -0.41 2.29
N SER A 66 -9.67 0.42 1.67
CA SER A 66 -10.66 -0.06 0.71
C SER A 66 -9.97 -0.68 -0.51
N VAL A 67 -8.68 -0.40 -0.66
CA VAL A 67 -7.90 -0.92 -1.78
C VAL A 67 -6.94 -2.00 -1.32
N LEU A 68 -6.28 -1.76 -0.20
CA LEU A 68 -5.32 -2.71 0.36
C LEU A 68 -5.93 -3.50 1.52
N ALA A 69 -6.31 -4.74 1.23
CA ALA A 69 -6.92 -5.60 2.24
C ALA A 69 -6.05 -5.68 3.49
N PRO A 70 -6.56 -5.15 4.61
CA PRO A 70 -5.84 -5.15 5.89
C PRO A 70 -5.71 -6.54 6.48
N ARG A 71 -4.64 -6.76 7.24
CA ARG A 71 -4.40 -8.05 7.86
C ARG A 71 -4.06 -7.89 9.34
N PRO A 72 -4.25 -8.96 10.12
CA PRO A 72 -3.96 -8.96 11.56
C PRO A 72 -2.47 -8.89 11.85
N SER A 73 -2.06 -7.90 12.64
CA SER A 73 -0.66 -7.74 12.99
C SER A 73 -0.50 -7.41 14.47
N LYS A 74 0.69 -7.65 15.01
CA LYS A 74 0.97 -7.38 16.41
C LYS A 74 0.71 -5.92 16.75
N PRO A 75 0.39 -5.65 18.02
CA PRO A 75 0.11 -4.29 18.50
C PRO A 75 1.35 -3.42 18.53
N VAL A 76 1.25 -2.22 17.97
CA VAL A 76 2.37 -1.28 17.92
C VAL A 76 1.95 0.11 18.41
N ILE A 77 2.90 0.85 18.95
CA ILE A 77 2.64 2.19 19.44
C ILE A 77 3.73 3.16 19.02
N VAL A 78 3.41 4.45 19.03
CA VAL A 78 4.35 5.48 18.64
C VAL A 78 4.51 6.53 19.75
N ALA A 79 5.70 7.13 19.82
CA ALA A 79 5.97 8.14 20.83
C ALA A 79 5.51 9.52 20.36
N PRO A 80 5.33 10.44 21.33
CA PRO A 80 4.88 11.80 21.04
C PRO A 80 5.95 12.62 20.32
N GLU A 81 7.19 12.46 20.75
CA GLU A 81 8.31 13.20 20.13
C GLU A 81 8.58 12.68 18.73
N PRO A 82 9.18 13.54 17.89
CA PRO A 82 9.51 13.22 16.50
C PRO A 82 10.63 12.19 16.40
N VAL A 83 10.82 11.64 15.21
CA VAL A 83 11.87 10.65 14.98
C VAL A 83 13.16 11.31 14.51
N SER A 84 13.04 12.47 13.88
CA SER A 84 14.19 13.20 13.39
C SER A 84 14.59 14.31 14.35
N GLY A 85 15.87 14.69 14.32
CA GLY A 85 16.37 15.73 15.20
C GLY A 85 17.83 16.01 14.99
N MET A 1 -13.53 -14.47 -16.40
CA MET A 1 -12.40 -14.73 -17.30
C MET A 1 -12.51 -13.88 -18.56
N ASP A 2 -13.17 -12.74 -18.44
CA ASP A 2 -13.35 -11.84 -19.57
C ASP A 2 -12.56 -10.55 -19.37
N LYS A 3 -11.38 -10.67 -18.76
CA LYS A 3 -10.53 -9.52 -18.50
C LYS A 3 -9.07 -9.85 -18.78
N GLU A 4 -8.22 -8.82 -18.81
CA GLU A 4 -6.80 -9.00 -19.07
C GLU A 4 -5.97 -8.50 -17.90
N GLU A 5 -4.76 -9.04 -17.77
CA GLU A 5 -3.86 -8.65 -16.68
C GLU A 5 -2.85 -7.62 -17.17
N ALA A 6 -2.46 -7.73 -18.43
CA ALA A 6 -1.49 -6.81 -19.02
C ALA A 6 -2.15 -5.50 -19.44
N LYS A 7 -3.47 -5.54 -19.60
CA LYS A 7 -4.24 -4.36 -20.00
C LYS A 7 -4.96 -3.76 -18.80
N ALA A 8 -5.05 -4.53 -17.73
CA ALA A 8 -5.72 -4.07 -16.51
C ALA A 8 -5.18 -2.71 -16.07
N ASN A 9 -6.00 -1.67 -16.23
CA ASN A 9 -5.61 -0.33 -15.85
C ASN A 9 -5.26 -0.26 -14.36
N ALA A 10 -5.73 -1.24 -13.60
CA ALA A 10 -5.48 -1.30 -12.18
C ALA A 10 -3.98 -1.24 -11.88
N ALA A 11 -3.18 -1.67 -12.85
CA ALA A 11 -1.73 -1.67 -12.70
C ALA A 11 -1.10 -0.52 -13.47
N ALA A 12 -1.85 0.55 -13.65
CA ALA A 12 -1.37 1.72 -14.37
C ALA A 12 -1.21 2.92 -13.44
N HIS A 13 -1.21 2.65 -12.13
CA HIS A 13 -1.06 3.71 -11.13
C HIS A 13 0.41 3.96 -10.82
N GLU A 14 0.76 5.23 -10.63
CA GLU A 14 2.12 5.62 -10.32
C GLU A 14 2.18 6.54 -9.12
N TRP A 15 2.69 6.03 -8.00
CA TRP A 15 2.79 6.80 -6.77
C TRP A 15 3.98 6.35 -5.93
N TYR A 16 4.70 7.30 -5.36
CA TYR A 16 5.86 6.99 -4.53
C TYR A 16 5.46 6.85 -3.07
N VAL A 17 6.41 6.41 -2.25
CA VAL A 17 6.16 6.22 -0.82
C VAL A 17 7.42 6.53 -0.01
N ALA A 18 7.22 7.21 1.12
CA ALA A 18 8.33 7.56 1.99
C ALA A 18 8.68 6.42 2.93
N ILE A 19 9.70 5.66 2.58
CA ILE A 19 10.13 4.53 3.39
C ILE A 19 11.57 4.71 3.87
N ASP A 20 11.80 4.53 5.17
CA ASP A 20 13.12 4.68 5.75
C ASP A 20 13.69 6.06 5.48
N GLU A 21 12.80 7.05 5.37
CA GLU A 21 13.21 8.42 5.10
C GLU A 21 13.74 8.57 3.68
N LYS A 22 13.57 7.52 2.88
CA LYS A 22 14.03 7.53 1.49
C LYS A 22 12.87 7.22 0.54
N GLN A 23 12.80 7.96 -0.56
CA GLN A 23 11.76 7.77 -1.55
C GLN A 23 11.89 6.41 -2.24
N VAL A 24 10.76 5.77 -2.52
CA VAL A 24 10.76 4.47 -3.17
C VAL A 24 10.43 4.60 -4.66
N GLY A 25 10.49 3.48 -5.37
CA GLY A 25 10.20 3.48 -6.79
C GLY A 25 8.71 3.59 -7.07
N PRO A 26 8.36 3.70 -8.36
CA PRO A 26 6.96 3.82 -8.78
C PRO A 26 6.17 2.53 -8.57
N PHE A 27 5.10 2.62 -7.79
CA PHE A 27 4.27 1.46 -7.51
C PHE A 27 2.86 1.65 -8.07
N ASN A 28 2.08 0.57 -8.05
CA ASN A 28 0.71 0.62 -8.57
C ASN A 28 -0.24 -0.14 -7.65
N VAL A 29 -1.53 0.19 -7.73
CA VAL A 29 -2.54 -0.45 -6.91
C VAL A 29 -2.51 -1.96 -7.08
N GLU A 30 -2.09 -2.41 -8.27
CA GLU A 30 -2.01 -3.83 -8.57
C GLU A 30 -0.76 -4.45 -7.95
N LYS A 31 0.26 -3.62 -7.74
CA LYS A 31 1.51 -4.09 -7.14
C LYS A 31 1.46 -3.99 -5.63
N VAL A 32 1.22 -2.78 -5.12
CA VAL A 32 1.15 -2.57 -3.68
C VAL A 32 0.17 -3.54 -3.02
N LYS A 33 -0.99 -3.72 -3.66
CA LYS A 33 -2.01 -4.63 -3.14
C LYS A 33 -1.39 -5.94 -2.68
N ASP A 34 -0.37 -6.40 -3.42
CA ASP A 34 0.30 -7.65 -3.09
C ASP A 34 1.37 -7.42 -2.01
N LEU A 35 2.08 -6.30 -2.12
CA LEU A 35 3.12 -5.96 -1.17
C LEU A 35 2.54 -5.70 0.22
N TRP A 36 1.68 -4.68 0.31
CA TRP A 36 1.04 -4.33 1.57
C TRP A 36 0.40 -5.55 2.22
N ASP A 37 -0.15 -6.43 1.39
CA ASP A 37 -0.80 -7.64 1.89
C ASP A 37 0.15 -8.44 2.76
N ARG A 38 1.39 -8.60 2.31
CA ARG A 38 2.40 -9.35 3.06
C ARG A 38 3.20 -8.42 3.96
N GLY A 39 3.04 -7.11 3.76
CA GLY A 39 3.76 -6.14 4.56
C GLY A 39 5.10 -5.76 3.94
N GLU A 40 5.12 -5.65 2.62
CA GLU A 40 6.34 -5.29 1.91
C GLU A 40 6.49 -3.77 1.82
N VAL A 41 5.37 -3.08 1.65
CA VAL A 41 5.37 -1.62 1.56
C VAL A 41 5.21 -0.98 2.93
N GLY A 42 5.12 0.35 2.96
CA GLY A 42 4.96 1.06 4.21
C GLY A 42 3.52 1.46 4.46
N PRO A 43 2.87 0.79 5.42
CA PRO A 43 1.48 1.07 5.78
C PRO A 43 1.31 2.41 6.47
N ASP A 44 2.27 2.75 7.34
CA ASP A 44 2.22 4.02 8.07
C ASP A 44 3.05 5.08 7.35
N SER A 45 3.79 4.66 6.33
CA SER A 45 4.63 5.58 5.56
C SER A 45 3.78 6.48 4.69
N LEU A 46 4.32 7.66 4.37
CA LEU A 46 3.61 8.62 3.53
C LEU A 46 3.68 8.23 2.06
N CYS A 47 2.73 8.71 1.27
CA CYS A 47 2.69 8.40 -0.15
C CYS A 47 2.66 9.69 -0.98
N TRP A 48 3.48 9.72 -2.04
CA TRP A 48 3.56 10.89 -2.91
C TRP A 48 3.41 10.49 -4.37
N ARG A 49 2.26 10.80 -4.96
CA ARG A 49 1.99 10.47 -6.35
C ARG A 49 2.04 11.71 -7.22
N SER A 50 1.76 11.55 -8.51
CA SER A 50 1.78 12.66 -9.45
C SER A 50 0.68 13.67 -9.12
N GLY A 51 1.07 14.82 -8.61
CA GLY A 51 0.11 15.86 -8.26
C GLY A 51 0.05 16.12 -6.78
N PHE A 52 0.38 15.10 -5.98
CA PHE A 52 0.35 15.23 -4.53
C PHE A 52 1.23 16.40 -4.08
N SER A 53 0.65 17.26 -3.24
CA SER A 53 1.38 18.42 -2.74
C SER A 53 1.62 18.30 -1.24
N ASP A 54 1.14 17.21 -0.65
CA ASP A 54 1.31 16.96 0.77
C ASP A 54 1.41 15.47 1.06
N TRP A 55 2.51 15.06 1.69
CA TRP A 55 2.72 13.65 2.02
C TRP A 55 1.77 13.21 3.12
N ILE A 56 1.07 12.11 2.86
CA ILE A 56 0.12 11.57 3.83
C ILE A 56 0.27 10.06 3.97
N PRO A 57 0.28 9.58 5.22
CA PRO A 57 0.41 8.15 5.51
C PRO A 57 -0.84 7.36 5.11
N LEU A 58 -0.62 6.15 4.61
CA LEU A 58 -1.73 5.29 4.18
C LEU A 58 -2.47 4.73 5.38
N SER A 59 -1.82 4.78 6.55
CA SER A 59 -2.43 4.26 7.78
C SER A 59 -3.40 5.28 8.37
N GLU A 60 -3.54 6.41 7.69
CA GLU A 60 -4.45 7.46 8.14
C GLU A 60 -5.61 7.64 7.17
N THR A 61 -5.41 7.20 5.93
CA THR A 61 -6.45 7.30 4.90
C THR A 61 -7.31 6.06 4.87
N ALA A 62 -8.63 6.25 4.95
CA ALA A 62 -9.57 5.13 4.93
C ALA A 62 -9.80 4.65 3.50
N GLU A 63 -9.18 5.34 2.54
CA GLU A 63 -9.33 4.97 1.14
C GLU A 63 -8.27 3.94 0.73
N LEU A 64 -7.54 3.43 1.72
CA LEU A 64 -6.50 2.45 1.46
C LEU A 64 -6.87 1.09 2.07
N ALA A 65 -7.81 1.12 3.02
CA ALA A 65 -8.25 -0.11 3.67
C ALA A 65 -9.17 -0.91 2.76
N SER A 66 -9.79 -0.24 1.80
CA SER A 66 -10.70 -0.89 0.87
C SER A 66 -9.93 -1.46 -0.32
N VAL A 67 -8.78 -0.87 -0.62
CA VAL A 67 -7.95 -1.32 -1.73
C VAL A 67 -6.85 -2.26 -1.25
N LEU A 68 -6.17 -1.88 -0.17
CA LEU A 68 -5.10 -2.69 0.39
C LEU A 68 -5.59 -3.48 1.59
N ALA A 69 -5.80 -4.78 1.39
CA ALA A 69 -6.27 -5.66 2.45
C ALA A 69 -5.12 -6.50 3.01
N PRO A 70 -5.29 -6.98 4.24
CA PRO A 70 -4.28 -7.81 4.92
C PRO A 70 -4.14 -9.18 4.29
N ARG A 71 -3.09 -9.91 4.66
CA ARG A 71 -2.85 -11.24 4.13
C ARG A 71 -3.97 -12.19 4.53
N PRO A 72 -4.44 -13.00 3.56
CA PRO A 72 -5.51 -13.96 3.79
C PRO A 72 -5.07 -15.13 4.67
N SER A 73 -6.04 -15.87 5.19
CA SER A 73 -5.76 -17.01 6.05
C SER A 73 -6.32 -18.30 5.46
N LYS A 74 -5.45 -19.05 4.77
CA LYS A 74 -5.85 -20.29 4.15
C LYS A 74 -4.80 -21.38 4.40
N PRO A 75 -4.97 -22.12 5.49
CA PRO A 75 -4.05 -23.20 5.87
C PRO A 75 -4.15 -24.40 4.92
N VAL A 76 -2.99 -24.94 4.53
CA VAL A 76 -2.95 -26.09 3.63
C VAL A 76 -3.15 -27.39 4.39
N ILE A 77 -4.01 -28.26 3.86
CA ILE A 77 -4.30 -29.54 4.49
C ILE A 77 -4.46 -30.64 3.45
N VAL A 78 -3.82 -31.78 3.69
CA VAL A 78 -3.88 -32.91 2.78
C VAL A 78 -5.32 -33.40 2.63
N ALA A 79 -5.64 -33.92 1.44
CA ALA A 79 -6.98 -34.42 1.16
C ALA A 79 -7.02 -35.95 1.26
N PRO A 80 -8.23 -36.49 1.43
CA PRO A 80 -8.44 -37.94 1.55
C PRO A 80 -8.18 -38.67 0.23
N GLU A 81 -8.54 -38.03 -0.87
CA GLU A 81 -8.35 -38.63 -2.19
C GLU A 81 -7.21 -37.93 -2.93
N PRO A 82 -6.05 -38.57 -2.95
CA PRO A 82 -4.86 -38.03 -3.62
C PRO A 82 -4.99 -38.05 -5.14
N VAL A 83 -4.10 -37.34 -5.82
CA VAL A 83 -4.12 -37.28 -7.28
C VAL A 83 -3.21 -38.34 -7.89
N SER A 84 -2.80 -39.30 -7.06
CA SER A 84 -1.92 -40.38 -7.53
C SER A 84 -2.53 -41.74 -7.23
N GLY A 85 -3.11 -42.35 -8.27
CA GLY A 85 -3.73 -43.66 -8.11
C GLY A 85 -3.46 -44.58 -9.28
N MET A 1 -14.20 1.47 -31.48
CA MET A 1 -13.81 1.12 -30.12
C MET A 1 -12.56 1.88 -29.69
N ASP A 2 -12.62 2.51 -28.52
CA ASP A 2 -11.49 3.27 -28.01
C ASP A 2 -11.11 2.79 -26.61
N LYS A 3 -11.24 1.49 -26.38
CA LYS A 3 -10.91 0.91 -25.09
C LYS A 3 -9.50 0.31 -25.09
N GLU A 4 -9.15 -0.41 -24.03
CA GLU A 4 -7.84 -1.02 -23.93
C GLU A 4 -7.89 -2.23 -22.98
N GLU A 5 -6.92 -3.13 -23.15
CA GLU A 5 -6.85 -4.33 -22.32
C GLU A 5 -5.53 -4.39 -21.56
N ALA A 6 -4.47 -3.93 -22.21
CA ALA A 6 -3.14 -3.92 -21.59
C ALA A 6 -2.86 -2.60 -20.90
N LYS A 7 -3.81 -1.67 -20.99
CA LYS A 7 -3.66 -0.35 -20.38
C LYS A 7 -4.62 -0.20 -19.20
N ALA A 8 -5.18 -1.31 -18.74
CA ALA A 8 -6.11 -1.29 -17.62
C ALA A 8 -5.56 -0.49 -16.45
N ASN A 9 -6.39 0.38 -15.88
CA ASN A 9 -5.97 1.21 -14.75
C ASN A 9 -5.68 0.34 -13.52
N ALA A 10 -6.21 -0.88 -13.53
CA ALA A 10 -6.00 -1.79 -12.41
C ALA A 10 -4.53 -1.90 -12.05
N ALA A 11 -3.67 -1.80 -13.04
CA ALA A 11 -2.23 -1.88 -12.83
C ALA A 11 -1.49 -0.78 -13.60
N ALA A 12 -2.12 0.39 -13.71
CA ALA A 12 -1.52 1.50 -14.43
C ALA A 12 -1.41 2.73 -13.53
N HIS A 13 -1.40 2.50 -12.22
CA HIS A 13 -1.29 3.59 -11.26
C HIS A 13 0.17 3.90 -10.94
N GLU A 14 0.45 5.16 -10.64
CA GLU A 14 1.80 5.59 -10.31
C GLU A 14 1.82 6.49 -9.08
N TRP A 15 2.35 5.97 -7.98
CA TRP A 15 2.42 6.73 -6.74
C TRP A 15 3.63 6.30 -5.91
N TYR A 16 4.41 7.28 -5.47
CA TYR A 16 5.61 7.01 -4.67
C TYR A 16 5.23 6.78 -3.21
N VAL A 17 6.22 6.36 -2.41
CA VAL A 17 5.99 6.11 -1.00
C VAL A 17 7.21 6.51 -0.17
N ALA A 18 6.97 7.06 1.01
CA ALA A 18 8.04 7.48 1.90
C ALA A 18 8.53 6.32 2.76
N ILE A 19 9.64 5.72 2.34
CA ILE A 19 10.21 4.59 3.08
C ILE A 19 11.64 4.91 3.53
N ASP A 20 11.90 4.71 4.81
CA ASP A 20 13.23 4.96 5.37
C ASP A 20 13.66 6.40 5.10
N GLU A 21 12.69 7.31 5.04
CA GLU A 21 12.98 8.71 4.79
C GLU A 21 13.45 8.93 3.35
N LYS A 22 13.35 7.88 2.53
CA LYS A 22 13.76 7.95 1.14
C LYS A 22 12.60 7.59 0.21
N GLN A 23 12.53 8.28 -0.92
CA GLN A 23 11.47 8.04 -1.90
C GLN A 23 11.69 6.72 -2.62
N VAL A 24 10.60 5.99 -2.87
CA VAL A 24 10.69 4.71 -3.55
C VAL A 24 10.27 4.84 -5.02
N GLY A 25 10.37 3.74 -5.76
CA GLY A 25 9.99 3.75 -7.16
C GLY A 25 8.50 3.81 -7.36
N PRO A 26 8.08 3.95 -8.63
CA PRO A 26 6.66 4.02 -8.99
C PRO A 26 5.94 2.68 -8.79
N PHE A 27 4.90 2.69 -7.97
CA PHE A 27 4.13 1.48 -7.69
C PHE A 27 2.72 1.58 -8.27
N ASN A 28 1.99 0.48 -8.24
CA ASN A 28 0.63 0.45 -8.76
C ASN A 28 -0.30 -0.32 -7.83
N VAL A 29 -1.59 -0.01 -7.90
CA VAL A 29 -2.58 -0.67 -7.05
C VAL A 29 -2.53 -2.19 -7.24
N GLU A 30 -2.04 -2.63 -8.39
CA GLU A 30 -1.93 -4.05 -8.68
C GLU A 30 -0.68 -4.65 -8.04
N LYS A 31 0.34 -3.82 -7.86
CA LYS A 31 1.59 -4.26 -7.26
C LYS A 31 1.54 -4.13 -5.74
N VAL A 32 1.20 -2.93 -5.27
CA VAL A 32 1.12 -2.67 -3.84
C VAL A 32 0.17 -3.64 -3.16
N LYS A 33 -0.98 -3.86 -3.78
CA LYS A 33 -1.99 -4.77 -3.24
C LYS A 33 -1.35 -6.07 -2.77
N ASP A 34 -0.33 -6.51 -3.49
CA ASP A 34 0.37 -7.75 -3.16
C ASP A 34 1.43 -7.49 -2.09
N LEU A 35 2.11 -6.35 -2.20
CA LEU A 35 3.16 -5.98 -1.25
C LEU A 35 2.56 -5.72 0.13
N TRP A 36 1.69 -4.73 0.21
CA TRP A 36 1.05 -4.37 1.48
C TRP A 36 0.43 -5.60 2.13
N ASP A 37 -0.12 -6.50 1.31
CA ASP A 37 -0.75 -7.71 1.81
C ASP A 37 0.21 -8.49 2.71
N ARG A 38 1.46 -8.61 2.25
CA ARG A 38 2.47 -9.33 3.01
C ARG A 38 3.26 -8.39 3.92
N GLY A 39 3.08 -7.09 3.70
CA GLY A 39 3.78 -6.10 4.50
C GLY A 39 5.10 -5.69 3.89
N GLU A 40 5.13 -5.55 2.57
CA GLU A 40 6.35 -5.17 1.87
C GLU A 40 6.47 -3.64 1.80
N VAL A 41 5.33 -2.97 1.69
CA VAL A 41 5.31 -1.52 1.61
C VAL A 41 5.21 -0.89 2.99
N GLY A 42 5.05 0.43 3.03
CA GLY A 42 4.95 1.13 4.30
C GLY A 42 3.53 1.53 4.63
N PRO A 43 2.88 0.77 5.53
CA PRO A 43 1.50 1.03 5.94
C PRO A 43 1.38 2.30 6.78
N ASP A 44 2.35 2.51 7.67
CA ASP A 44 2.35 3.69 8.53
C ASP A 44 3.19 4.81 7.93
N SER A 45 3.93 4.48 6.86
CA SER A 45 4.78 5.45 6.19
C SER A 45 3.96 6.33 5.24
N LEU A 46 4.41 7.57 5.04
CA LEU A 46 3.72 8.50 4.16
C LEU A 46 3.73 7.98 2.72
N CYS A 47 2.75 8.43 1.94
CA CYS A 47 2.62 8.02 0.55
C CYS A 47 2.44 9.23 -0.36
N TRP A 48 3.16 9.24 -1.48
CA TRP A 48 3.07 10.33 -2.44
C TRP A 48 2.51 9.85 -3.78
N ARG A 49 2.37 10.77 -4.71
CA ARG A 49 1.84 10.45 -6.04
C ARG A 49 1.91 11.65 -6.97
N SER A 50 1.57 11.44 -8.24
CA SER A 50 1.59 12.50 -9.23
C SER A 50 0.56 13.58 -8.89
N GLY A 51 1.05 14.75 -8.48
CA GLY A 51 0.16 15.84 -8.13
C GLY A 51 0.10 16.08 -6.64
N PHE A 52 0.55 15.11 -5.86
CA PHE A 52 0.54 15.22 -4.40
C PHE A 52 1.34 16.43 -3.94
N SER A 53 0.75 17.22 -3.06
CA SER A 53 1.40 18.43 -2.55
C SER A 53 2.04 18.15 -1.20
N ASP A 54 1.49 17.18 -0.47
CA ASP A 54 2.01 16.81 0.84
C ASP A 54 2.09 15.30 0.99
N TRP A 55 2.52 14.85 2.17
CA TRP A 55 2.66 13.42 2.44
C TRP A 55 1.67 12.98 3.51
N ILE A 56 1.12 11.79 3.34
CA ILE A 56 0.16 11.25 4.31
C ILE A 56 0.29 9.73 4.42
N PRO A 57 0.43 9.23 5.65
CA PRO A 57 0.56 7.81 5.93
C PRO A 57 -0.73 7.05 5.67
N LEU A 58 -0.61 5.88 5.05
CA LEU A 58 -1.78 5.06 4.74
C LEU A 58 -2.54 4.69 6.01
N SER A 59 -1.84 4.75 7.14
CA SER A 59 -2.45 4.42 8.43
C SER A 59 -3.32 5.57 8.93
N GLU A 60 -3.35 6.66 8.16
CA GLU A 60 -4.14 7.83 8.52
C GLU A 60 -5.40 7.92 7.68
N THR A 61 -5.33 7.40 6.46
CA THR A 61 -6.47 7.43 5.55
C THR A 61 -7.02 6.02 5.33
N ALA A 62 -8.33 5.88 5.50
CA ALA A 62 -8.99 4.59 5.32
C ALA A 62 -9.23 4.29 3.84
N GLU A 63 -9.08 5.32 3.00
CA GLU A 63 -9.29 5.18 1.57
C GLU A 63 -8.31 4.17 0.99
N LEU A 64 -7.23 3.90 1.71
CA LEU A 64 -6.22 2.95 1.27
C LEU A 64 -6.55 1.54 1.72
N ALA A 65 -7.45 1.43 2.71
CA ALA A 65 -7.85 0.13 3.23
C ALA A 65 -8.80 -0.58 2.26
N SER A 66 -9.70 0.19 1.67
CA SER A 66 -10.67 -0.37 0.71
C SER A 66 -9.95 -0.97 -0.50
N VAL A 67 -8.70 -0.58 -0.68
CA VAL A 67 -7.90 -1.07 -1.80
C VAL A 67 -6.86 -2.08 -1.34
N LEU A 68 -6.16 -1.75 -0.25
CA LEU A 68 -5.14 -2.63 0.29
C LEU A 68 -5.69 -3.42 1.48
N ALA A 69 -5.97 -4.70 1.25
CA ALA A 69 -6.49 -5.57 2.31
C ALA A 69 -5.39 -6.45 2.88
N PRO A 70 -5.08 -6.24 4.17
CA PRO A 70 -4.04 -7.02 4.86
C PRO A 70 -4.46 -8.46 5.10
N ARG A 71 -3.48 -9.29 5.47
CA ARG A 71 -3.75 -10.71 5.73
C ARG A 71 -4.53 -10.89 7.03
N PRO A 72 -5.55 -11.76 7.00
CA PRO A 72 -6.39 -12.04 8.16
C PRO A 72 -5.63 -12.82 9.24
N SER A 73 -5.62 -12.27 10.46
CA SER A 73 -4.93 -12.91 11.58
C SER A 73 -5.78 -12.85 12.84
N LYS A 74 -5.49 -13.73 13.78
CA LYS A 74 -6.22 -13.78 15.05
C LYS A 74 -5.39 -13.18 16.18
N PRO A 75 -6.07 -12.72 17.23
CA PRO A 75 -5.42 -12.12 18.40
C PRO A 75 -4.66 -13.15 19.23
N VAL A 76 -3.77 -12.66 20.09
CA VAL A 76 -2.97 -13.54 20.95
C VAL A 76 -3.03 -13.09 22.40
N ILE A 77 -3.48 -13.97 23.28
CA ILE A 77 -3.58 -13.66 24.69
C ILE A 77 -3.07 -14.82 25.55
N VAL A 78 -2.23 -14.51 26.53
CA VAL A 78 -1.68 -15.53 27.41
C VAL A 78 -2.79 -16.24 28.19
N ALA A 79 -2.49 -17.45 28.66
CA ALA A 79 -3.46 -18.23 29.41
C ALA A 79 -3.83 -17.54 30.72
N PRO A 80 -4.98 -17.93 31.29
CA PRO A 80 -5.46 -17.36 32.55
C PRO A 80 -4.61 -17.77 33.75
N GLU A 81 -3.74 -18.75 33.53
CA GLU A 81 -2.86 -19.23 34.60
C GLU A 81 -2.12 -18.07 35.26
N PRO A 82 -1.71 -18.27 36.52
CA PRO A 82 -0.98 -17.25 37.29
C PRO A 82 0.43 -17.05 36.76
N VAL A 83 1.08 -15.98 37.23
CA VAL A 83 2.44 -15.67 36.80
C VAL A 83 3.42 -15.79 37.97
N SER A 84 2.90 -15.61 39.19
CA SER A 84 3.73 -15.69 40.38
C SER A 84 3.88 -17.13 40.84
N GLY A 85 5.03 -17.43 41.45
CA GLY A 85 5.28 -18.78 41.92
C GLY A 85 5.28 -18.87 43.44
N MET A 1 10.37 -7.34 -16.95
CA MET A 1 9.47 -6.31 -17.46
C MET A 1 8.99 -6.66 -18.87
N ASP A 2 7.94 -7.48 -18.95
CA ASP A 2 7.39 -7.89 -20.24
C ASP A 2 5.89 -7.60 -20.29
N LYS A 3 5.45 -6.58 -19.57
CA LYS A 3 4.05 -6.20 -19.54
C LYS A 3 3.89 -4.68 -19.55
N GLU A 4 2.73 -4.22 -20.00
CA GLU A 4 2.46 -2.79 -20.05
C GLU A 4 1.28 -2.42 -19.16
N GLU A 5 1.32 -1.23 -18.58
CA GLU A 5 0.25 -0.76 -17.71
C GLU A 5 -0.85 -0.07 -18.50
N ALA A 6 -0.44 0.63 -19.56
CA ALA A 6 -1.40 1.34 -20.41
C ALA A 6 -2.50 0.40 -20.90
N LYS A 7 -2.20 -0.89 -20.96
CA LYS A 7 -3.16 -1.88 -21.42
C LYS A 7 -4.27 -2.05 -20.39
N ALA A 8 -3.90 -2.40 -19.16
CA ALA A 8 -4.86 -2.59 -18.08
C ALA A 8 -4.83 -1.43 -17.10
N ASN A 9 -5.97 -0.75 -16.95
CA ASN A 9 -6.07 0.38 -16.04
C ASN A 9 -5.93 -0.08 -14.59
N ALA A 10 -6.28 -1.33 -14.33
CA ALA A 10 -6.18 -1.88 -12.99
C ALA A 10 -4.80 -1.66 -12.39
N ALA A 11 -3.78 -1.67 -13.26
CA ALA A 11 -2.41 -1.47 -12.81
C ALA A 11 -1.80 -0.23 -13.47
N ALA A 12 -2.65 0.75 -13.77
CA ALA A 12 -2.18 1.98 -14.40
C ALA A 12 -2.07 3.11 -13.39
N HIS A 13 -1.76 2.75 -12.15
CA HIS A 13 -1.61 3.74 -11.08
C HIS A 13 -0.14 4.01 -10.79
N GLU A 14 0.18 5.28 -10.51
CA GLU A 14 1.54 5.68 -10.22
C GLU A 14 1.61 6.52 -8.95
N TRP A 15 2.17 5.94 -7.89
CA TRP A 15 2.30 6.64 -6.62
C TRP A 15 3.48 6.10 -5.82
N TYR A 16 4.34 7.00 -5.38
CA TYR A 16 5.52 6.62 -4.60
C TYR A 16 5.19 6.52 -3.12
N VAL A 17 6.17 6.11 -2.33
CA VAL A 17 5.98 5.97 -0.89
C VAL A 17 7.25 6.35 -0.13
N ALA A 18 7.07 6.94 1.05
CA ALA A 18 8.19 7.36 1.87
C ALA A 18 8.71 6.20 2.72
N ILE A 19 9.78 5.55 2.26
CA ILE A 19 10.36 4.44 2.99
C ILE A 19 11.82 4.72 3.37
N ASP A 20 12.13 4.52 4.64
CA ASP A 20 13.48 4.76 5.13
C ASP A 20 13.92 6.19 4.87
N GLU A 21 12.96 7.10 4.85
CA GLU A 21 13.24 8.51 4.60
C GLU A 21 13.64 8.74 3.15
N LYS A 22 13.49 7.71 2.33
CA LYS A 22 13.85 7.80 0.92
C LYS A 22 12.66 7.41 0.04
N GLN A 23 12.48 8.16 -1.05
CA GLN A 23 11.38 7.89 -1.97
C GLN A 23 11.59 6.57 -2.71
N VAL A 24 10.50 5.85 -2.94
CA VAL A 24 10.57 4.57 -3.64
C VAL A 24 10.12 4.70 -5.08
N GLY A 25 10.23 3.61 -5.84
CA GLY A 25 9.82 3.63 -7.23
C GLY A 25 8.32 3.71 -7.40
N PRO A 26 7.87 3.86 -8.66
CA PRO A 26 6.44 3.95 -8.99
C PRO A 26 5.72 2.63 -8.78
N PHE A 27 4.69 2.65 -7.93
CA PHE A 27 3.91 1.46 -7.64
C PHE A 27 2.49 1.58 -8.20
N ASN A 28 1.75 0.49 -8.14
CA ASN A 28 0.37 0.48 -8.63
C ASN A 28 -0.54 -0.32 -7.71
N VAL A 29 -1.83 -0.02 -7.74
CA VAL A 29 -2.81 -0.70 -6.91
C VAL A 29 -2.74 -2.22 -7.11
N GLU A 30 -2.29 -2.62 -8.29
CA GLU A 30 -2.18 -4.05 -8.62
C GLU A 30 -0.91 -4.64 -8.01
N LYS A 31 0.10 -3.80 -7.80
CA LYS A 31 1.36 -4.24 -7.22
C LYS A 31 1.33 -4.12 -5.70
N VAL A 32 1.06 -2.90 -5.22
CA VAL A 32 1.01 -2.65 -3.79
C VAL A 32 0.10 -3.65 -3.09
N LYS A 33 -1.08 -3.88 -3.67
CA LYS A 33 -2.03 -4.83 -3.10
C LYS A 33 -1.35 -6.10 -2.64
N ASP A 34 -0.32 -6.51 -3.38
CA ASP A 34 0.43 -7.72 -3.04
C ASP A 34 1.51 -7.42 -2.01
N LEU A 35 2.21 -6.30 -2.19
CA LEU A 35 3.26 -5.90 -1.27
C LEU A 35 2.70 -5.64 0.13
N TRP A 36 1.78 -4.69 0.22
CA TRP A 36 1.17 -4.35 1.51
C TRP A 36 0.62 -5.60 2.20
N ASP A 37 0.12 -6.54 1.40
CA ASP A 37 -0.44 -7.78 1.94
C ASP A 37 0.63 -8.56 2.70
N ARG A 38 1.82 -8.66 2.11
CA ARG A 38 2.93 -9.38 2.72
C ARG A 38 3.70 -8.49 3.67
N GLY A 39 3.46 -7.18 3.58
CA GLY A 39 4.14 -6.22 4.43
C GLY A 39 5.43 -5.71 3.81
N GLU A 40 5.37 -5.41 2.51
CA GLU A 40 6.54 -4.90 1.81
C GLU A 40 6.57 -3.37 1.82
N VAL A 41 5.39 -2.76 1.78
CA VAL A 41 5.28 -1.31 1.79
C VAL A 41 5.17 -0.78 3.22
N GLY A 42 4.91 0.52 3.35
CA GLY A 42 4.79 1.13 4.66
C GLY A 42 3.38 1.61 4.94
N PRO A 43 2.69 0.94 5.88
CA PRO A 43 1.33 1.29 6.27
C PRO A 43 1.26 2.61 7.03
N ASP A 44 2.22 2.81 7.92
CA ASP A 44 2.27 4.04 8.71
C ASP A 44 3.18 5.08 8.06
N SER A 45 3.68 4.75 6.88
CA SER A 45 4.57 5.65 6.15
C SER A 45 3.78 6.58 5.24
N LEU A 46 4.32 7.76 4.98
CA LEU A 46 3.67 8.74 4.13
C LEU A 46 3.75 8.32 2.66
N CYS A 47 2.60 8.27 2.00
CA CYS A 47 2.54 7.88 0.60
C CYS A 47 2.34 9.09 -0.30
N TRP A 48 3.09 9.14 -1.39
CA TRP A 48 3.00 10.26 -2.33
C TRP A 48 2.38 9.81 -3.66
N ARG A 49 2.37 10.71 -4.63
CA ARG A 49 1.82 10.41 -5.95
C ARG A 49 1.93 11.61 -6.87
N SER A 50 1.99 11.34 -8.18
CA SER A 50 2.10 12.40 -9.17
C SER A 50 1.01 13.45 -8.97
N GLY A 51 1.40 14.61 -8.44
CA GLY A 51 0.44 15.68 -8.21
C GLY A 51 0.25 15.97 -6.75
N PHE A 52 0.61 15.01 -5.90
CA PHE A 52 0.46 15.17 -4.45
C PHE A 52 1.15 16.46 -3.98
N SER A 53 0.45 17.23 -3.17
CA SER A 53 0.99 18.49 -2.65
C SER A 53 1.75 18.25 -1.36
N ASP A 54 1.39 17.19 -0.64
CA ASP A 54 2.04 16.85 0.62
C ASP A 54 2.08 15.34 0.82
N TRP A 55 2.62 14.92 1.97
CA TRP A 55 2.72 13.50 2.27
C TRP A 55 1.75 13.12 3.39
N ILE A 56 1.07 11.99 3.21
CA ILE A 56 0.10 11.52 4.20
C ILE A 56 0.17 10.00 4.35
N PRO A 57 0.22 9.53 5.61
CA PRO A 57 0.29 8.11 5.93
C PRO A 57 -1.01 7.37 5.59
N LEU A 58 -0.89 6.10 5.22
CA LEU A 58 -2.04 5.29 4.88
C LEU A 58 -2.95 5.08 6.09
N SER A 59 -2.32 4.89 7.26
CA SER A 59 -3.06 4.68 8.50
C SER A 59 -3.99 5.84 8.79
N GLU A 60 -3.74 6.97 8.12
CA GLU A 60 -4.56 8.16 8.30
C GLU A 60 -5.68 8.22 7.27
N THR A 61 -5.44 7.66 6.10
CA THR A 61 -6.43 7.65 5.03
C THR A 61 -7.02 6.26 4.85
N ALA A 62 -8.35 6.17 4.90
CA ALA A 62 -9.04 4.91 4.75
C ALA A 62 -9.17 4.52 3.27
N GLU A 63 -8.91 5.49 2.40
CA GLU A 63 -8.99 5.27 0.95
C GLU A 63 -7.95 4.25 0.50
N LEU A 64 -6.89 4.11 1.30
CA LEU A 64 -5.82 3.17 0.98
C LEU A 64 -6.12 1.79 1.55
N ALA A 65 -6.86 1.76 2.65
CA ALA A 65 -7.22 0.51 3.30
C ALA A 65 -8.23 -0.27 2.46
N SER A 66 -9.29 0.41 2.05
CA SER A 66 -10.34 -0.22 1.25
C SER A 66 -9.75 -0.92 0.04
N VAL A 67 -8.60 -0.44 -0.43
CA VAL A 67 -7.93 -1.02 -1.58
C VAL A 67 -6.93 -2.09 -1.15
N LEU A 68 -6.24 -1.83 -0.04
CA LEU A 68 -5.26 -2.78 0.48
C LEU A 68 -5.83 -3.58 1.64
N ALA A 69 -6.20 -4.83 1.36
CA ALA A 69 -6.76 -5.70 2.39
C ALA A 69 -5.78 -5.90 3.54
N PRO A 70 -6.17 -5.40 4.72
CA PRO A 70 -5.35 -5.50 5.94
C PRO A 70 -5.25 -6.93 6.46
N ARG A 71 -4.25 -7.18 7.29
CA ARG A 71 -4.05 -8.52 7.86
C ARG A 71 -3.84 -8.44 9.37
N PRO A 72 -4.03 -9.57 10.05
CA PRO A 72 -3.87 -9.65 11.51
C PRO A 72 -2.42 -9.54 11.94
N SER A 73 -2.13 -8.59 12.83
CA SER A 73 -0.78 -8.37 13.32
C SER A 73 -0.78 -8.14 14.82
N LYS A 74 0.38 -8.35 15.44
CA LYS A 74 0.52 -8.17 16.88
C LYS A 74 0.01 -6.79 17.30
N PRO A 75 -0.41 -6.68 18.57
CA PRO A 75 -0.93 -5.42 19.13
C PRO A 75 0.17 -4.37 19.29
N VAL A 76 -0.16 -3.13 18.97
CA VAL A 76 0.79 -2.03 19.09
C VAL A 76 1.39 -1.96 20.48
N ILE A 77 2.61 -1.44 20.58
CA ILE A 77 3.29 -1.32 21.86
C ILE A 77 4.00 0.02 21.98
N VAL A 78 4.27 0.44 23.22
CA VAL A 78 4.94 1.71 23.47
C VAL A 78 6.26 1.79 22.71
N ALA A 79 6.50 2.92 22.05
CA ALA A 79 7.73 3.12 21.29
C ALA A 79 8.95 2.85 22.16
N PRO A 80 10.10 2.61 21.51
CA PRO A 80 11.36 2.34 22.19
C PRO A 80 11.92 3.57 22.89
N GLU A 81 11.60 4.74 22.35
CA GLU A 81 12.07 6.00 22.94
C GLU A 81 11.73 6.07 24.42
N PRO A 82 12.75 6.30 25.26
CA PRO A 82 12.59 6.40 26.71
C PRO A 82 11.85 7.66 27.12
N VAL A 83 10.84 7.51 27.98
CA VAL A 83 10.05 8.64 28.44
C VAL A 83 10.17 8.81 29.95
N SER A 84 10.43 7.70 30.65
CA SER A 84 10.57 7.72 32.10
C SER A 84 11.95 7.24 32.52
N GLY A 85 12.51 7.87 33.55
CA GLY A 85 13.82 7.49 34.02
C GLY A 85 14.04 7.86 35.48
N MET A 1 2.39 15.29 -20.05
CA MET A 1 2.32 15.74 -21.44
C MET A 1 1.69 14.68 -22.33
N ASP A 2 2.36 13.53 -22.44
CA ASP A 2 1.85 12.43 -23.25
C ASP A 2 1.77 11.14 -22.43
N LYS A 3 1.65 11.29 -21.12
CA LYS A 3 1.56 10.14 -20.23
C LYS A 3 0.35 10.25 -19.31
N GLU A 4 -0.23 9.11 -18.96
CA GLU A 4 -1.40 9.09 -18.09
C GLU A 4 -1.13 8.24 -16.86
N GLU A 5 -1.50 8.76 -15.69
CA GLU A 5 -1.30 8.05 -14.43
C GLU A 5 -2.63 7.83 -13.71
N ALA A 6 -3.51 8.84 -13.77
CA ALA A 6 -4.80 8.77 -13.13
C ALA A 6 -5.77 7.90 -13.94
N LYS A 7 -5.32 7.46 -15.11
CA LYS A 7 -6.14 6.63 -15.99
C LYS A 7 -5.76 5.16 -15.85
N ALA A 8 -5.03 4.83 -14.78
CA ALA A 8 -4.60 3.46 -14.54
C ALA A 8 -5.76 2.49 -14.66
N ASN A 9 -5.56 1.42 -15.42
CA ASN A 9 -6.60 0.41 -15.62
C ASN A 9 -6.55 -0.65 -14.51
N ALA A 10 -5.45 -1.40 -14.48
CA ALA A 10 -5.28 -2.44 -13.47
C ALA A 10 -3.99 -2.25 -12.70
N ALA A 11 -2.90 -2.00 -13.42
CA ALA A 11 -1.60 -1.80 -12.80
C ALA A 11 -0.87 -0.61 -13.43
N ALA A 12 -1.63 0.28 -14.06
CA ALA A 12 -1.06 1.46 -14.70
C ALA A 12 -1.01 2.64 -13.73
N HIS A 13 -1.14 2.34 -12.44
CA HIS A 13 -1.11 3.38 -11.42
C HIS A 13 0.31 3.84 -11.15
N GLU A 14 0.45 5.07 -10.68
CA GLU A 14 1.77 5.63 -10.38
C GLU A 14 1.73 6.44 -9.09
N TRP A 15 2.39 5.93 -8.06
CA TRP A 15 2.44 6.61 -6.77
C TRP A 15 3.58 6.08 -5.92
N TYR A 16 4.45 6.97 -5.47
CA TYR A 16 5.60 6.60 -4.65
C TYR A 16 5.19 6.50 -3.18
N VAL A 17 6.15 6.13 -2.34
CA VAL A 17 5.90 6.00 -0.91
C VAL A 17 7.13 6.40 -0.10
N ALA A 18 6.91 6.91 1.11
CA ALA A 18 7.99 7.32 1.98
C ALA A 18 8.48 6.17 2.84
N ILE A 19 9.58 5.57 2.43
CA ILE A 19 10.16 4.44 3.17
C ILE A 19 11.65 4.65 3.42
N ASP A 20 12.09 4.33 4.63
CA ASP A 20 13.49 4.48 5.01
C ASP A 20 13.91 5.96 4.97
N GLU A 21 12.94 6.84 5.20
CA GLU A 21 13.21 8.27 5.20
C GLU A 21 13.58 8.75 3.80
N LYS A 22 13.02 8.09 2.79
CA LYS A 22 13.28 8.45 1.40
C LYS A 22 12.17 7.94 0.49
N GLN A 23 12.11 8.49 -0.73
CA GLN A 23 11.09 8.09 -1.70
C GLN A 23 11.43 6.75 -2.31
N VAL A 24 10.39 6.00 -2.70
CA VAL A 24 10.59 4.69 -3.31
C VAL A 24 10.27 4.74 -4.81
N GLY A 25 10.47 3.60 -5.48
CA GLY A 25 10.20 3.53 -6.90
C GLY A 25 8.72 3.60 -7.23
N PRO A 26 8.40 3.64 -8.52
CA PRO A 26 7.01 3.71 -9.00
C PRO A 26 6.25 2.41 -8.76
N PHE A 27 5.16 2.49 -8.02
CA PHE A 27 4.35 1.32 -7.72
C PHE A 27 2.95 1.45 -8.32
N ASN A 28 2.16 0.38 -8.22
CA ASN A 28 0.81 0.38 -8.76
C ASN A 28 -0.14 -0.38 -7.83
N VAL A 29 -1.43 -0.08 -7.94
CA VAL A 29 -2.44 -0.74 -7.12
C VAL A 29 -2.36 -2.25 -7.26
N GLU A 30 -1.86 -2.70 -8.39
CA GLU A 30 -1.73 -4.13 -8.66
C GLU A 30 -0.52 -4.72 -7.93
N LYS A 31 0.49 -3.89 -7.74
CA LYS A 31 1.71 -4.32 -7.05
C LYS A 31 1.60 -4.08 -5.54
N VAL A 32 1.38 -2.83 -5.16
CA VAL A 32 1.25 -2.47 -3.75
C VAL A 32 0.29 -3.41 -3.03
N LYS A 33 -0.87 -3.65 -3.65
CA LYS A 33 -1.87 -4.52 -3.06
C LYS A 33 -1.25 -5.80 -2.53
N ASP A 34 -0.26 -6.32 -3.25
CA ASP A 34 0.43 -7.54 -2.84
C ASP A 34 1.54 -7.22 -1.84
N LEU A 35 2.19 -6.08 -2.03
CA LEU A 35 3.27 -5.66 -1.13
C LEU A 35 2.75 -5.39 0.27
N TRP A 36 1.83 -4.43 0.38
CA TRP A 36 1.25 -4.08 1.67
C TRP A 36 0.61 -5.29 2.33
N ASP A 37 0.20 -6.26 1.51
CA ASP A 37 -0.42 -7.47 2.03
C ASP A 37 0.58 -8.31 2.82
N ARG A 38 1.79 -8.45 2.27
CA ARG A 38 2.83 -9.23 2.93
C ARG A 38 3.68 -8.34 3.84
N GLY A 39 3.52 -7.02 3.70
CA GLY A 39 4.27 -6.10 4.51
C GLY A 39 5.55 -5.64 3.83
N GLU A 40 5.45 -5.33 2.55
CA GLU A 40 6.61 -4.88 1.78
C GLU A 40 6.71 -3.35 1.78
N VAL A 41 5.55 -2.70 1.69
CA VAL A 41 5.50 -1.24 1.67
C VAL A 41 5.36 -0.69 3.09
N GLY A 42 5.12 0.62 3.18
CA GLY A 42 4.96 1.25 4.49
C GLY A 42 3.53 1.64 4.77
N PRO A 43 2.86 0.87 5.63
CA PRO A 43 1.46 1.12 6.00
C PRO A 43 1.31 2.36 6.86
N ASP A 44 2.25 2.56 7.78
CA ASP A 44 2.22 3.71 8.66
C ASP A 44 3.02 4.86 8.09
N SER A 45 3.77 4.59 7.02
CA SER A 45 4.60 5.60 6.37
C SER A 45 3.75 6.45 5.41
N LEU A 46 4.26 7.63 5.09
CA LEU A 46 3.57 8.53 4.18
C LEU A 46 3.59 8.00 2.75
N CYS A 47 2.60 8.39 1.95
CA CYS A 47 2.50 7.95 0.57
C CYS A 47 2.39 9.13 -0.38
N TRP A 48 3.12 9.09 -1.48
CA TRP A 48 3.11 10.16 -2.46
C TRP A 48 2.66 9.65 -3.82
N ARG A 49 2.49 10.56 -4.78
CA ARG A 49 2.08 10.19 -6.12
C ARG A 49 2.09 11.42 -7.04
N SER A 50 2.13 11.16 -8.35
CA SER A 50 2.15 12.23 -9.33
C SER A 50 0.99 13.21 -9.11
N GLY A 51 1.32 14.39 -8.62
CA GLY A 51 0.29 15.39 -8.36
C GLY A 51 0.15 15.72 -6.89
N PHE A 52 0.55 14.77 -6.04
CA PHE A 52 0.46 14.96 -4.60
C PHE A 52 1.17 16.23 -4.17
N SER A 53 0.51 17.03 -3.33
CA SER A 53 1.09 18.29 -2.86
C SER A 53 1.78 18.08 -1.51
N ASP A 54 1.38 17.04 -0.80
CA ASP A 54 1.96 16.73 0.50
C ASP A 54 2.04 15.23 0.73
N TRP A 55 2.54 14.83 1.90
CA TRP A 55 2.66 13.42 2.22
C TRP A 55 1.69 13.03 3.32
N ILE A 56 1.02 11.89 3.15
CA ILE A 56 0.05 11.41 4.13
C ILE A 56 0.17 9.90 4.32
N PRO A 57 0.17 9.46 5.59
CA PRO A 57 0.26 8.03 5.93
C PRO A 57 -0.99 7.26 5.56
N LEU A 58 -0.80 6.01 5.14
CA LEU A 58 -1.92 5.16 4.75
C LEU A 58 -2.67 4.66 5.98
N SER A 59 -2.01 4.71 7.12
CA SER A 59 -2.61 4.25 8.37
C SER A 59 -3.58 5.30 8.93
N GLU A 60 -3.66 6.43 8.24
CA GLU A 60 -4.55 7.51 8.66
C GLU A 60 -5.64 7.76 7.62
N THR A 61 -5.40 7.30 6.40
CA THR A 61 -6.36 7.47 5.32
C THR A 61 -7.13 6.18 5.07
N ALA A 62 -8.46 6.28 5.06
CA ALA A 62 -9.31 5.12 4.83
C ALA A 62 -9.43 4.82 3.34
N GLU A 63 -8.97 5.76 2.51
CA GLU A 63 -9.04 5.59 1.07
C GLU A 63 -8.07 4.51 0.60
N LEU A 64 -7.19 4.08 1.50
CA LEU A 64 -6.22 3.04 1.18
C LEU A 64 -6.68 1.69 1.71
N ALA A 65 -7.61 1.71 2.66
CA ALA A 65 -8.13 0.49 3.25
C ALA A 65 -9.09 -0.22 2.30
N SER A 66 -9.68 0.55 1.39
CA SER A 66 -10.63 -0.01 0.42
C SER A 66 -9.88 -0.62 -0.77
N VAL A 67 -8.60 -0.28 -0.89
CA VAL A 67 -7.78 -0.80 -1.98
C VAL A 67 -6.81 -1.86 -1.47
N LEU A 68 -6.15 -1.57 -0.35
CA LEU A 68 -5.20 -2.50 0.24
C LEU A 68 -5.83 -3.27 1.39
N ALA A 69 -6.17 -4.52 1.13
CA ALA A 69 -6.79 -5.38 2.15
C ALA A 69 -5.73 -5.94 3.09
N PRO A 70 -5.83 -5.59 4.38
CA PRO A 70 -4.90 -6.05 5.41
C PRO A 70 -5.05 -7.53 5.71
N ARG A 71 -4.09 -8.10 6.43
CA ARG A 71 -4.12 -9.51 6.78
C ARG A 71 -5.47 -9.90 7.36
N PRO A 72 -5.77 -11.20 7.36
CA PRO A 72 -7.04 -11.73 7.88
C PRO A 72 -7.13 -11.62 9.39
N SER A 73 -8.20 -10.98 9.86
CA SER A 73 -8.41 -10.80 11.30
C SER A 73 -9.83 -11.22 11.68
N LYS A 74 -10.02 -11.50 12.98
CA LYS A 74 -11.33 -11.90 13.48
C LYS A 74 -12.41 -10.94 13.03
N PRO A 75 -13.68 -11.40 13.07
CA PRO A 75 -14.83 -10.59 12.67
C PRO A 75 -15.10 -9.45 13.64
N VAL A 76 -15.27 -8.25 13.10
CA VAL A 76 -15.55 -7.07 13.91
C VAL A 76 -16.99 -6.60 13.73
N ILE A 77 -17.62 -6.22 14.83
CA ILE A 77 -19.00 -5.73 14.78
C ILE A 77 -19.15 -4.43 15.55
N VAL A 78 -19.51 -3.37 14.84
CA VAL A 78 -19.69 -2.06 15.46
C VAL A 78 -21.17 -1.69 15.54
N ALA A 79 -21.49 -0.78 16.45
CA ALA A 79 -22.88 -0.34 16.63
C ALA A 79 -23.09 1.05 16.03
N PRO A 80 -23.62 1.09 14.80
CA PRO A 80 -23.88 2.34 14.09
C PRO A 80 -25.03 3.12 14.71
N GLU A 81 -26.08 2.41 15.11
CA GLU A 81 -27.24 3.04 15.71
C GLU A 81 -26.87 3.74 17.02
N PRO A 82 -27.40 4.95 17.21
CA PRO A 82 -27.13 5.75 18.42
C PRO A 82 -27.78 5.16 19.67
N VAL A 83 -27.39 5.65 20.83
CA VAL A 83 -27.92 5.17 22.10
C VAL A 83 -28.78 6.25 22.78
N SER A 84 -28.50 7.50 22.46
CA SER A 84 -29.23 8.62 23.05
C SER A 84 -30.72 8.47 22.79
N GLY A 85 -31.52 8.63 23.86
CA GLY A 85 -32.96 8.51 23.73
C GLY A 85 -33.61 8.09 25.03
N MET A 1 6.80 -8.39 -28.44
CA MET A 1 6.31 -7.06 -28.08
C MET A 1 4.80 -6.97 -28.30
N ASP A 2 4.09 -7.99 -27.83
CA ASP A 2 2.64 -8.03 -27.97
C ASP A 2 1.96 -8.25 -26.62
N LYS A 3 2.56 -7.70 -25.57
CA LYS A 3 2.04 -7.83 -24.22
C LYS A 3 2.12 -6.51 -23.46
N GLU A 4 1.17 -6.29 -22.56
CA GLU A 4 1.14 -5.06 -21.77
C GLU A 4 1.16 -5.37 -20.28
N GLU A 5 2.13 -4.82 -19.57
CA GLU A 5 2.26 -5.05 -18.13
C GLU A 5 2.21 -3.72 -17.37
N ALA A 6 2.67 -2.66 -18.01
CA ALA A 6 2.68 -1.34 -17.40
C ALA A 6 1.70 -0.40 -18.09
N LYS A 7 0.76 -0.99 -18.84
CA LYS A 7 -0.24 -0.21 -19.56
C LYS A 7 -1.63 -0.50 -19.04
N ALA A 8 -1.88 -1.77 -18.71
CA ALA A 8 -3.18 -2.18 -18.19
C ALA A 8 -3.62 -1.29 -17.03
N ASN A 9 -4.86 -0.84 -17.08
CA ASN A 9 -5.41 0.02 -16.03
C ASN A 9 -5.18 -0.60 -14.65
N ALA A 10 -5.29 -1.92 -14.58
CA ALA A 10 -5.10 -2.63 -13.32
C ALA A 10 -3.76 -2.26 -12.68
N ALA A 11 -2.73 -2.18 -13.51
CA ALA A 11 -1.40 -1.83 -13.01
C ALA A 11 -0.86 -0.58 -13.71
N ALA A 12 -1.76 0.37 -13.98
CA ALA A 12 -1.38 1.61 -14.65
C ALA A 12 -1.25 2.75 -13.65
N HIS A 13 -1.21 2.40 -12.36
CA HIS A 13 -1.10 3.40 -11.30
C HIS A 13 0.37 3.71 -11.00
N GLU A 14 0.68 4.99 -10.84
CA GLU A 14 2.05 5.42 -10.55
C GLU A 14 2.08 6.33 -9.33
N TRP A 15 2.65 5.84 -8.24
CA TRP A 15 2.76 6.62 -7.02
C TRP A 15 3.95 6.16 -6.17
N TYR A 16 4.61 7.11 -5.52
CA TYR A 16 5.77 6.80 -4.69
C TYR A 16 5.37 6.71 -3.23
N VAL A 17 6.33 6.37 -2.38
CA VAL A 17 6.09 6.24 -0.94
C VAL A 17 7.30 6.69 -0.13
N ALA A 18 7.07 6.97 1.15
CA ALA A 18 8.14 7.41 2.03
C ALA A 18 8.70 6.25 2.84
N ILE A 19 9.83 5.71 2.41
CA ILE A 19 10.46 4.59 3.10
C ILE A 19 11.95 4.83 3.30
N ASP A 20 12.43 4.59 4.51
CA ASP A 20 13.84 4.78 4.82
C ASP A 20 14.23 6.26 4.72
N GLU A 21 13.26 7.13 4.90
CA GLU A 21 13.49 8.58 4.82
C GLU A 21 13.86 8.98 3.39
N LYS A 22 13.27 8.30 2.42
CA LYS A 22 13.54 8.60 1.01
C LYS A 22 12.39 8.11 0.14
N GLN A 23 12.38 8.54 -1.13
CA GLN A 23 11.34 8.14 -2.06
C GLN A 23 11.57 6.72 -2.55
N VAL A 24 10.47 6.02 -2.84
CA VAL A 24 10.56 4.64 -3.31
C VAL A 24 10.32 4.57 -4.81
N GLY A 25 10.45 3.36 -5.36
CA GLY A 25 10.25 3.17 -6.79
C GLY A 25 8.80 3.28 -7.19
N PRO A 26 8.53 3.21 -8.50
CA PRO A 26 7.18 3.30 -9.05
C PRO A 26 6.35 2.06 -8.72
N PHE A 27 5.23 2.26 -8.04
CA PHE A 27 4.35 1.16 -7.67
C PHE A 27 2.96 1.36 -8.25
N ASN A 28 2.11 0.33 -8.14
CA ASN A 28 0.75 0.40 -8.66
C ASN A 28 -0.23 -0.28 -7.70
N VAL A 29 -1.51 -0.02 -7.91
CA VAL A 29 -2.55 -0.60 -7.06
C VAL A 29 -2.56 -2.12 -7.16
N GLU A 30 -2.08 -2.64 -8.29
CA GLU A 30 -2.03 -4.08 -8.51
C GLU A 30 -0.80 -4.69 -7.85
N LYS A 31 0.24 -3.86 -7.69
CA LYS A 31 1.48 -4.32 -7.08
C LYS A 31 1.45 -4.12 -5.56
N VAL A 32 1.29 -2.87 -5.14
CA VAL A 32 1.23 -2.55 -3.72
C VAL A 32 0.24 -3.44 -2.99
N LYS A 33 -0.91 -3.68 -3.62
CA LYS A 33 -1.94 -4.51 -3.03
C LYS A 33 -1.36 -5.82 -2.51
N ASP A 34 -0.42 -6.38 -3.26
CA ASP A 34 0.22 -7.63 -2.88
C ASP A 34 1.37 -7.38 -1.89
N LEU A 35 1.95 -6.20 -1.96
CA LEU A 35 3.05 -5.82 -1.07
C LEU A 35 2.53 -5.55 0.34
N TRP A 36 1.68 -4.55 0.47
CA TRP A 36 1.12 -4.19 1.76
C TRP A 36 0.42 -5.39 2.41
N ASP A 37 0.00 -6.34 1.58
CA ASP A 37 -0.68 -7.54 2.07
C ASP A 37 0.28 -8.42 2.86
N ARG A 38 1.49 -8.60 2.34
CA ARG A 38 2.49 -9.42 2.98
C ARG A 38 3.40 -8.57 3.88
N GLY A 39 3.29 -7.25 3.74
CA GLY A 39 4.09 -6.36 4.53
C GLY A 39 5.38 -5.95 3.84
N GLU A 40 5.29 -5.66 2.54
CA GLU A 40 6.45 -5.28 1.76
C GLU A 40 6.61 -3.76 1.75
N VAL A 41 5.50 -3.05 1.63
CA VAL A 41 5.50 -1.60 1.60
C VAL A 41 5.36 -1.01 3.00
N GLY A 42 5.25 0.31 3.08
CA GLY A 42 5.11 0.97 4.37
C GLY A 42 3.69 1.42 4.64
N PRO A 43 2.98 0.69 5.51
CA PRO A 43 1.60 1.00 5.87
C PRO A 43 1.50 2.27 6.71
N ASP A 44 2.43 2.44 7.62
CA ASP A 44 2.45 3.61 8.50
C ASP A 44 3.22 4.76 7.85
N SER A 45 3.88 4.47 6.74
CA SER A 45 4.66 5.48 6.02
C SER A 45 3.76 6.32 5.12
N LEU A 46 4.23 7.52 4.80
CA LEU A 46 3.47 8.43 3.94
C LEU A 46 3.54 8.00 2.48
N CYS A 47 2.49 8.30 1.73
CA CYS A 47 2.43 7.95 0.32
C CYS A 47 2.29 9.20 -0.56
N TRP A 48 3.01 9.22 -1.68
CA TRP A 48 2.95 10.35 -2.59
C TRP A 48 2.62 9.88 -4.01
N ARG A 49 2.22 10.82 -4.86
CA ARG A 49 1.88 10.51 -6.24
C ARG A 49 1.62 11.79 -7.03
N SER A 50 1.59 11.66 -8.36
CA SER A 50 1.36 12.80 -9.24
C SER A 50 0.09 13.55 -8.83
N GLY A 51 0.26 14.74 -8.27
CA GLY A 51 -0.88 15.53 -7.85
C GLY A 51 -0.90 15.75 -6.34
N PHE A 52 0.03 15.10 -5.63
CA PHE A 52 0.10 15.22 -4.18
C PHE A 52 0.86 16.49 -3.78
N SER A 53 0.34 17.20 -2.79
CA SER A 53 0.97 18.42 -2.32
C SER A 53 1.50 18.26 -0.89
N ASP A 54 1.18 17.12 -0.30
CA ASP A 54 1.62 16.83 1.08
C ASP A 54 1.57 15.33 1.35
N TRP A 55 2.64 14.82 1.95
CA TRP A 55 2.72 13.40 2.27
C TRP A 55 1.72 13.02 3.37
N ILE A 56 1.18 11.81 3.29
CA ILE A 56 0.22 11.34 4.28
C ILE A 56 0.30 9.82 4.44
N PRO A 57 0.33 9.37 5.70
CA PRO A 57 0.40 7.94 6.02
C PRO A 57 -0.89 7.19 5.67
N LEU A 58 -0.75 5.93 5.28
CA LEU A 58 -1.90 5.12 4.92
C LEU A 58 -2.65 4.65 6.16
N SER A 59 -1.97 4.68 7.31
CA SER A 59 -2.57 4.26 8.56
C SER A 59 -3.48 5.35 9.12
N GLU A 60 -3.54 6.48 8.42
CA GLU A 60 -4.38 7.59 8.85
C GLU A 60 -5.48 7.86 7.83
N THR A 61 -5.31 7.32 6.62
CA THR A 61 -6.30 7.51 5.56
C THR A 61 -7.05 6.22 5.29
N ALA A 62 -8.39 6.30 5.31
CA ALA A 62 -9.23 5.14 5.07
C ALA A 62 -9.37 4.86 3.57
N GLU A 63 -8.95 5.83 2.76
CA GLU A 63 -9.02 5.69 1.31
C GLU A 63 -8.09 4.59 0.82
N LEU A 64 -7.19 4.15 1.69
CA LEU A 64 -6.24 3.10 1.35
C LEU A 64 -6.71 1.75 1.85
N ALA A 65 -7.69 1.77 2.75
CA ALA A 65 -8.24 0.54 3.30
C ALA A 65 -9.14 -0.17 2.29
N SER A 66 -9.75 0.61 1.42
CA SER A 66 -10.65 0.07 0.39
C SER A 66 -9.85 -0.53 -0.75
N VAL A 67 -8.61 -0.09 -0.90
CA VAL A 67 -7.74 -0.58 -1.97
C VAL A 67 -6.81 -1.67 -1.46
N LEU A 68 -6.17 -1.41 -0.31
CA LEU A 68 -5.26 -2.38 0.28
C LEU A 68 -5.93 -3.15 1.42
N ALA A 69 -6.32 -4.38 1.14
CA ALA A 69 -6.98 -5.22 2.14
C ALA A 69 -5.98 -5.73 3.17
N PRO A 70 -6.18 -5.32 4.43
CA PRO A 70 -5.30 -5.73 5.54
C PRO A 70 -5.45 -7.21 5.88
N ARG A 71 -4.51 -7.72 6.69
CA ARG A 71 -4.54 -9.12 7.10
C ARG A 71 -5.70 -9.39 8.05
N PRO A 72 -6.07 -10.67 8.18
CA PRO A 72 -7.16 -11.09 9.07
C PRO A 72 -6.80 -10.94 10.54
N SER A 73 -7.79 -11.15 11.42
CA SER A 73 -7.57 -11.04 12.85
C SER A 73 -6.48 -11.99 13.32
N LYS A 74 -5.33 -11.44 13.67
CA LYS A 74 -4.21 -12.25 14.13
C LYS A 74 -3.55 -11.62 15.36
N PRO A 75 -2.90 -12.47 16.17
CA PRO A 75 -2.22 -12.02 17.39
C PRO A 75 -0.98 -11.18 17.10
N VAL A 76 -0.87 -10.03 17.75
CA VAL A 76 0.26 -9.14 17.55
C VAL A 76 1.26 -9.27 18.69
N ILE A 77 2.55 -9.28 18.35
CA ILE A 77 3.61 -9.41 19.34
C ILE A 77 4.84 -8.60 18.93
N VAL A 78 5.50 -7.99 19.91
CA VAL A 78 6.69 -7.20 19.66
C VAL A 78 7.80 -8.05 19.06
N ALA A 79 8.63 -7.43 18.23
CA ALA A 79 9.74 -8.12 17.59
C ALA A 79 11.06 -7.79 18.26
N PRO A 80 12.07 -8.65 18.06
CA PRO A 80 13.40 -8.46 18.64
C PRO A 80 14.14 -7.28 18.04
N GLU A 81 13.65 -6.79 16.91
CA GLU A 81 14.28 -5.67 16.22
C GLU A 81 14.40 -4.47 17.16
N PRO A 82 15.35 -3.58 16.85
CA PRO A 82 15.60 -2.37 17.65
C PRO A 82 14.47 -1.35 17.52
N VAL A 83 14.47 -0.38 18.43
CA VAL A 83 13.44 0.65 18.42
C VAL A 83 13.94 1.91 17.73
N SER A 84 15.26 2.11 17.73
CA SER A 84 15.87 3.27 17.11
C SER A 84 16.48 2.92 15.76
N GLY A 85 16.45 3.87 14.84
CA GLY A 85 17.01 3.63 13.51
C GLY A 85 18.49 3.26 13.56
N MET A 1 2.29 -12.62 -28.88
CA MET A 1 1.91 -11.23 -29.11
C MET A 1 0.40 -11.09 -29.26
N ASP A 2 -0.34 -11.88 -28.50
CA ASP A 2 -1.80 -11.85 -28.55
C ASP A 2 -2.39 -11.48 -27.19
N LYS A 3 -1.66 -10.66 -26.44
CA LYS A 3 -2.11 -10.24 -25.11
C LYS A 3 -1.48 -8.91 -24.73
N GLU A 4 -1.97 -8.30 -23.66
CA GLU A 4 -1.45 -7.02 -23.19
C GLU A 4 -1.05 -7.10 -21.72
N GLU A 5 0.03 -6.42 -21.37
CA GLU A 5 0.53 -6.42 -20.00
C GLU A 5 0.59 -5.00 -19.45
N ALA A 6 0.95 -4.05 -20.31
CA ALA A 6 1.06 -2.65 -19.91
C ALA A 6 -0.25 -1.90 -20.20
N LYS A 7 -0.91 -2.29 -21.28
CA LYS A 7 -2.16 -1.66 -21.68
C LYS A 7 -3.17 -1.70 -20.54
N ALA A 8 -3.11 -2.75 -19.74
CA ALA A 8 -4.02 -2.91 -18.60
C ALA A 8 -4.01 -1.66 -17.72
N ASN A 9 -5.20 -1.12 -17.48
CA ASN A 9 -5.33 0.08 -16.64
C ASN A 9 -5.21 -0.28 -15.16
N ALA A 10 -5.55 -1.52 -14.83
CA ALA A 10 -5.48 -1.98 -13.44
C ALA A 10 -4.11 -1.69 -12.83
N ALA A 11 -3.08 -1.68 -13.68
CA ALA A 11 -1.73 -1.42 -13.22
C ALA A 11 -1.19 -0.12 -13.81
N ALA A 12 -2.10 0.79 -14.14
CA ALA A 12 -1.72 2.08 -14.71
C ALA A 12 -1.61 3.14 -13.64
N HIS A 13 -1.33 2.72 -12.41
CA HIS A 13 -1.19 3.64 -11.29
C HIS A 13 0.28 3.88 -10.94
N GLU A 14 0.61 5.14 -10.66
CA GLU A 14 1.98 5.50 -10.31
C GLU A 14 2.02 6.40 -9.08
N TRP A 15 2.58 5.87 -7.99
CA TRP A 15 2.68 6.63 -6.75
C TRP A 15 3.86 6.15 -5.91
N TYR A 16 4.69 7.08 -5.47
CA TYR A 16 5.86 6.74 -4.66
C TYR A 16 5.47 6.59 -3.19
N VAL A 17 6.44 6.22 -2.36
CA VAL A 17 6.20 6.04 -0.94
C VAL A 17 7.43 6.46 -0.12
N ALA A 18 7.19 6.96 1.08
CA ALA A 18 8.26 7.40 1.97
C ALA A 18 8.78 6.24 2.81
N ILE A 19 9.89 5.65 2.38
CA ILE A 19 10.50 4.54 3.09
C ILE A 19 11.93 4.86 3.51
N ASP A 20 12.22 4.67 4.79
CA ASP A 20 13.56 4.93 5.32
C ASP A 20 13.97 6.38 5.05
N GLU A 21 12.99 7.28 5.02
CA GLU A 21 13.25 8.69 4.79
C GLU A 21 13.62 8.93 3.32
N LYS A 22 13.54 7.88 2.52
CA LYS A 22 13.85 7.98 1.10
C LYS A 22 12.68 7.51 0.24
N GLN A 23 12.47 8.18 -0.89
CA GLN A 23 11.39 7.83 -1.79
C GLN A 23 11.62 6.46 -2.42
N VAL A 24 10.53 5.82 -2.83
CA VAL A 24 10.61 4.50 -3.45
C VAL A 24 10.28 4.56 -4.93
N GLY A 25 10.43 3.44 -5.62
CA GLY A 25 10.16 3.39 -7.05
C GLY A 25 8.68 3.48 -7.35
N PRO A 26 8.33 3.51 -8.64
CA PRO A 26 6.95 3.59 -9.10
C PRO A 26 6.17 2.31 -8.82
N PHE A 27 5.09 2.42 -8.05
CA PHE A 27 4.27 1.27 -7.72
C PHE A 27 2.87 1.41 -8.31
N ASN A 28 2.08 0.34 -8.22
CA ASN A 28 0.72 0.34 -8.75
C ASN A 28 -0.23 -0.40 -7.82
N VAL A 29 -1.51 -0.08 -7.92
CA VAL A 29 -2.52 -0.71 -7.08
C VAL A 29 -2.47 -2.24 -7.21
N GLU A 30 -1.98 -2.71 -8.36
CA GLU A 30 -1.87 -4.14 -8.60
C GLU A 30 -0.64 -4.72 -7.90
N LYS A 31 0.36 -3.89 -7.71
CA LYS A 31 1.60 -4.32 -7.05
C LYS A 31 1.51 -4.09 -5.54
N VAL A 32 1.32 -2.84 -5.14
CA VAL A 32 1.22 -2.49 -3.73
C VAL A 32 0.26 -3.43 -3.00
N LYS A 33 -0.89 -3.68 -3.61
CA LYS A 33 -1.89 -4.57 -3.03
C LYS A 33 -1.26 -5.86 -2.54
N ASP A 34 -0.29 -6.37 -3.29
CA ASP A 34 0.41 -7.61 -2.93
C ASP A 34 1.53 -7.33 -1.95
N LEU A 35 2.10 -6.12 -2.03
CA LEU A 35 3.19 -5.74 -1.16
C LEU A 35 2.69 -5.48 0.26
N TRP A 36 1.79 -4.50 0.39
CA TRP A 36 1.24 -4.15 1.69
C TRP A 36 0.59 -5.37 2.35
N ASP A 37 0.18 -6.33 1.53
CA ASP A 37 -0.45 -7.55 2.02
C ASP A 37 0.53 -8.37 2.84
N ARG A 38 1.75 -8.51 2.33
CA ARG A 38 2.78 -9.28 3.02
C ARG A 38 3.62 -8.39 3.93
N GLY A 39 3.54 -7.08 3.69
CA GLY A 39 4.29 -6.14 4.50
C GLY A 39 5.56 -5.66 3.82
N GLU A 40 5.47 -5.43 2.51
CA GLU A 40 6.61 -4.97 1.74
C GLU A 40 6.70 -3.44 1.74
N VAL A 41 5.55 -2.79 1.62
CA VAL A 41 5.50 -1.33 1.62
C VAL A 41 5.31 -0.78 3.02
N GLY A 42 5.24 0.54 3.14
CA GLY A 42 5.05 1.17 4.43
C GLY A 42 3.61 1.55 4.69
N PRO A 43 2.92 0.79 5.55
CA PRO A 43 1.51 1.05 5.89
C PRO A 43 1.35 2.31 6.73
N ASP A 44 2.26 2.54 7.66
CA ASP A 44 2.22 3.71 8.52
C ASP A 44 3.11 4.82 7.98
N SER A 45 3.64 4.62 6.77
CA SER A 45 4.52 5.60 6.14
C SER A 45 3.72 6.52 5.22
N LEU A 46 4.29 7.69 4.95
CA LEU A 46 3.64 8.66 4.08
C LEU A 46 3.80 8.28 2.61
N CYS A 47 2.67 8.20 1.91
CA CYS A 47 2.69 7.84 0.49
C CYS A 47 2.47 9.07 -0.38
N TRP A 48 3.25 9.15 -1.46
CA TRP A 48 3.14 10.29 -2.38
C TRP A 48 2.60 9.84 -3.73
N ARG A 49 2.59 10.76 -4.69
CA ARG A 49 2.09 10.46 -6.03
C ARG A 49 2.20 11.68 -6.94
N SER A 50 2.29 11.44 -8.23
CA SER A 50 2.40 12.52 -9.21
C SER A 50 1.27 13.52 -9.03
N GLY A 51 1.60 14.69 -8.47
CA GLY A 51 0.60 15.72 -8.26
C GLY A 51 0.32 15.96 -6.79
N PHE A 52 0.69 15.00 -5.95
CA PHE A 52 0.48 15.11 -4.51
C PHE A 52 1.09 16.40 -3.97
N SER A 53 0.31 17.14 -3.20
CA SER A 53 0.76 18.40 -2.63
C SER A 53 1.56 18.16 -1.35
N ASP A 54 1.17 17.15 -0.59
CA ASP A 54 1.85 16.80 0.65
C ASP A 54 1.90 15.30 0.85
N TRP A 55 2.47 14.87 1.97
CA TRP A 55 2.58 13.44 2.28
C TRP A 55 1.58 13.04 3.34
N ILE A 56 0.95 11.88 3.15
CA ILE A 56 -0.04 11.37 4.10
C ILE A 56 0.11 9.87 4.29
N PRO A 57 0.06 9.43 5.56
CA PRO A 57 0.18 8.01 5.91
C PRO A 57 -1.03 7.20 5.48
N LEU A 58 -0.79 5.97 5.03
CA LEU A 58 -1.88 5.10 4.59
C LEU A 58 -2.65 4.54 5.78
N SER A 59 -2.02 4.60 6.96
CA SER A 59 -2.66 4.10 8.18
C SER A 59 -3.64 5.11 8.74
N GLU A 60 -3.78 6.24 8.04
CA GLU A 60 -4.69 7.29 8.48
C GLU A 60 -5.81 7.48 7.46
N THR A 61 -5.56 7.08 6.22
CA THR A 61 -6.55 7.21 5.16
C THR A 61 -7.36 5.92 5.00
N ALA A 62 -8.69 6.06 5.05
CA ALA A 62 -9.57 4.91 4.91
C ALA A 62 -9.74 4.52 3.45
N GLU A 63 -9.19 5.33 2.55
CA GLU A 63 -9.27 5.07 1.12
C GLU A 63 -8.26 4.01 0.70
N LEU A 64 -7.47 3.54 1.66
CA LEU A 64 -6.46 2.52 1.39
C LEU A 64 -6.87 1.17 1.96
N ALA A 65 -7.84 1.20 2.88
CA ALA A 65 -8.33 -0.03 3.49
C ALA A 65 -9.25 -0.79 2.56
N SER A 66 -9.81 -0.09 1.58
CA SER A 66 -10.71 -0.70 0.62
C SER A 66 -9.94 -1.27 -0.57
N VAL A 67 -8.73 -0.78 -0.77
CA VAL A 67 -7.88 -1.25 -1.86
C VAL A 67 -6.82 -2.21 -1.36
N LEU A 68 -6.17 -1.86 -0.25
CA LEU A 68 -5.14 -2.70 0.33
C LEU A 68 -5.69 -3.51 1.51
N ALA A 69 -5.91 -4.80 1.27
CA ALA A 69 -6.44 -5.68 2.31
C ALA A 69 -5.31 -6.44 3.00
N PRO A 70 -5.11 -6.16 4.30
CA PRO A 70 -4.07 -6.80 5.10
C PRO A 70 -4.37 -8.28 5.37
N ARG A 71 -3.37 -9.01 5.85
CA ARG A 71 -3.53 -10.42 6.14
C ARG A 71 -4.66 -10.64 7.15
N PRO A 72 -5.27 -11.83 7.10
CA PRO A 72 -6.38 -12.19 8.00
C PRO A 72 -5.92 -12.38 9.44
N SER A 73 -6.55 -11.66 10.36
CA SER A 73 -6.20 -11.74 11.77
C SER A 73 -7.46 -11.81 12.63
N LYS A 74 -7.71 -12.99 13.21
CA LYS A 74 -8.87 -13.19 14.06
C LYS A 74 -8.45 -13.61 15.46
N PRO A 75 -9.32 -13.34 16.44
CA PRO A 75 -9.06 -13.68 17.85
C PRO A 75 -9.11 -15.18 18.10
N VAL A 76 -8.17 -15.67 18.90
CA VAL A 76 -8.10 -17.09 19.22
C VAL A 76 -9.17 -17.48 20.24
N ILE A 77 -10.24 -18.10 19.76
CA ILE A 77 -11.33 -18.53 20.63
C ILE A 77 -11.65 -20.00 20.43
N VAL A 78 -12.20 -20.62 21.47
CA VAL A 78 -12.56 -22.03 21.40
C VAL A 78 -14.04 -22.21 21.10
N ALA A 79 -14.37 -23.29 20.39
CA ALA A 79 -15.76 -23.57 20.02
C ALA A 79 -16.33 -24.69 20.89
N PRO A 80 -17.06 -24.31 21.94
CA PRO A 80 -17.68 -25.27 22.87
C PRO A 80 -18.83 -26.04 22.22
N GLU A 81 -19.46 -25.42 21.23
CA GLU A 81 -20.58 -26.05 20.54
C GLU A 81 -20.13 -26.62 19.19
N PRO A 82 -20.59 -27.83 18.88
CA PRO A 82 -20.25 -28.51 17.62
C PRO A 82 -20.91 -27.86 16.42
N VAL A 83 -20.20 -27.86 15.29
CA VAL A 83 -20.71 -27.27 14.06
C VAL A 83 -21.23 -28.33 13.11
N SER A 84 -20.66 -29.53 13.21
CA SER A 84 -21.06 -30.64 12.35
C SER A 84 -21.22 -31.92 13.16
N GLY A 85 -22.43 -32.48 13.11
CA GLY A 85 -22.70 -33.70 13.85
C GLY A 85 -23.34 -34.77 12.98
N MET A 1 -10.25 3.80 -31.85
CA MET A 1 -9.48 3.70 -30.62
C MET A 1 -7.98 3.68 -30.91
N ASP A 2 -7.21 4.35 -30.06
CA ASP A 2 -5.76 4.41 -30.22
C ASP A 2 -5.05 3.97 -28.95
N LYS A 3 -5.63 2.98 -28.27
CA LYS A 3 -5.06 2.46 -27.04
C LYS A 3 -4.68 0.99 -27.19
N GLU A 4 -4.22 0.39 -26.10
CA GLU A 4 -3.82 -1.01 -26.10
C GLU A 4 -3.93 -1.62 -24.71
N GLU A 5 -3.60 -2.91 -24.61
CA GLU A 5 -3.65 -3.60 -23.32
C GLU A 5 -2.60 -3.08 -22.37
N ALA A 6 -1.55 -2.47 -22.92
CA ALA A 6 -0.46 -1.92 -22.12
C ALA A 6 -0.95 -0.76 -21.27
N LYS A 7 -2.14 -0.24 -21.60
CA LYS A 7 -2.71 0.87 -20.86
C LYS A 7 -3.62 0.37 -19.75
N ALA A 8 -3.50 -0.91 -19.42
CA ALA A 8 -4.32 -1.51 -18.36
C ALA A 8 -4.25 -0.69 -17.08
N ASN A 9 -5.30 0.08 -16.82
CA ASN A 9 -5.36 0.91 -15.62
C ASN A 9 -5.21 0.07 -14.36
N ALA A 10 -5.47 -1.23 -14.50
CA ALA A 10 -5.37 -2.15 -13.37
C ALA A 10 -4.03 -2.00 -12.66
N ALA A 11 -2.97 -1.83 -13.45
CA ALA A 11 -1.63 -1.68 -12.89
C ALA A 11 -0.88 -0.53 -13.57
N ALA A 12 -1.60 0.56 -13.84
CA ALA A 12 -1.00 1.72 -14.48
C ALA A 12 -0.79 2.86 -13.49
N HIS A 13 -1.31 2.68 -12.28
CA HIS A 13 -1.18 3.68 -11.23
C HIS A 13 0.29 3.91 -10.88
N GLU A 14 0.65 5.18 -10.68
CA GLU A 14 2.03 5.53 -10.35
C GLU A 14 2.08 6.45 -9.13
N TRP A 15 2.56 5.91 -8.01
CA TRP A 15 2.65 6.68 -6.78
C TRP A 15 3.84 6.23 -5.95
N TYR A 16 4.61 7.20 -5.45
CA TYR A 16 5.79 6.90 -4.64
C TYR A 16 5.41 6.77 -3.16
N VAL A 17 6.39 6.42 -2.34
CA VAL A 17 6.17 6.27 -0.91
C VAL A 17 7.39 6.69 -0.11
N ALA A 18 7.18 7.10 1.13
CA ALA A 18 8.26 7.53 2.00
C ALA A 18 8.79 6.38 2.85
N ILE A 19 9.90 5.78 2.42
CA ILE A 19 10.49 4.66 3.13
C ILE A 19 11.99 4.87 3.33
N ASP A 20 12.45 4.68 4.56
CA ASP A 20 13.86 4.85 4.89
C ASP A 20 14.28 6.30 4.76
N GLU A 21 13.32 7.21 4.91
CA GLU A 21 13.59 8.64 4.81
C GLU A 21 13.97 9.01 3.38
N LYS A 22 13.37 8.33 2.41
CA LYS A 22 13.65 8.59 1.00
C LYS A 22 12.50 8.10 0.12
N GLN A 23 12.51 8.52 -1.14
CA GLN A 23 11.47 8.13 -2.07
C GLN A 23 11.67 6.69 -2.55
N VAL A 24 10.58 6.00 -2.84
CA VAL A 24 10.65 4.62 -3.29
C VAL A 24 10.41 4.53 -4.80
N GLY A 25 10.51 3.32 -5.34
CA GLY A 25 10.30 3.12 -6.76
C GLY A 25 8.86 3.24 -7.17
N PRO A 26 8.59 3.19 -8.48
CA PRO A 26 7.23 3.29 -9.02
C PRO A 26 6.38 2.05 -8.69
N PHE A 27 5.27 2.28 -8.01
CA PHE A 27 4.37 1.18 -7.65
C PHE A 27 2.98 1.40 -8.24
N ASN A 28 2.14 0.37 -8.17
CA ASN A 28 0.79 0.44 -8.69
C ASN A 28 -0.20 -0.26 -7.77
N VAL A 29 -1.46 0.14 -7.84
CA VAL A 29 -2.50 -0.44 -7.02
C VAL A 29 -2.54 -1.96 -7.16
N GLU A 30 -2.10 -2.44 -8.32
CA GLU A 30 -2.08 -3.88 -8.59
C GLU A 30 -0.87 -4.55 -7.92
N LYS A 31 0.19 -3.77 -7.73
CA LYS A 31 1.40 -4.28 -7.10
C LYS A 31 1.36 -4.10 -5.59
N VAL A 32 1.18 -2.85 -5.15
CA VAL A 32 1.12 -2.53 -3.74
C VAL A 32 0.12 -3.43 -3.02
N LYS A 33 -1.03 -3.64 -3.64
CA LYS A 33 -2.07 -4.49 -3.06
C LYS A 33 -1.48 -5.80 -2.55
N ASP A 34 -0.50 -6.32 -3.28
CA ASP A 34 0.15 -7.57 -2.90
C ASP A 34 1.29 -7.32 -1.91
N LEU A 35 1.95 -6.17 -2.07
CA LEU A 35 3.05 -5.81 -1.18
C LEU A 35 2.56 -5.55 0.24
N TRP A 36 1.68 -4.58 0.37
CA TRP A 36 1.13 -4.22 1.68
C TRP A 36 0.48 -5.44 2.34
N ASP A 37 0.06 -6.40 1.53
CA ASP A 37 -0.57 -7.61 2.03
C ASP A 37 0.43 -8.47 2.80
N ARG A 38 1.63 -8.62 2.25
CA ARG A 38 2.67 -9.42 2.87
C ARG A 38 3.56 -8.54 3.76
N GLY A 39 3.41 -7.23 3.62
CA GLY A 39 4.21 -6.31 4.41
C GLY A 39 5.47 -5.87 3.70
N GLU A 40 5.35 -5.59 2.40
CA GLU A 40 6.49 -5.15 1.60
C GLU A 40 6.61 -3.63 1.60
N VAL A 41 5.46 -2.95 1.56
CA VAL A 41 5.45 -1.50 1.56
C VAL A 41 5.36 -0.94 2.98
N GLY A 42 5.14 0.36 3.08
CA GLY A 42 5.03 0.99 4.39
C GLY A 42 3.64 1.50 4.69
N PRO A 43 2.92 0.82 5.59
CA PRO A 43 1.56 1.19 5.97
C PRO A 43 1.52 2.47 6.78
N ASP A 44 2.49 2.63 7.68
CA ASP A 44 2.57 3.82 8.53
C ASP A 44 3.35 4.93 7.83
N SER A 45 4.02 4.58 6.74
CA SER A 45 4.82 5.53 5.99
C SER A 45 3.93 6.38 5.07
N LEU A 46 4.39 7.59 4.77
CA LEU A 46 3.64 8.50 3.91
C LEU A 46 3.67 8.02 2.46
N CYS A 47 2.66 8.40 1.69
CA CYS A 47 2.58 8.00 0.29
C CYS A 47 2.40 9.23 -0.60
N TRP A 48 3.15 9.26 -1.71
CA TRP A 48 3.07 10.37 -2.64
C TRP A 48 2.64 9.89 -4.04
N ARG A 49 2.27 10.84 -4.88
CA ARG A 49 1.82 10.51 -6.23
C ARG A 49 1.83 11.75 -7.12
N SER A 50 1.55 11.56 -8.41
CA SER A 50 1.53 12.66 -9.36
C SER A 50 0.42 13.65 -9.01
N GLY A 51 0.81 14.84 -8.55
CA GLY A 51 -0.15 15.85 -8.19
C GLY A 51 -0.24 16.07 -6.69
N PHE A 52 0.39 15.18 -5.94
CA PHE A 52 0.38 15.28 -4.47
C PHE A 52 1.20 16.48 -4.00
N SER A 53 0.62 17.26 -3.08
CA SER A 53 1.28 18.43 -2.55
C SER A 53 1.72 18.20 -1.11
N ASP A 54 1.21 17.14 -0.50
CA ASP A 54 1.55 16.81 0.87
C ASP A 54 1.58 15.30 1.08
N TRP A 55 2.45 14.84 1.98
CA TRP A 55 2.57 13.42 2.26
C TRP A 55 1.57 12.98 3.32
N ILE A 56 1.03 11.78 3.16
CA ILE A 56 0.04 11.25 4.10
C ILE A 56 0.19 9.73 4.25
N PRO A 57 0.33 9.28 5.51
CA PRO A 57 0.47 7.85 5.81
C PRO A 57 -0.81 7.06 5.55
N LEU A 58 -0.67 5.87 5.02
CA LEU A 58 -1.81 5.01 4.72
C LEU A 58 -2.61 4.71 5.99
N SER A 59 -1.96 4.89 7.14
CA SER A 59 -2.60 4.64 8.43
C SER A 59 -3.44 5.85 8.86
N GLU A 60 -3.50 6.85 8.00
CA GLU A 60 -4.26 8.06 8.30
C GLU A 60 -5.57 8.09 7.51
N THR A 61 -5.54 7.51 6.31
CA THR A 61 -6.72 7.48 5.45
C THR A 61 -7.31 6.07 5.40
N ALA A 62 -8.63 5.99 5.59
CA ALA A 62 -9.32 4.70 5.56
C ALA A 62 -9.58 4.26 4.12
N GLU A 63 -9.47 5.19 3.19
CA GLU A 63 -9.70 4.90 1.78
C GLU A 63 -8.63 3.95 1.25
N LEU A 64 -7.56 3.78 2.01
CA LEU A 64 -6.46 2.90 1.62
C LEU A 64 -6.80 1.45 1.94
N ALA A 65 -7.64 1.25 2.95
CA ALA A 65 -8.04 -0.10 3.35
C ALA A 65 -8.93 -0.75 2.31
N SER A 66 -9.83 0.04 1.72
CA SER A 66 -10.73 -0.47 0.70
C SER A 66 -9.96 -1.05 -0.49
N VAL A 67 -8.76 -0.51 -0.72
CA VAL A 67 -7.92 -0.98 -1.82
C VAL A 67 -6.93 -2.03 -1.34
N LEU A 68 -6.28 -1.75 -0.22
CA LEU A 68 -5.31 -2.68 0.35
C LEU A 68 -5.90 -3.48 1.50
N ALA A 69 -6.25 -4.73 1.22
CA ALA A 69 -6.84 -5.60 2.23
C ALA A 69 -5.87 -5.83 3.39
N PRO A 70 -6.25 -5.34 4.58
CA PRO A 70 -5.42 -5.47 5.79
C PRO A 70 -5.36 -6.91 6.29
N ARG A 71 -4.44 -7.17 7.19
CA ARG A 71 -4.27 -8.51 7.76
C ARG A 71 -4.52 -8.51 9.26
N PRO A 72 -4.87 -9.68 9.81
CA PRO A 72 -5.14 -9.83 11.24
C PRO A 72 -3.88 -9.71 12.09
N SER A 73 -3.91 -8.79 13.05
CA SER A 73 -2.77 -8.56 13.93
C SER A 73 -3.22 -8.40 15.37
N LYS A 74 -2.29 -8.62 16.31
CA LYS A 74 -2.59 -8.50 17.73
C LYS A 74 -2.40 -7.07 18.20
N PRO A 75 -3.09 -6.71 19.29
CA PRO A 75 -3.01 -5.36 19.87
C PRO A 75 -1.66 -5.08 20.52
N VAL A 76 -1.09 -3.92 20.24
CA VAL A 76 0.20 -3.52 20.79
C VAL A 76 0.14 -2.13 21.39
N ILE A 77 0.92 -1.91 22.44
CA ILE A 77 0.96 -0.61 23.11
C ILE A 77 2.40 -0.10 23.22
N VAL A 78 2.55 1.22 23.22
CA VAL A 78 3.86 1.85 23.33
C VAL A 78 3.91 2.82 24.50
N ALA A 79 5.09 2.91 25.13
CA ALA A 79 5.27 3.81 26.26
C ALA A 79 4.92 5.25 25.89
N PRO A 80 4.65 6.07 26.92
CA PRO A 80 4.30 7.48 26.72
C PRO A 80 5.47 8.31 26.22
N GLU A 81 6.67 7.99 26.71
CA GLU A 81 7.88 8.71 26.31
C GLU A 81 7.99 8.77 24.79
N PRO A 82 8.73 9.78 24.30
CA PRO A 82 8.94 9.97 22.86
C PRO A 82 9.83 8.89 22.25
N VAL A 83 9.87 8.85 20.92
CA VAL A 83 10.69 7.86 20.22
C VAL A 83 11.91 8.51 19.59
N SER A 84 11.79 9.80 19.27
CA SER A 84 12.89 10.53 18.65
C SER A 84 13.83 11.08 19.71
N GLY A 85 15.11 11.22 19.35
CA GLY A 85 16.09 11.74 20.29
C GLY A 85 16.42 10.76 21.39
N MET A 1 -14.78 -13.55 -14.62
CA MET A 1 -14.97 -12.15 -14.29
C MET A 1 -15.32 -11.34 -15.53
N ASP A 2 -15.73 -10.10 -15.32
CA ASP A 2 -16.09 -9.21 -16.43
C ASP A 2 -15.09 -8.07 -16.57
N LYS A 3 -13.82 -8.37 -16.30
CA LYS A 3 -12.77 -7.37 -16.39
C LYS A 3 -11.76 -7.74 -17.46
N GLU A 4 -10.66 -6.99 -17.53
CA GLU A 4 -9.61 -7.25 -18.51
C GLU A 4 -8.28 -7.56 -17.81
N GLU A 5 -7.46 -8.39 -18.46
CA GLU A 5 -6.17 -8.77 -17.91
C GLU A 5 -5.07 -7.85 -18.42
N ALA A 6 -5.18 -7.45 -19.67
CA ALA A 6 -4.20 -6.57 -20.29
C ALA A 6 -4.61 -5.11 -20.16
N LYS A 7 -5.90 -4.88 -19.96
CA LYS A 7 -6.43 -3.53 -19.82
C LYS A 7 -6.74 -3.21 -18.36
N ALA A 8 -6.24 -4.07 -17.46
CA ALA A 8 -6.46 -3.87 -16.03
C ALA A 8 -5.83 -2.57 -15.56
N ASN A 9 -6.63 -1.51 -15.51
CA ASN A 9 -6.15 -0.20 -15.08
C ASN A 9 -5.59 -0.28 -13.66
N ALA A 10 -5.98 -1.32 -12.92
CA ALA A 10 -5.51 -1.50 -11.56
C ALA A 10 -3.99 -1.52 -11.50
N ALA A 11 -3.36 -1.88 -12.60
CA ALA A 11 -1.90 -1.93 -12.68
C ALA A 11 -1.36 -0.79 -13.53
N ALA A 12 -2.08 0.32 -13.57
CA ALA A 12 -1.66 1.47 -14.34
C ALA A 12 -1.43 2.68 -13.44
N HIS A 13 -1.66 2.50 -12.14
CA HIS A 13 -1.46 3.59 -11.18
C HIS A 13 0.02 3.81 -10.92
N GLU A 14 0.39 5.08 -10.69
CA GLU A 14 1.78 5.44 -10.43
C GLU A 14 1.88 6.36 -9.23
N TRP A 15 2.42 5.84 -8.13
CA TRP A 15 2.58 6.62 -6.91
C TRP A 15 3.80 6.16 -6.13
N TYR A 16 4.49 7.11 -5.50
CA TYR A 16 5.68 6.81 -4.73
C TYR A 16 5.34 6.61 -3.25
N VAL A 17 6.33 6.19 -2.47
CA VAL A 17 6.13 5.96 -1.04
C VAL A 17 7.38 6.31 -0.25
N ALA A 18 7.18 6.83 0.96
CA ALA A 18 8.30 7.21 1.82
C ALA A 18 8.76 6.03 2.68
N ILE A 19 9.83 5.37 2.24
CA ILE A 19 10.36 4.22 2.96
C ILE A 19 11.80 4.47 3.39
N ASP A 20 12.08 4.24 4.68
CA ASP A 20 13.42 4.44 5.21
C ASP A 20 13.89 5.87 4.99
N GLU A 21 12.93 6.81 5.00
CA GLU A 21 13.25 8.22 4.80
C GLU A 21 13.66 8.49 3.36
N LYS A 22 13.54 7.46 2.51
CA LYS A 22 13.89 7.58 1.11
C LYS A 22 12.71 7.19 0.22
N GLN A 23 12.50 7.95 -0.85
CA GLN A 23 11.41 7.69 -1.78
C GLN A 23 11.64 6.38 -2.53
N VAL A 24 10.56 5.68 -2.83
CA VAL A 24 10.64 4.41 -3.56
C VAL A 24 10.29 4.59 -5.03
N GLY A 25 10.43 3.50 -5.79
CA GLY A 25 10.12 3.56 -7.21
C GLY A 25 8.63 3.64 -7.47
N PRO A 26 8.26 3.75 -8.77
CA PRO A 26 6.86 3.84 -9.18
C PRO A 26 6.11 2.53 -8.97
N PHE A 27 5.05 2.59 -8.16
CA PHE A 27 4.24 1.41 -7.87
C PHE A 27 2.83 1.57 -8.42
N ASN A 28 2.03 0.52 -8.29
CA ASN A 28 0.65 0.55 -8.76
C ASN A 28 -0.28 -0.16 -7.79
N VAL A 29 -1.58 0.03 -7.97
CA VAL A 29 -2.57 -0.59 -7.10
C VAL A 29 -2.54 -2.11 -7.22
N GLU A 30 -2.01 -2.59 -8.34
CA GLU A 30 -1.91 -4.03 -8.57
C GLU A 30 -0.66 -4.60 -7.92
N LYS A 31 0.34 -3.76 -7.75
CA LYS A 31 1.61 -4.18 -7.13
C LYS A 31 1.56 -3.99 -5.61
N VAL A 32 1.38 -2.74 -5.18
CA VAL A 32 1.32 -2.43 -3.76
C VAL A 32 0.33 -3.34 -3.04
N LYS A 33 -0.80 -3.61 -3.67
CA LYS A 33 -1.83 -4.47 -3.09
C LYS A 33 -1.21 -5.77 -2.58
N ASP A 34 -0.28 -6.31 -3.35
CA ASP A 34 0.38 -7.56 -2.96
C ASP A 34 1.51 -7.29 -1.98
N LEU A 35 2.11 -6.11 -2.07
CA LEU A 35 3.20 -5.72 -1.18
C LEU A 35 2.70 -5.48 0.23
N TRP A 36 1.80 -4.52 0.38
CA TRP A 36 1.23 -4.19 1.68
C TRP A 36 0.60 -5.42 2.33
N ASP A 37 0.21 -6.38 1.50
CA ASP A 37 -0.41 -7.62 1.99
C ASP A 37 0.60 -8.45 2.77
N ARG A 38 1.81 -8.57 2.24
CA ARG A 38 2.85 -9.35 2.89
C ARG A 38 3.71 -8.45 3.78
N GLY A 39 3.55 -7.14 3.63
CA GLY A 39 4.31 -6.20 4.43
C GLY A 39 5.57 -5.74 3.73
N GLU A 40 5.46 -5.47 2.43
CA GLU A 40 6.60 -5.01 1.64
C GLU A 40 6.70 -3.49 1.65
N VAL A 41 5.55 -2.84 1.57
CA VAL A 41 5.50 -1.38 1.58
C VAL A 41 5.36 -0.83 2.99
N GLY A 42 5.14 0.48 3.09
CA GLY A 42 4.99 1.10 4.39
C GLY A 42 3.57 1.53 4.68
N PRO A 43 2.89 0.77 5.56
CA PRO A 43 1.50 1.06 5.93
C PRO A 43 1.38 2.32 6.77
N ASP A 44 2.33 2.52 7.68
CA ASP A 44 2.33 3.69 8.55
C ASP A 44 3.20 4.80 7.97
N SER A 45 3.70 4.58 6.76
CA SER A 45 4.55 5.56 6.10
C SER A 45 3.73 6.48 5.19
N LEU A 46 4.31 7.63 4.85
CA LEU A 46 3.63 8.59 3.99
C LEU A 46 3.74 8.19 2.52
N CYS A 47 2.62 8.25 1.81
CA CYS A 47 2.60 7.89 0.39
C CYS A 47 2.43 9.13 -0.47
N TRP A 48 3.15 9.17 -1.59
CA TRP A 48 3.08 10.29 -2.51
C TRP A 48 2.68 9.84 -3.91
N ARG A 49 2.39 10.80 -4.78
CA ARG A 49 1.98 10.49 -6.15
C ARG A 49 2.00 11.75 -7.01
N SER A 50 1.52 11.61 -8.25
CA SER A 50 1.48 12.74 -9.17
C SER A 50 0.34 13.69 -8.82
N GLY A 51 0.70 14.86 -8.33
CA GLY A 51 -0.31 15.86 -7.96
C GLY A 51 -0.37 16.08 -6.47
N PHE A 52 0.16 15.14 -5.69
CA PHE A 52 0.17 15.23 -4.24
C PHE A 52 0.81 16.54 -3.78
N SER A 53 0.21 17.17 -2.78
CA SER A 53 0.72 18.43 -2.24
C SER A 53 1.42 18.21 -0.92
N ASP A 54 1.02 17.16 -0.20
CA ASP A 54 1.61 16.84 1.10
C ASP A 54 1.57 15.34 1.35
N TRP A 55 2.60 14.83 2.00
CA TRP A 55 2.68 13.40 2.31
C TRP A 55 1.68 13.02 3.40
N ILE A 56 1.04 11.87 3.24
CA ILE A 56 0.06 11.40 4.21
C ILE A 56 0.16 9.89 4.39
N PRO A 57 0.16 9.46 5.67
CA PRO A 57 0.25 8.04 6.02
C PRO A 57 -1.01 7.26 5.64
N LEU A 58 -0.83 6.00 5.28
CA LEU A 58 -1.96 5.15 4.91
C LEU A 58 -2.73 4.68 6.14
N SER A 59 -2.08 4.72 7.29
CA SER A 59 -2.70 4.30 8.54
C SER A 59 -3.66 5.37 9.06
N GLU A 60 -3.72 6.49 8.34
CA GLU A 60 -4.61 7.59 8.72
C GLU A 60 -5.73 7.76 7.72
N THR A 61 -5.47 7.39 6.47
CA THR A 61 -6.47 7.50 5.41
C THR A 61 -7.20 6.18 5.20
N ALA A 62 -8.52 6.23 5.25
CA ALA A 62 -9.35 5.04 5.07
C ALA A 62 -9.50 4.71 3.58
N GLU A 63 -9.15 5.66 2.73
CA GLU A 63 -9.25 5.47 1.28
C GLU A 63 -8.24 4.44 0.80
N LEU A 64 -7.32 4.06 1.68
CA LEU A 64 -6.29 3.09 1.34
C LEU A 64 -6.71 1.68 1.76
N ALA A 65 -7.49 1.61 2.84
CA ALA A 65 -7.96 0.33 3.35
C ALA A 65 -8.94 -0.32 2.38
N SER A 66 -9.64 0.50 1.61
CA SER A 66 -10.61 0.00 0.64
C SER A 66 -9.90 -0.57 -0.59
N VAL A 67 -8.59 -0.38 -0.66
CA VAL A 67 -7.80 -0.87 -1.78
C VAL A 67 -6.83 -1.95 -1.33
N LEU A 68 -6.15 -1.71 -0.22
CA LEU A 68 -5.19 -2.66 0.32
C LEU A 68 -5.80 -3.47 1.46
N ALA A 69 -6.06 -4.75 1.21
CA ALA A 69 -6.64 -5.62 2.22
C ALA A 69 -5.55 -6.29 3.05
N PRO A 70 -5.80 -6.41 4.36
CA PRO A 70 -4.86 -7.03 5.30
C PRO A 70 -4.74 -8.54 5.09
N ARG A 71 -3.72 -9.13 5.70
CA ARG A 71 -3.49 -10.57 5.58
C ARG A 71 -4.71 -11.35 6.04
N PRO A 72 -4.85 -12.58 5.52
CA PRO A 72 -5.98 -13.46 5.87
C PRO A 72 -5.89 -13.97 7.30
N SER A 73 -7.03 -14.31 7.88
CA SER A 73 -7.10 -14.81 9.25
C SER A 73 -7.71 -16.20 9.30
N LYS A 74 -7.43 -16.93 10.37
CA LYS A 74 -7.95 -18.28 10.54
C LYS A 74 -9.47 -18.28 10.50
N PRO A 75 -10.06 -19.42 10.10
CA PRO A 75 -11.51 -19.58 10.00
C PRO A 75 -12.18 -19.61 11.38
N VAL A 76 -13.39 -19.09 11.45
CA VAL A 76 -14.14 -19.06 12.70
C VAL A 76 -15.32 -20.01 12.66
N ILE A 77 -15.74 -20.48 13.84
CA ILE A 77 -16.86 -21.40 13.93
C ILE A 77 -18.03 -20.78 14.68
N VAL A 78 -19.23 -21.24 14.40
CA VAL A 78 -20.43 -20.73 15.05
C VAL A 78 -20.68 -21.43 16.39
N ALA A 79 -21.31 -20.71 17.31
CA ALA A 79 -21.60 -21.26 18.63
C ALA A 79 -22.83 -22.16 18.58
N PRO A 80 -22.97 -23.02 19.59
CA PRO A 80 -24.11 -23.96 19.69
C PRO A 80 -25.42 -23.25 20.00
N GLU A 81 -25.33 -21.96 20.31
CA GLU A 81 -26.51 -21.17 20.62
C GLU A 81 -27.54 -21.26 19.50
N PRO A 82 -28.82 -21.07 19.86
CA PRO A 82 -29.92 -21.13 18.90
C PRO A 82 -29.92 -19.96 17.93
N VAL A 83 -30.59 -20.14 16.79
CA VAL A 83 -30.66 -19.09 15.77
C VAL A 83 -32.03 -18.42 15.77
N SER A 84 -33.05 -19.16 16.20
CA SER A 84 -34.41 -18.65 16.24
C SER A 84 -34.61 -17.74 17.45
N GLY A 85 -35.13 -16.54 17.20
CA GLY A 85 -35.36 -15.59 18.27
C GLY A 85 -36.80 -15.60 18.76
N MET A 1 -14.29 15.23 -14.27
CA MET A 1 -13.52 14.28 -13.48
C MET A 1 -12.55 14.98 -12.55
N ASP A 2 -12.16 14.31 -11.47
CA ASP A 2 -11.23 14.88 -10.50
C ASP A 2 -9.95 14.05 -10.44
N LYS A 3 -10.06 12.77 -10.78
CA LYS A 3 -8.90 11.88 -10.77
C LYS A 3 -8.57 11.40 -12.17
N GLU A 4 -7.59 10.50 -12.27
CA GLU A 4 -7.18 9.95 -13.56
C GLU A 4 -7.41 8.45 -13.61
N GLU A 5 -8.27 8.02 -14.51
CA GLU A 5 -8.58 6.60 -14.65
C GLU A 5 -8.20 6.11 -16.06
N ALA A 6 -8.20 7.01 -17.02
CA ALA A 6 -7.86 6.68 -18.39
C ALA A 6 -6.48 6.04 -18.47
N LYS A 7 -5.64 6.32 -17.48
CA LYS A 7 -4.28 5.78 -17.43
C LYS A 7 -4.22 4.57 -16.50
N ALA A 8 -4.39 4.82 -15.21
CA ALA A 8 -4.35 3.75 -14.22
C ALA A 8 -5.60 2.88 -14.29
N ASN A 9 -5.55 1.82 -15.08
CA ASN A 9 -6.68 0.92 -15.24
C ASN A 9 -6.64 -0.19 -14.17
N ALA A 10 -5.61 -1.02 -14.23
CA ALA A 10 -5.47 -2.11 -13.26
C ALA A 10 -4.13 -2.03 -12.55
N ALA A 11 -3.06 -1.81 -13.31
CA ALA A 11 -1.72 -1.71 -12.74
C ALA A 11 -0.94 -0.55 -13.37
N ALA A 12 -1.67 0.36 -14.01
CA ALA A 12 -1.04 1.51 -14.65
C ALA A 12 -0.93 2.68 -13.69
N HIS A 13 -1.04 2.39 -12.39
CA HIS A 13 -0.96 3.43 -11.37
C HIS A 13 0.50 3.77 -11.05
N GLU A 14 0.75 5.02 -10.69
CA GLU A 14 2.09 5.48 -10.37
C GLU A 14 2.09 6.37 -9.14
N TRP A 15 2.66 5.88 -8.05
CA TRP A 15 2.72 6.64 -6.80
C TRP A 15 3.89 6.16 -5.93
N TYR A 16 4.73 7.11 -5.53
CA TYR A 16 5.89 6.79 -4.70
C TYR A 16 5.48 6.66 -3.23
N VAL A 17 6.46 6.32 -2.38
CA VAL A 17 6.20 6.16 -0.96
C VAL A 17 7.39 6.64 -0.13
N ALA A 18 7.11 7.14 1.07
CA ALA A 18 8.16 7.62 1.96
C ALA A 18 8.68 6.51 2.85
N ILE A 19 9.82 5.93 2.47
CA ILE A 19 10.42 4.85 3.24
C ILE A 19 11.86 5.19 3.64
N ASP A 20 12.15 5.04 4.92
CA ASP A 20 13.49 5.32 5.43
C ASP A 20 13.89 6.77 5.13
N GLU A 21 12.90 7.65 5.09
CA GLU A 21 13.14 9.06 4.82
C GLU A 21 13.51 9.27 3.35
N LYS A 22 13.43 8.20 2.57
CA LYS A 22 13.77 8.26 1.15
C LYS A 22 12.62 7.78 0.29
N GLN A 23 12.45 8.38 -0.88
CA GLN A 23 11.38 8.00 -1.79
C GLN A 23 11.63 6.63 -2.40
N VAL A 24 10.56 5.92 -2.73
CA VAL A 24 10.67 4.59 -3.31
C VAL A 24 10.36 4.62 -4.81
N GLY A 25 10.52 3.47 -5.46
CA GLY A 25 10.26 3.39 -6.88
C GLY A 25 8.77 3.48 -7.21
N PRO A 26 8.46 3.49 -8.51
CA PRO A 26 7.07 3.57 -8.98
C PRO A 26 6.29 2.30 -8.69
N PHE A 27 5.20 2.43 -7.94
CA PHE A 27 4.36 1.29 -7.59
C PHE A 27 2.99 1.41 -8.23
N ASN A 28 2.21 0.34 -8.16
CA ASN A 28 0.87 0.32 -8.73
C ASN A 28 -0.12 -0.42 -7.82
N VAL A 29 -1.39 -0.08 -7.95
CA VAL A 29 -2.43 -0.71 -7.13
C VAL A 29 -2.38 -2.23 -7.25
N GLU A 30 -1.89 -2.70 -8.39
CA GLU A 30 -1.79 -4.14 -8.64
C GLU A 30 -0.57 -4.73 -7.92
N LYS A 31 0.44 -3.89 -7.71
CA LYS A 31 1.66 -4.33 -7.04
C LYS A 31 1.55 -4.14 -5.52
N VAL A 32 1.29 -2.90 -5.11
CA VAL A 32 1.16 -2.59 -3.70
C VAL A 32 0.16 -3.52 -3.02
N LYS A 33 -0.97 -3.75 -3.67
CA LYS A 33 -2.00 -4.62 -3.14
C LYS A 33 -1.40 -5.92 -2.60
N ASP A 34 -0.38 -6.42 -3.31
CA ASP A 34 0.29 -7.66 -2.90
C ASP A 34 1.35 -7.38 -1.85
N LEU A 35 2.03 -6.25 -1.98
CA LEU A 35 3.07 -5.85 -1.03
C LEU A 35 2.48 -5.57 0.34
N TRP A 36 1.59 -4.58 0.41
CA TRP A 36 0.96 -4.21 1.67
C TRP A 36 0.30 -5.42 2.32
N ASP A 37 -0.16 -6.35 1.49
CA ASP A 37 -0.82 -7.55 1.99
C ASP A 37 0.12 -8.36 2.88
N ARG A 38 1.36 -8.50 2.43
CA ARG A 38 2.36 -9.26 3.18
C ARG A 38 3.18 -8.33 4.08
N GLY A 39 3.02 -7.03 3.86
CA GLY A 39 3.76 -6.05 4.65
C GLY A 39 5.08 -5.67 4.01
N GLU A 40 5.07 -5.51 2.70
CA GLU A 40 6.28 -5.14 1.97
C GLU A 40 6.43 -3.63 1.88
N VAL A 41 5.29 -2.93 1.80
CA VAL A 41 5.29 -1.48 1.70
C VAL A 41 5.23 -0.85 3.09
N GLY A 42 5.06 0.48 3.12
CA GLY A 42 4.99 1.19 4.38
C GLY A 42 3.59 1.69 4.69
N PRO A 43 2.86 0.95 5.54
CA PRO A 43 1.49 1.31 5.92
C PRO A 43 1.44 2.55 6.81
N ASP A 44 2.41 2.65 7.72
CA ASP A 44 2.48 3.79 8.64
C ASP A 44 3.30 4.92 8.03
N SER A 45 3.99 4.62 6.93
CA SER A 45 4.81 5.62 6.25
C SER A 45 3.97 6.45 5.29
N LEU A 46 4.41 7.68 5.02
CA LEU A 46 3.72 8.57 4.12
C LEU A 46 3.77 8.06 2.68
N CYS A 47 2.77 8.41 1.88
CA CYS A 47 2.72 7.99 0.49
C CYS A 47 2.54 9.19 -0.44
N TRP A 48 3.30 9.21 -1.53
CA TRP A 48 3.23 10.30 -2.48
C TRP A 48 2.78 9.79 -3.85
N ARG A 49 2.64 10.70 -4.81
CA ARG A 49 2.22 10.35 -6.15
C ARG A 49 2.31 11.55 -7.09
N SER A 50 2.16 11.30 -8.38
CA SER A 50 2.22 12.36 -9.38
C SER A 50 1.12 13.39 -9.15
N GLY A 51 1.52 14.58 -8.70
CA GLY A 51 0.56 15.63 -8.45
C GLY A 51 0.37 15.91 -6.96
N PHE A 52 0.76 14.94 -6.14
CA PHE A 52 0.63 15.09 -4.69
C PHE A 52 1.35 16.34 -4.20
N SER A 53 0.64 17.14 -3.40
CA SER A 53 1.21 18.37 -2.87
C SER A 53 1.83 18.14 -1.50
N ASP A 54 1.28 17.17 -0.76
CA ASP A 54 1.77 16.84 0.57
C ASP A 54 1.90 15.33 0.75
N TRP A 55 2.32 14.92 1.93
CA TRP A 55 2.49 13.50 2.22
C TRP A 55 1.51 13.04 3.29
N ILE A 56 0.96 11.85 3.13
CA ILE A 56 0.02 11.30 4.08
C ILE A 56 0.18 9.79 4.22
N PRO A 57 0.31 9.31 5.47
CA PRO A 57 0.47 7.89 5.77
C PRO A 57 -0.79 7.09 5.49
N LEU A 58 -0.62 5.89 4.96
CA LEU A 58 -1.76 5.03 4.66
C LEU A 58 -2.58 4.73 5.91
N SER A 59 -1.96 4.93 7.07
CA SER A 59 -2.63 4.69 8.34
C SER A 59 -3.47 5.89 8.75
N GLU A 60 -3.51 6.90 7.88
CA GLU A 60 -4.27 8.11 8.16
C GLU A 60 -5.56 8.13 7.35
N THR A 61 -5.53 7.52 6.17
CA THR A 61 -6.70 7.47 5.30
C THR A 61 -7.27 6.07 5.22
N ALA A 62 -8.57 5.94 5.46
CA ALA A 62 -9.24 4.65 5.42
C ALA A 62 -9.55 4.24 3.98
N GLU A 63 -9.47 5.20 3.06
CA GLU A 63 -9.74 4.94 1.65
C GLU A 63 -8.73 3.95 1.09
N LEU A 64 -7.61 3.77 1.79
CA LEU A 64 -6.57 2.85 1.36
C LEU A 64 -6.92 1.41 1.74
N ALA A 65 -7.87 1.26 2.65
CA ALA A 65 -8.30 -0.05 3.10
C ALA A 65 -9.14 -0.75 2.02
N SER A 66 -9.95 0.02 1.32
CA SER A 66 -10.81 -0.53 0.27
C SER A 66 -9.98 -1.11 -0.86
N VAL A 67 -8.78 -0.57 -1.05
CA VAL A 67 -7.89 -1.04 -2.10
C VAL A 67 -6.88 -2.05 -1.55
N LEU A 68 -6.26 -1.70 -0.43
CA LEU A 68 -5.27 -2.57 0.21
C LEU A 68 -5.89 -3.35 1.36
N ALA A 69 -6.16 -4.63 1.13
CA ALA A 69 -6.75 -5.48 2.15
C ALA A 69 -5.68 -6.18 2.98
N PRO A 70 -5.61 -5.84 4.27
CA PRO A 70 -4.63 -6.42 5.19
C PRO A 70 -4.92 -7.89 5.49
N ARG A 71 -3.95 -8.55 6.11
CA ARG A 71 -4.10 -9.96 6.46
C ARG A 71 -5.44 -10.23 7.13
N PRO A 72 -5.86 -11.49 7.14
CA PRO A 72 -7.14 -11.90 7.75
C PRO A 72 -7.11 -11.80 9.27
N SER A 73 -8.08 -11.06 9.82
CA SER A 73 -8.16 -10.89 11.26
C SER A 73 -9.56 -11.20 11.78
N LYS A 74 -9.67 -11.48 13.06
CA LYS A 74 -10.95 -11.81 13.68
C LYS A 74 -12.02 -10.80 13.27
N PRO A 75 -13.29 -11.23 13.28
CA PRO A 75 -14.42 -10.39 12.91
C PRO A 75 -14.68 -9.30 13.94
N VAL A 76 -15.40 -8.25 13.52
CA VAL A 76 -15.71 -7.14 14.41
C VAL A 76 -17.19 -7.16 14.80
N ILE A 77 -17.49 -6.58 15.95
CA ILE A 77 -18.86 -6.53 16.44
C ILE A 77 -19.17 -5.18 17.10
N VAL A 78 -20.45 -4.86 17.19
CA VAL A 78 -20.87 -3.60 17.81
C VAL A 78 -20.24 -3.42 19.18
N ALA A 79 -19.99 -2.17 19.55
CA ALA A 79 -19.39 -1.86 20.84
C ALA A 79 -20.44 -1.34 21.82
N PRO A 80 -20.11 -1.40 23.12
CA PRO A 80 -21.01 -0.95 24.18
C PRO A 80 -21.17 0.57 24.20
N GLU A 81 -20.36 1.26 23.40
CA GLU A 81 -20.42 2.71 23.32
C GLU A 81 -21.74 3.17 22.74
N PRO A 82 -22.13 4.42 23.05
CA PRO A 82 -23.38 5.00 22.57
C PRO A 82 -23.34 5.30 21.07
N VAL A 83 -24.52 5.50 20.48
CA VAL A 83 -24.62 5.78 19.05
C VAL A 83 -24.86 7.26 18.80
N SER A 84 -25.61 7.89 19.70
CA SER A 84 -25.91 9.32 19.58
C SER A 84 -24.64 10.14 19.42
N GLY A 85 -24.71 11.20 18.63
CA GLY A 85 -23.57 12.05 18.40
C GLY A 85 -23.62 13.34 19.22
N MET A 1 -11.06 -3.73 -29.99
CA MET A 1 -10.78 -5.08 -29.52
C MET A 1 -11.50 -5.36 -28.21
N ASP A 2 -11.68 -6.65 -27.90
CA ASP A 2 -12.36 -7.05 -26.67
C ASP A 2 -11.35 -7.37 -25.58
N LYS A 3 -10.18 -6.76 -25.66
CA LYS A 3 -9.12 -6.97 -24.67
C LYS A 3 -8.20 -5.76 -24.59
N GLU A 4 -7.37 -5.73 -23.56
CA GLU A 4 -6.44 -4.63 -23.36
C GLU A 4 -5.13 -5.12 -22.74
N GLU A 5 -4.01 -4.65 -23.27
CA GLU A 5 -2.70 -5.05 -22.75
C GLU A 5 -1.93 -3.83 -22.25
N ALA A 6 -2.02 -2.72 -22.98
CA ALA A 6 -1.33 -1.50 -22.61
C ALA A 6 -2.25 -0.57 -21.82
N LYS A 7 -3.56 -0.71 -22.04
CA LYS A 7 -4.54 0.12 -21.36
C LYS A 7 -4.97 -0.53 -20.04
N ALA A 8 -4.30 -1.61 -19.66
CA ALA A 8 -4.60 -2.32 -18.42
C ALA A 8 -4.53 -1.38 -17.23
N ASN A 9 -5.69 -0.95 -16.75
CA ASN A 9 -5.76 -0.04 -15.61
C ASN A 9 -5.34 -0.75 -14.33
N ALA A 10 -5.40 -2.08 -14.34
CA ALA A 10 -5.03 -2.87 -13.18
C ALA A 10 -3.63 -2.50 -12.69
N ALA A 11 -2.76 -2.14 -13.62
CA ALA A 11 -1.40 -1.75 -13.29
C ALA A 11 -1.01 -0.44 -13.95
N ALA A 12 -1.99 0.45 -14.09
CA ALA A 12 -1.76 1.76 -14.71
C ALA A 12 -1.72 2.86 -13.67
N HIS A 13 -1.31 2.51 -12.45
CA HIS A 13 -1.23 3.48 -11.35
C HIS A 13 0.22 3.78 -11.01
N GLU A 14 0.51 5.06 -10.75
CA GLU A 14 1.86 5.47 -10.40
C GLU A 14 1.86 6.35 -9.16
N TRP A 15 2.46 5.85 -8.09
CA TRP A 15 2.53 6.59 -6.83
C TRP A 15 3.69 6.11 -5.97
N TYR A 16 4.54 7.05 -5.56
CA TYR A 16 5.70 6.71 -4.74
C TYR A 16 5.31 6.62 -3.27
N VAL A 17 6.28 6.26 -2.43
CA VAL A 17 6.05 6.14 -1.00
C VAL A 17 7.28 6.54 -0.20
N ALA A 18 7.08 6.93 1.06
CA ALA A 18 8.18 7.33 1.92
C ALA A 18 8.65 6.16 2.78
N ILE A 19 9.76 5.55 2.37
CA ILE A 19 10.31 4.41 3.10
C ILE A 19 11.81 4.59 3.31
N ASP A 20 12.29 4.20 4.49
CA ASP A 20 13.72 4.31 4.81
C ASP A 20 14.15 5.77 4.83
N GLU A 21 13.20 6.67 5.06
CA GLU A 21 13.49 8.10 5.10
C GLU A 21 13.92 8.61 3.72
N LYS A 22 13.37 7.99 2.68
CA LYS A 22 13.68 8.39 1.31
C LYS A 22 12.53 8.06 0.37
N GLN A 23 12.58 8.62 -0.84
CA GLN A 23 11.53 8.38 -1.83
C GLN A 23 11.56 6.95 -2.33
N VAL A 24 10.38 6.41 -2.66
CA VAL A 24 10.28 5.05 -3.16
C VAL A 24 10.00 5.03 -4.66
N GLY A 25 10.31 3.90 -5.30
CA GLY A 25 10.09 3.77 -6.72
C GLY A 25 8.62 3.78 -7.09
N PRO A 26 8.33 3.79 -8.40
CA PRO A 26 6.95 3.80 -8.90
C PRO A 26 6.23 2.48 -8.65
N PHE A 27 5.08 2.56 -8.00
CA PHE A 27 4.29 1.37 -7.69
C PHE A 27 2.90 1.47 -8.30
N ASN A 28 2.13 0.39 -8.20
CA ASN A 28 0.78 0.35 -8.75
C ASN A 28 -0.17 -0.38 -7.80
N VAL A 29 -1.46 -0.10 -7.92
CA VAL A 29 -2.47 -0.73 -7.09
C VAL A 29 -2.38 -2.25 -7.18
N GLU A 30 -1.93 -2.75 -8.32
CA GLU A 30 -1.80 -4.19 -8.53
C GLU A 30 -0.54 -4.72 -7.85
N LYS A 31 0.45 -3.85 -7.67
CA LYS A 31 1.70 -4.23 -7.04
C LYS A 31 1.63 -4.06 -5.53
N VAL A 32 1.32 -2.84 -5.10
CA VAL A 32 1.21 -2.55 -3.67
C VAL A 32 0.24 -3.51 -2.98
N LYS A 33 -0.89 -3.75 -3.62
CA LYS A 33 -1.89 -4.66 -3.07
C LYS A 33 -1.25 -5.95 -2.56
N ASP A 34 -0.23 -6.40 -3.27
CA ASP A 34 0.47 -7.62 -2.89
C ASP A 34 1.53 -7.34 -1.82
N LEU A 35 2.19 -6.20 -1.95
CA LEU A 35 3.23 -5.80 -0.99
C LEU A 35 2.61 -5.52 0.38
N TRP A 36 1.74 -4.53 0.43
CA TRP A 36 1.08 -4.15 1.68
C TRP A 36 0.42 -5.37 2.33
N ASP A 37 -0.06 -6.29 1.50
CA ASP A 37 -0.71 -7.49 2.01
C ASP A 37 0.22 -8.29 2.91
N ARG A 38 1.48 -8.42 2.49
CA ARG A 38 2.47 -9.15 3.27
C ARG A 38 3.27 -8.21 4.15
N GLY A 39 3.10 -6.90 3.93
CA GLY A 39 3.81 -5.91 4.73
C GLY A 39 5.14 -5.53 4.11
N GLU A 40 5.17 -5.40 2.80
CA GLU A 40 6.38 -5.04 2.09
C GLU A 40 6.52 -3.52 1.98
N VAL A 41 5.40 -2.84 1.87
CA VAL A 41 5.38 -1.38 1.77
C VAL A 41 5.30 -0.73 3.15
N GLY A 42 5.16 0.60 3.16
CA GLY A 42 5.06 1.31 4.42
C GLY A 42 3.64 1.76 4.72
N PRO A 43 2.94 0.99 5.57
CA PRO A 43 1.56 1.29 5.95
C PRO A 43 1.47 2.52 6.85
N ASP A 44 2.43 2.66 7.75
CA ASP A 44 2.46 3.79 8.67
C ASP A 44 3.24 4.96 8.07
N SER A 45 3.93 4.70 6.97
CA SER A 45 4.72 5.73 6.31
C SER A 45 3.85 6.56 5.37
N LEU A 46 4.38 7.70 4.95
CA LEU A 46 3.65 8.60 4.05
C LEU A 46 3.69 8.09 2.62
N CYS A 47 2.64 8.38 1.86
CA CYS A 47 2.56 7.95 0.47
C CYS A 47 2.40 9.14 -0.46
N TRP A 48 3.16 9.13 -1.56
CA TRP A 48 3.10 10.21 -2.54
C TRP A 48 2.64 9.71 -3.89
N ARG A 49 2.44 10.63 -4.83
CA ARG A 49 2.00 10.27 -6.17
C ARG A 49 1.99 11.49 -7.08
N SER A 50 1.72 11.27 -8.36
CA SER A 50 1.69 12.35 -9.34
C SER A 50 0.59 13.35 -9.00
N GLY A 51 0.99 14.54 -8.57
CA GLY A 51 0.01 15.57 -8.23
C GLY A 51 -0.03 15.84 -6.74
N PHE A 52 0.50 14.92 -5.95
CA PHE A 52 0.51 15.06 -4.50
C PHE A 52 1.31 16.30 -4.08
N SER A 53 0.76 17.07 -3.14
CA SER A 53 1.42 18.27 -2.66
C SER A 53 1.97 18.07 -1.26
N ASP A 54 1.37 17.15 -0.52
CA ASP A 54 1.81 16.85 0.84
C ASP A 54 1.77 15.35 1.11
N TRP A 55 2.77 14.86 1.85
CA TRP A 55 2.84 13.44 2.17
C TRP A 55 1.85 13.08 3.28
N ILE A 56 1.15 11.97 3.08
CA ILE A 56 0.17 11.51 4.06
C ILE A 56 0.28 10.01 4.28
N PRO A 57 0.23 9.59 5.56
CA PRO A 57 0.32 8.19 5.94
C PRO A 57 -0.92 7.39 5.53
N LEU A 58 -0.72 6.13 5.17
CA LEU A 58 -1.82 5.26 4.75
C LEU A 58 -2.62 4.78 5.96
N SER A 59 -1.99 4.85 7.14
CA SER A 59 -2.64 4.41 8.37
C SER A 59 -3.60 5.48 8.89
N GLU A 60 -3.69 6.59 8.16
CA GLU A 60 -4.57 7.68 8.54
C GLU A 60 -5.66 7.90 7.50
N THR A 61 -5.45 7.36 6.31
CA THR A 61 -6.41 7.48 5.22
C THR A 61 -7.19 6.19 5.02
N ALA A 62 -8.51 6.29 5.07
CA ALA A 62 -9.38 5.12 4.89
C ALA A 62 -9.54 4.78 3.41
N GLU A 63 -9.09 5.68 2.55
CA GLU A 63 -9.18 5.47 1.11
C GLU A 63 -8.20 4.40 0.64
N LEU A 64 -7.34 3.96 1.56
CA LEU A 64 -6.35 2.93 1.25
C LEU A 64 -6.80 1.57 1.78
N ALA A 65 -7.78 1.58 2.68
CA ALA A 65 -8.29 0.36 3.26
C ALA A 65 -9.16 -0.40 2.26
N SER A 66 -9.82 0.33 1.37
CA SER A 66 -10.69 -0.28 0.37
C SER A 66 -9.87 -0.90 -0.75
N VAL A 67 -8.69 -0.34 -1.00
CA VAL A 67 -7.81 -0.84 -2.04
C VAL A 67 -6.84 -1.88 -1.49
N LEU A 68 -6.21 -1.56 -0.37
CA LEU A 68 -5.25 -2.46 0.27
C LEU A 68 -5.89 -3.20 1.43
N ALA A 69 -6.24 -4.47 1.20
CA ALA A 69 -6.87 -5.29 2.23
C ALA A 69 -5.82 -5.87 3.17
N PRO A 70 -6.20 -6.02 4.45
CA PRO A 70 -5.30 -6.56 5.48
C PRO A 70 -5.04 -8.05 5.29
N ARG A 71 -4.04 -8.57 6.00
CA ARG A 71 -3.68 -9.98 5.90
C ARG A 71 -4.90 -10.87 6.10
N PRO A 72 -4.86 -12.08 5.52
CA PRO A 72 -5.96 -13.04 5.63
C PRO A 72 -6.10 -13.61 7.04
N SER A 73 -7.29 -13.49 7.60
CA SER A 73 -7.56 -14.00 8.94
C SER A 73 -7.57 -15.53 8.96
N LYS A 74 -7.35 -16.10 10.14
CA LYS A 74 -7.33 -17.54 10.29
C LYS A 74 -8.58 -18.18 9.68
N PRO A 75 -8.40 -18.86 8.54
CA PRO A 75 -9.49 -19.53 7.83
C PRO A 75 -10.03 -20.73 8.58
N VAL A 76 -11.14 -21.27 8.11
CA VAL A 76 -11.76 -22.44 8.75
C VAL A 76 -11.19 -23.74 8.18
N ILE A 77 -11.22 -24.79 8.99
CA ILE A 77 -10.71 -26.09 8.59
C ILE A 77 -11.80 -27.16 8.70
N VAL A 78 -11.68 -28.20 7.87
CA VAL A 78 -12.64 -29.30 7.88
C VAL A 78 -12.02 -30.56 8.46
N ALA A 79 -12.87 -31.46 8.95
CA ALA A 79 -12.41 -32.71 9.52
C ALA A 79 -11.50 -33.46 8.56
N PRO A 80 -10.70 -34.39 9.11
CA PRO A 80 -9.77 -35.19 8.32
C PRO A 80 -10.48 -36.19 7.41
N GLU A 81 -11.79 -36.32 7.59
CA GLU A 81 -12.59 -37.23 6.79
C GLU A 81 -12.35 -37.01 5.30
N PRO A 82 -12.60 -38.05 4.50
CA PRO A 82 -12.41 -37.99 3.04
C PRO A 82 -13.44 -37.09 2.37
N VAL A 83 -12.96 -36.12 1.60
CA VAL A 83 -13.84 -35.19 0.90
C VAL A 83 -13.60 -35.24 -0.61
N SER A 84 -12.34 -35.38 -1.00
CA SER A 84 -11.98 -35.44 -2.41
C SER A 84 -11.04 -36.61 -2.68
N GLY A 85 -11.05 -37.10 -3.92
CA GLY A 85 -10.20 -38.21 -4.29
C GLY A 85 -8.74 -37.98 -3.91
N MET A 1 -15.57 -3.74 -11.17
CA MET A 1 -15.18 -5.06 -10.68
C MET A 1 -15.18 -6.08 -11.81
N ASP A 2 -15.18 -5.60 -13.04
CA ASP A 2 -15.18 -6.47 -14.21
C ASP A 2 -14.03 -6.11 -15.15
N LYS A 3 -12.90 -5.73 -14.58
CA LYS A 3 -11.73 -5.36 -15.36
C LYS A 3 -10.60 -6.39 -15.17
N GLU A 4 -9.42 -6.04 -15.64
CA GLU A 4 -8.26 -6.92 -15.52
C GLU A 4 -7.36 -6.51 -14.36
N GLU A 5 -6.27 -7.24 -14.17
CA GLU A 5 -5.34 -6.95 -13.10
C GLU A 5 -3.92 -6.74 -13.64
N ALA A 6 -3.67 -7.30 -14.81
CA ALA A 6 -2.35 -7.17 -15.44
C ALA A 6 -2.37 -6.10 -16.54
N LYS A 7 -3.24 -6.28 -17.52
CA LYS A 7 -3.36 -5.33 -18.62
C LYS A 7 -4.13 -4.09 -18.18
N ALA A 8 -4.94 -4.24 -17.13
CA ALA A 8 -5.73 -3.13 -16.62
C ALA A 8 -4.83 -1.96 -16.20
N ASN A 9 -5.45 -0.86 -15.80
CA ASN A 9 -4.72 0.32 -15.37
C ASN A 9 -4.32 0.22 -13.91
N ALA A 10 -4.99 -0.66 -13.19
CA ALA A 10 -4.71 -0.86 -11.77
C ALA A 10 -3.23 -1.16 -11.53
N ALA A 11 -2.62 -1.87 -12.48
CA ALA A 11 -1.21 -2.22 -12.38
C ALA A 11 -0.35 -1.25 -13.18
N ALA A 12 -0.87 -0.05 -13.41
CA ALA A 12 -0.14 0.97 -14.15
C ALA A 12 0.00 2.25 -13.34
N HIS A 13 -0.45 2.20 -12.08
CA HIS A 13 -0.38 3.36 -11.20
C HIS A 13 1.06 3.63 -10.79
N GLU A 14 1.40 4.91 -10.65
CA GLU A 14 2.75 5.31 -10.26
C GLU A 14 2.71 6.28 -9.09
N TRP A 15 3.13 5.81 -7.92
CA TRP A 15 3.15 6.65 -6.73
C TRP A 15 4.25 6.20 -5.77
N TYR A 16 5.04 7.16 -5.29
CA TYR A 16 6.12 6.86 -4.37
C TYR A 16 5.63 6.86 -2.92
N VAL A 17 6.52 6.55 -1.99
CA VAL A 17 6.18 6.51 -0.58
C VAL A 17 7.32 7.03 0.28
N ALA A 18 7.00 7.43 1.51
CA ALA A 18 8.00 7.94 2.44
C ALA A 18 8.52 6.84 3.35
N ILE A 19 9.69 6.30 3.03
CA ILE A 19 10.29 5.24 3.81
C ILE A 19 11.71 5.61 4.25
N ASP A 20 11.98 5.51 5.55
CA ASP A 20 13.29 5.83 6.08
C ASP A 20 13.66 7.28 5.78
N GLU A 21 12.65 8.13 5.67
CA GLU A 21 12.87 9.54 5.38
C GLU A 21 13.32 9.74 3.93
N LYS A 22 13.26 8.66 3.15
CA LYS A 22 13.66 8.71 1.75
C LYS A 22 12.52 8.26 0.85
N GLN A 23 12.65 8.53 -0.44
CA GLN A 23 11.63 8.15 -1.42
C GLN A 23 11.80 6.69 -1.84
N VAL A 24 10.69 6.03 -2.15
CA VAL A 24 10.72 4.64 -2.57
C VAL A 24 10.55 4.51 -4.08
N GLY A 25 10.68 3.29 -4.58
CA GLY A 25 10.53 3.06 -6.02
C GLY A 25 9.10 3.16 -6.47
N PRO A 26 8.88 3.05 -7.79
CA PRO A 26 7.56 3.13 -8.39
C PRO A 26 6.68 1.93 -8.05
N PHE A 27 5.55 2.19 -7.42
CA PHE A 27 4.62 1.13 -7.03
C PHE A 27 3.27 1.31 -7.71
N ASN A 28 2.43 0.27 -7.64
CA ASN A 28 1.11 0.31 -8.25
C ASN A 28 0.08 -0.37 -7.36
N VAL A 29 -1.20 -0.13 -7.66
CA VAL A 29 -2.28 -0.72 -6.88
C VAL A 29 -2.20 -2.25 -6.90
N GLU A 30 -1.59 -2.79 -7.94
CA GLU A 30 -1.45 -4.24 -8.08
C GLU A 30 -0.27 -4.75 -7.27
N LYS A 31 0.71 -3.88 -7.05
CA LYS A 31 1.90 -4.24 -6.28
C LYS A 31 1.70 -3.95 -4.80
N VAL A 32 1.44 -2.68 -4.48
CA VAL A 32 1.23 -2.27 -3.09
C VAL A 32 0.21 -3.17 -2.40
N LYS A 33 -0.89 -3.45 -3.09
CA LYS A 33 -1.95 -4.30 -2.55
C LYS A 33 -1.36 -5.56 -1.92
N ASP A 34 -0.32 -6.10 -2.55
CA ASP A 34 0.34 -7.30 -2.05
C ASP A 34 1.37 -6.95 -0.99
N LEU A 35 2.00 -5.79 -1.13
CA LEU A 35 3.01 -5.34 -0.19
C LEU A 35 2.38 -4.96 1.14
N TRP A 36 1.50 -3.97 1.13
CA TRP A 36 0.82 -3.51 2.33
C TRP A 36 0.16 -4.68 3.05
N ASP A 37 -0.25 -5.69 2.29
CA ASP A 37 -0.90 -6.86 2.87
C ASP A 37 0.05 -7.58 3.84
N ARG A 38 1.30 -7.74 3.43
CA ARG A 38 2.29 -8.40 4.27
C ARG A 38 3.08 -7.39 5.09
N GLY A 39 2.92 -6.12 4.77
CA GLY A 39 3.62 -5.07 5.49
C GLY A 39 4.94 -4.71 4.85
N GLU A 40 4.96 -4.65 3.52
CA GLU A 40 6.17 -4.32 2.79
C GLU A 40 6.28 -2.81 2.58
N VAL A 41 5.14 -2.15 2.41
CA VAL A 41 5.12 -0.71 2.20
C VAL A 41 4.99 0.03 3.53
N GLY A 42 4.79 1.34 3.45
CA GLY A 42 4.67 2.15 4.66
C GLY A 42 3.24 2.58 4.92
N PRO A 43 2.53 1.81 5.75
CA PRO A 43 1.13 2.10 6.11
C PRO A 43 1.01 3.34 6.98
N ASP A 44 1.93 3.50 7.91
CA ASP A 44 1.92 4.65 8.82
C ASP A 44 2.71 5.81 8.22
N SER A 45 3.48 5.53 7.19
CA SER A 45 4.30 6.54 6.53
C SER A 45 3.50 7.29 5.47
N LEU A 46 3.99 8.45 5.06
CA LEU A 46 3.32 9.25 4.06
C LEU A 46 3.52 8.67 2.66
N CYS A 47 2.58 8.95 1.77
CA CYS A 47 2.65 8.44 0.40
C CYS A 47 2.57 9.59 -0.61
N TRP A 48 3.41 9.55 -1.62
CA TRP A 48 3.43 10.58 -2.65
C TRP A 48 3.09 9.99 -4.02
N ARG A 49 2.89 10.87 -5.00
CA ARG A 49 2.55 10.44 -6.36
C ARG A 49 2.63 11.61 -7.33
N SER A 50 2.62 11.29 -8.63
CA SER A 50 2.68 12.32 -9.66
C SER A 50 1.57 13.34 -9.49
N GLY A 51 1.93 14.54 -9.06
CA GLY A 51 0.94 15.58 -8.86
C GLY A 51 0.78 15.97 -7.40
N PHE A 52 1.11 15.04 -6.51
CA PHE A 52 1.01 15.29 -5.08
C PHE A 52 1.78 16.54 -4.68
N SER A 53 1.16 17.37 -3.85
CA SER A 53 1.79 18.61 -3.39
C SER A 53 2.26 18.48 -1.94
N ASP A 54 1.61 17.59 -1.20
CA ASP A 54 1.95 17.38 0.20
C ASP A 54 1.87 15.90 0.55
N TRP A 55 2.79 15.44 1.39
CA TRP A 55 2.82 14.04 1.81
C TRP A 55 1.72 13.76 2.83
N ILE A 56 1.14 12.56 2.75
CA ILE A 56 0.08 12.17 3.67
C ILE A 56 0.14 10.66 3.96
N PRO A 57 -0.02 10.32 5.25
CA PRO A 57 0.01 8.92 5.70
C PRO A 57 -1.21 8.13 5.22
N LEU A 58 -1.00 6.85 4.91
CA LEU A 58 -2.08 5.99 4.45
C LEU A 58 -2.97 5.56 5.61
N SER A 59 -2.44 5.66 6.83
CA SER A 59 -3.19 5.29 8.02
C SER A 59 -4.18 6.37 8.40
N GLU A 60 -4.17 7.47 7.66
CA GLU A 60 -5.07 8.59 7.92
C GLU A 60 -6.04 8.80 6.77
N THR A 61 -5.73 8.20 5.62
CA THR A 61 -6.58 8.32 4.45
C THR A 61 -7.52 7.13 4.32
N ALA A 62 -8.81 7.41 4.18
CA ALA A 62 -9.81 6.35 4.05
C ALA A 62 -9.86 5.82 2.62
N GLU A 63 -9.05 6.42 1.75
CA GLU A 63 -9.01 5.99 0.34
C GLU A 63 -7.98 4.88 0.15
N LEU A 64 -7.47 4.35 1.25
CA LEU A 64 -6.48 3.28 1.20
C LEU A 64 -7.03 2.00 1.83
N ALA A 65 -8.07 2.15 2.64
CA ALA A 65 -8.68 1.00 3.30
C ALA A 65 -9.57 0.22 2.34
N SER A 66 -10.04 0.89 1.29
CA SER A 66 -10.89 0.26 0.30
C SER A 66 -10.07 -0.38 -0.80
N VAL A 67 -8.80 0.01 -0.88
CA VAL A 67 -7.89 -0.53 -1.90
C VAL A 67 -6.90 -1.51 -1.28
N LEU A 68 -6.30 -1.11 -0.16
CA LEU A 68 -5.33 -1.96 0.52
C LEU A 68 -5.98 -2.69 1.70
N ALA A 69 -6.24 -3.98 1.52
CA ALA A 69 -6.85 -4.79 2.56
C ALA A 69 -5.80 -5.64 3.28
N PRO A 70 -5.60 -5.35 4.58
CA PRO A 70 -4.63 -6.06 5.41
C PRO A 70 -5.07 -7.49 5.70
N ARG A 71 -4.13 -8.43 5.59
CA ARG A 71 -4.41 -9.83 5.84
C ARG A 71 -3.36 -10.46 6.75
N PRO A 72 -3.70 -11.59 7.38
CA PRO A 72 -2.80 -12.30 8.29
C PRO A 72 -1.63 -12.94 7.56
N SER A 73 -0.42 -12.62 7.99
CA SER A 73 0.78 -13.17 7.37
C SER A 73 1.64 -13.90 8.41
N LYS A 74 2.51 -14.79 7.92
CA LYS A 74 3.38 -15.55 8.79
C LYS A 74 4.81 -15.03 8.74
N PRO A 75 5.58 -15.29 9.81
CA PRO A 75 6.97 -14.84 9.89
C PRO A 75 7.89 -15.60 8.92
N VAL A 76 8.75 -14.85 8.25
CA VAL A 76 9.68 -15.45 7.30
C VAL A 76 11.11 -14.97 7.54
N ILE A 77 12.07 -15.85 7.32
CA ILE A 77 13.48 -15.52 7.52
C ILE A 77 14.19 -15.32 6.18
N VAL A 78 14.96 -14.24 6.08
CA VAL A 78 15.70 -13.94 4.86
C VAL A 78 17.19 -13.77 5.14
N ALA A 79 18.01 -14.16 4.18
CA ALA A 79 19.46 -14.05 4.33
C ALA A 79 20.00 -12.89 3.51
N PRO A 80 20.21 -11.75 4.17
CA PRO A 80 20.74 -10.54 3.52
C PRO A 80 22.20 -10.68 3.12
N GLU A 81 22.93 -11.52 3.84
CA GLU A 81 24.35 -11.75 3.56
C GLU A 81 24.56 -12.12 2.10
N PRO A 82 25.77 -11.87 1.59
CA PRO A 82 26.13 -12.16 0.20
C PRO A 82 26.21 -13.67 -0.07
N VAL A 83 26.22 -14.04 -1.35
CA VAL A 83 26.30 -15.44 -1.74
C VAL A 83 27.71 -15.81 -2.17
N SER A 84 28.47 -14.82 -2.64
CA SER A 84 29.83 -15.03 -3.09
C SER A 84 30.83 -14.42 -2.12
N GLY A 85 31.55 -15.26 -1.39
CA GLY A 85 32.52 -14.78 -0.43
C GLY A 85 31.92 -14.53 0.94
N MET A 1 10.84 -2.46 -27.85
CA MET A 1 9.52 -1.90 -27.59
C MET A 1 9.49 -1.20 -26.23
N ASP A 2 8.46 -0.37 -26.03
CA ASP A 2 8.32 0.36 -24.78
C ASP A 2 6.94 0.12 -24.16
N LYS A 3 6.38 -1.06 -24.43
CA LYS A 3 5.06 -1.42 -23.90
C LYS A 3 5.05 -2.85 -23.40
N GLU A 4 4.43 -3.06 -22.25
CA GLU A 4 4.35 -4.39 -21.66
C GLU A 4 2.91 -4.73 -21.28
N GLU A 5 2.71 -5.92 -20.73
CA GLU A 5 1.38 -6.37 -20.32
C GLU A 5 1.14 -6.08 -18.84
N ALA A 6 2.20 -5.71 -18.13
CA ALA A 6 2.10 -5.41 -16.71
C ALA A 6 1.79 -3.93 -16.49
N LYS A 7 1.98 -3.13 -17.54
CA LYS A 7 1.72 -1.69 -17.45
C LYS A 7 0.29 -1.38 -17.86
N ALA A 8 -0.54 -2.41 -17.95
CA ALA A 8 -1.94 -2.24 -18.32
C ALA A 8 -2.64 -1.24 -17.40
N ASN A 9 -3.90 -0.95 -17.69
CA ASN A 9 -4.67 -0.02 -16.89
C ASN A 9 -4.71 -0.45 -15.43
N ALA A 10 -4.94 -1.75 -15.21
CA ALA A 10 -5.00 -2.29 -13.86
C ALA A 10 -3.77 -1.89 -13.05
N ALA A 11 -2.62 -1.81 -13.72
CA ALA A 11 -1.38 -1.44 -13.05
C ALA A 11 -0.81 -0.16 -13.65
N ALA A 12 -1.70 0.72 -14.13
CA ALA A 12 -1.28 1.98 -14.72
C ALA A 12 -1.13 3.06 -13.67
N HIS A 13 -1.25 2.66 -12.40
CA HIS A 13 -1.13 3.61 -11.29
C HIS A 13 0.33 3.87 -10.96
N GLU A 14 0.68 5.13 -10.75
CA GLU A 14 2.04 5.52 -10.42
C GLU A 14 2.08 6.39 -9.17
N TRP A 15 2.59 5.83 -8.08
CA TRP A 15 2.69 6.56 -6.82
C TRP A 15 3.87 6.07 -6.00
N TYR A 16 4.54 7.00 -5.34
CA TYR A 16 5.70 6.66 -4.51
C TYR A 16 5.32 6.62 -3.03
N VAL A 17 6.29 6.28 -2.20
CA VAL A 17 6.06 6.20 -0.75
C VAL A 17 7.29 6.68 0.02
N ALA A 18 7.09 6.99 1.30
CA ALA A 18 8.18 7.45 2.15
C ALA A 18 8.77 6.30 2.96
N ILE A 19 9.90 5.78 2.51
CA ILE A 19 10.57 4.68 3.19
C ILE A 19 12.05 4.96 3.37
N ASP A 20 12.54 4.78 4.60
CA ASP A 20 13.95 5.01 4.90
C ASP A 20 14.30 6.49 4.79
N GLU A 21 13.29 7.35 4.97
CA GLU A 21 13.50 8.79 4.88
C GLU A 21 13.79 9.20 3.45
N LYS A 22 13.20 8.50 2.50
CA LYS A 22 13.41 8.79 1.08
C LYS A 22 12.27 8.22 0.23
N GLN A 23 12.19 8.66 -1.01
CA GLN A 23 11.15 8.19 -1.92
C GLN A 23 11.43 6.77 -2.39
N VAL A 24 10.37 6.03 -2.70
CA VAL A 24 10.51 4.65 -3.15
C VAL A 24 10.31 4.56 -4.66
N GLY A 25 10.47 3.35 -5.20
CA GLY A 25 10.30 3.15 -6.63
C GLY A 25 8.85 3.24 -7.06
N PRO A 26 8.63 3.18 -8.38
CA PRO A 26 7.28 3.25 -8.95
C PRO A 26 6.44 2.01 -8.64
N PHE A 27 5.30 2.22 -7.99
CA PHE A 27 4.41 1.12 -7.64
C PHE A 27 3.04 1.31 -8.28
N ASN A 28 2.23 0.25 -8.23
CA ASN A 28 0.89 0.29 -8.80
C ASN A 28 -0.11 -0.44 -7.90
N VAL A 29 -1.38 -0.05 -8.00
CA VAL A 29 -2.43 -0.68 -7.21
C VAL A 29 -2.43 -2.19 -7.38
N GLU A 30 -1.94 -2.65 -8.53
CA GLU A 30 -1.89 -4.07 -8.82
C GLU A 30 -0.69 -4.72 -8.13
N LYS A 31 0.35 -3.94 -7.90
CA LYS A 31 1.56 -4.44 -7.25
C LYS A 31 1.47 -4.28 -5.74
N VAL A 32 1.24 -3.06 -5.29
CA VAL A 32 1.13 -2.77 -3.86
C VAL A 32 0.12 -3.71 -3.19
N LYS A 33 -1.03 -3.89 -3.84
CA LYS A 33 -2.06 -4.77 -3.32
C LYS A 33 -1.47 -6.09 -2.82
N ASP A 34 -0.44 -6.56 -3.51
CA ASP A 34 0.22 -7.81 -3.15
C ASP A 34 1.28 -7.58 -2.07
N LEU A 35 2.01 -6.47 -2.21
CA LEU A 35 3.05 -6.14 -1.24
C LEU A 35 2.46 -5.88 0.14
N TRP A 36 1.59 -4.87 0.22
CA TRP A 36 0.94 -4.53 1.49
C TRP A 36 0.29 -5.75 2.11
N ASP A 37 -0.27 -6.61 1.28
CA ASP A 37 -0.92 -7.83 1.76
C ASP A 37 0.01 -8.65 2.64
N ARG A 38 1.26 -8.79 2.20
CA ARG A 38 2.25 -9.56 2.94
C ARG A 38 3.04 -8.64 3.88
N GLY A 39 2.90 -7.33 3.68
CA GLY A 39 3.60 -6.38 4.51
C GLY A 39 4.94 -5.98 3.92
N GLU A 40 4.99 -5.84 2.60
CA GLU A 40 6.22 -5.46 1.91
C GLU A 40 6.38 -3.94 1.89
N VAL A 41 5.27 -3.23 1.84
CA VAL A 41 5.28 -1.77 1.81
C VAL A 41 5.23 -1.20 3.23
N GLY A 42 5.10 0.12 3.32
CA GLY A 42 5.05 0.77 4.61
C GLY A 42 3.67 1.32 4.92
N PRO A 43 2.98 0.69 5.87
CA PRO A 43 1.63 1.11 6.28
C PRO A 43 1.64 2.44 7.05
N ASP A 44 2.65 2.62 7.89
CA ASP A 44 2.77 3.85 8.68
C ASP A 44 3.50 4.92 7.88
N SER A 45 4.06 4.53 6.75
CA SER A 45 4.79 5.46 5.90
C SER A 45 3.84 6.30 5.06
N LEU A 46 4.29 7.49 4.67
CA LEU A 46 3.47 8.40 3.87
C LEU A 46 3.52 8.01 2.39
N CYS A 47 2.38 8.07 1.73
CA CYS A 47 2.29 7.73 0.30
C CYS A 47 2.09 8.97 -0.54
N TRP A 48 2.83 9.07 -1.63
CA TRP A 48 2.73 10.22 -2.53
C TRP A 48 2.40 9.77 -3.96
N ARG A 49 1.88 10.69 -4.75
CA ARG A 49 1.52 10.39 -6.14
C ARG A 49 1.47 11.66 -6.97
N SER A 50 1.51 11.50 -8.29
CA SER A 50 1.46 12.64 -9.20
C SER A 50 0.21 13.48 -8.97
N GLY A 51 0.39 14.64 -8.35
CA GLY A 51 -0.74 15.51 -8.07
C GLY A 51 -1.04 15.62 -6.59
N PHE A 52 -0.51 14.69 -5.81
CA PHE A 52 -0.73 14.68 -4.36
C PHE A 52 -0.30 16.01 -3.75
N SER A 53 -1.24 16.66 -3.06
CA SER A 53 -0.97 17.95 -2.42
C SER A 53 0.13 17.82 -1.38
N ASP A 54 0.04 16.77 -0.56
CA ASP A 54 1.03 16.53 0.49
C ASP A 54 1.15 15.04 0.80
N TRP A 55 2.03 14.69 1.72
CA TRP A 55 2.24 13.30 2.10
C TRP A 55 1.31 12.91 3.25
N ILE A 56 0.81 11.69 3.21
CA ILE A 56 -0.10 11.20 4.24
C ILE A 56 0.04 9.68 4.41
N PRO A 57 0.24 9.24 5.65
CA PRO A 57 0.38 7.82 5.97
C PRO A 57 -0.93 7.05 5.81
N LEU A 58 -0.83 5.79 5.42
CA LEU A 58 -2.01 4.95 5.23
C LEU A 58 -2.76 4.76 6.54
N SER A 59 -2.02 4.65 7.64
CA SER A 59 -2.62 4.47 8.95
C SER A 59 -3.50 5.65 9.32
N GLU A 60 -3.40 6.72 8.54
CA GLU A 60 -4.18 7.92 8.78
C GLU A 60 -5.29 8.07 7.74
N THR A 61 -5.04 7.55 6.54
CA THR A 61 -6.02 7.63 5.46
C THR A 61 -6.59 6.24 5.14
N ALA A 62 -7.91 6.12 5.18
CA ALA A 62 -8.56 4.86 4.89
C ALA A 62 -8.70 4.64 3.39
N GLU A 63 -8.50 5.71 2.62
CA GLU A 63 -8.60 5.64 1.16
C GLU A 63 -7.61 4.62 0.60
N LEU A 64 -6.57 4.34 1.37
CA LEU A 64 -5.55 3.38 0.95
C LEU A 64 -5.91 1.97 1.37
N ALA A 65 -6.66 1.86 2.47
CA ALA A 65 -7.09 0.56 2.98
C ALA A 65 -8.13 -0.08 2.05
N SER A 66 -9.10 0.72 1.63
CA SER A 66 -10.15 0.24 0.75
C SER A 66 -9.56 -0.53 -0.44
N VAL A 67 -8.35 -0.14 -0.84
CA VAL A 67 -7.68 -0.78 -1.97
C VAL A 67 -6.71 -1.85 -1.49
N LEU A 68 -6.06 -1.58 -0.36
CA LEU A 68 -5.09 -2.52 0.21
C LEU A 68 -5.72 -3.31 1.35
N ALA A 69 -6.04 -4.58 1.08
CA ALA A 69 -6.65 -5.45 2.08
C ALA A 69 -5.62 -6.39 2.67
N PRO A 70 -5.35 -6.24 3.98
CA PRO A 70 -4.38 -7.07 4.70
C PRO A 70 -4.87 -8.51 4.87
N ARG A 71 -3.96 -9.40 5.26
CA ARG A 71 -4.30 -10.79 5.47
C ARG A 71 -5.14 -10.98 6.73
N PRO A 72 -5.94 -12.05 6.76
CA PRO A 72 -6.80 -12.36 7.90
C PRO A 72 -6.02 -12.79 9.13
N SER A 73 -6.25 -12.10 10.24
CA SER A 73 -5.56 -12.41 11.49
C SER A 73 -6.52 -12.37 12.67
N LYS A 74 -6.14 -13.03 13.76
CA LYS A 74 -6.97 -13.08 14.95
C LYS A 74 -6.80 -11.80 15.78
N PRO A 75 -7.77 -11.54 16.66
CA PRO A 75 -7.76 -10.35 17.52
C PRO A 75 -6.67 -10.42 18.59
N VAL A 76 -6.31 -9.27 19.13
CA VAL A 76 -5.28 -9.20 20.16
C VAL A 76 -5.90 -9.01 21.54
N ILE A 77 -5.21 -9.49 22.56
CA ILE A 77 -5.69 -9.36 23.94
C ILE A 77 -4.56 -8.95 24.88
N VAL A 78 -4.92 -8.22 25.93
CA VAL A 78 -3.95 -7.76 26.91
C VAL A 78 -3.22 -8.94 27.56
N ALA A 79 -1.95 -9.08 27.24
CA ALA A 79 -1.14 -10.16 27.80
C ALA A 79 -0.23 -9.65 28.92
N PRO A 80 0.25 -10.58 29.76
CA PRO A 80 1.13 -10.24 30.88
C PRO A 80 2.52 -9.82 30.41
N GLU A 81 2.97 -10.38 29.29
CA GLU A 81 4.27 -10.05 28.75
C GLU A 81 4.15 -9.05 27.59
N PRO A 82 5.03 -8.05 27.58
CA PRO A 82 5.04 -7.01 26.54
C PRO A 82 5.50 -7.56 25.19
N VAL A 83 4.67 -7.36 24.17
CA VAL A 83 4.99 -7.82 22.83
C VAL A 83 5.13 -6.65 21.86
N SER A 84 4.47 -5.55 22.17
CA SER A 84 4.52 -4.36 21.33
C SER A 84 5.96 -3.87 21.18
N GLY A 85 6.29 -3.42 19.96
CA GLY A 85 7.64 -2.93 19.70
C GLY A 85 7.81 -1.49 20.11
N MET A 1 -0.50 -19.31 -18.15
CA MET A 1 -1.48 -18.32 -17.71
C MET A 1 -2.19 -17.71 -18.92
N ASP A 2 -3.42 -17.23 -18.68
CA ASP A 2 -4.21 -16.63 -19.75
C ASP A 2 -4.67 -15.23 -19.35
N LYS A 3 -3.82 -14.52 -18.62
CA LYS A 3 -4.14 -13.18 -18.17
C LYS A 3 -2.91 -12.27 -18.24
N GLU A 4 -3.14 -10.99 -18.49
CA GLU A 4 -2.06 -10.02 -18.58
C GLU A 4 -2.38 -8.76 -17.78
N GLU A 5 -1.35 -7.96 -17.52
CA GLU A 5 -1.52 -6.72 -16.77
C GLU A 5 -1.22 -5.50 -17.64
N ALA A 6 -0.43 -5.70 -18.68
CA ALA A 6 -0.07 -4.63 -19.59
C ALA A 6 -1.31 -3.99 -20.21
N LYS A 7 -2.41 -4.72 -20.17
CA LYS A 7 -3.67 -4.22 -20.73
C LYS A 7 -4.70 -3.95 -19.63
N ALA A 8 -4.20 -3.86 -18.40
CA ALA A 8 -5.08 -3.60 -17.26
C ALA A 8 -4.72 -2.26 -16.60
N ASN A 9 -5.76 -1.49 -16.27
CA ASN A 9 -5.57 -0.19 -15.63
C ASN A 9 -5.17 -0.34 -14.17
N ALA A 10 -5.57 -1.46 -13.57
CA ALA A 10 -5.26 -1.73 -12.17
C ALA A 10 -3.76 -1.67 -11.93
N ALA A 11 -2.98 -1.90 -12.97
CA ALA A 11 -1.52 -1.87 -12.88
C ALA A 11 -0.95 -0.67 -13.61
N ALA A 12 -1.80 0.31 -13.89
CA ALA A 12 -1.37 1.52 -14.59
C ALA A 12 -1.32 2.72 -13.65
N HIS A 13 -1.17 2.43 -12.36
CA HIS A 13 -1.11 3.49 -11.35
C HIS A 13 0.35 3.83 -11.01
N GLU A 14 0.61 5.10 -10.76
CA GLU A 14 1.95 5.55 -10.42
C GLU A 14 1.94 6.41 -9.15
N TRP A 15 2.49 5.86 -8.08
CA TRP A 15 2.54 6.57 -6.81
C TRP A 15 3.71 6.08 -5.96
N TYR A 16 4.54 7.03 -5.51
CA TYR A 16 5.69 6.70 -4.69
C TYR A 16 5.31 6.58 -3.22
N VAL A 17 6.28 6.21 -2.38
CA VAL A 17 6.04 6.06 -0.95
C VAL A 17 7.26 6.49 -0.15
N ALA A 18 7.03 6.89 1.09
CA ALA A 18 8.11 7.33 1.97
C ALA A 18 8.65 6.18 2.80
N ILE A 19 9.79 5.63 2.37
CA ILE A 19 10.41 4.51 3.07
C ILE A 19 11.90 4.75 3.27
N ASP A 20 12.40 4.44 4.46
CA ASP A 20 13.81 4.63 4.78
C ASP A 20 14.19 6.10 4.75
N GLU A 21 13.20 6.97 4.99
CA GLU A 21 13.43 8.40 4.99
C GLU A 21 13.75 8.90 3.58
N LYS A 22 13.18 8.24 2.59
CA LYS A 22 13.40 8.61 1.18
C LYS A 22 12.27 8.09 0.31
N GLN A 23 12.15 8.67 -0.89
CA GLN A 23 11.11 8.25 -1.83
C GLN A 23 11.46 6.92 -2.48
N VAL A 24 10.44 6.14 -2.82
CA VAL A 24 10.65 4.84 -3.45
C VAL A 24 10.27 4.89 -4.93
N GLY A 25 10.47 3.77 -5.61
CA GLY A 25 10.16 3.70 -7.03
C GLY A 25 8.66 3.73 -7.29
N PRO A 26 8.28 3.81 -8.57
CA PRO A 26 6.88 3.85 -8.99
C PRO A 26 6.16 2.51 -8.75
N PHE A 27 5.09 2.56 -7.98
CA PHE A 27 4.32 1.36 -7.68
C PHE A 27 2.91 1.45 -8.25
N ASN A 28 2.16 0.35 -8.18
CA ASN A 28 0.80 0.31 -8.70
C ASN A 28 -0.11 -0.48 -7.77
N VAL A 29 -1.41 -0.35 -7.98
CA VAL A 29 -2.39 -1.06 -7.16
C VAL A 29 -2.30 -2.56 -7.38
N GLU A 30 -1.70 -2.96 -8.50
CA GLU A 30 -1.55 -4.37 -8.83
C GLU A 30 -0.32 -4.97 -8.15
N LYS A 31 0.68 -4.12 -7.91
CA LYS A 31 1.91 -4.55 -7.26
C LYS A 31 1.84 -4.35 -5.76
N VAL A 32 1.34 -3.19 -5.34
CA VAL A 32 1.21 -2.88 -3.93
C VAL A 32 0.25 -3.84 -3.24
N LYS A 33 -0.83 -4.19 -3.92
CA LYS A 33 -1.82 -5.10 -3.38
C LYS A 33 -1.16 -6.35 -2.80
N ASP A 34 -0.09 -6.79 -3.46
CA ASP A 34 0.65 -7.97 -3.02
C ASP A 34 1.70 -7.60 -1.97
N LEU A 35 2.20 -6.37 -2.06
CA LEU A 35 3.21 -5.90 -1.12
C LEU A 35 2.61 -5.61 0.24
N TRP A 36 1.69 -4.64 0.28
CA TRP A 36 1.04 -4.28 1.53
C TRP A 36 0.40 -5.49 2.19
N ASP A 37 -0.08 -6.42 1.38
CA ASP A 37 -0.70 -7.64 1.89
C ASP A 37 0.26 -8.42 2.77
N ARG A 38 1.49 -8.54 2.32
CA ARG A 38 2.52 -9.26 3.08
C ARG A 38 3.31 -8.32 3.98
N GLY A 39 3.14 -7.01 3.75
CA GLY A 39 3.84 -6.03 4.55
C GLY A 39 5.16 -5.62 3.93
N GLU A 40 5.15 -5.41 2.62
CA GLU A 40 6.36 -5.01 1.90
C GLU A 40 6.46 -3.49 1.81
N VAL A 41 5.31 -2.83 1.70
CA VAL A 41 5.27 -1.37 1.60
C VAL A 41 5.19 -0.73 2.98
N GLY A 42 4.99 0.58 3.01
CA GLY A 42 4.90 1.29 4.27
C GLY A 42 3.48 1.70 4.59
N PRO A 43 2.79 0.89 5.41
CA PRO A 43 1.41 1.16 5.81
C PRO A 43 1.30 2.35 6.76
N ASP A 44 2.28 2.48 7.65
CA ASP A 44 2.29 3.58 8.60
C ASP A 44 3.08 4.77 8.06
N SER A 45 3.83 4.53 6.99
CA SER A 45 4.63 5.58 6.37
C SER A 45 3.79 6.42 5.42
N LEU A 46 4.31 7.59 5.06
CA LEU A 46 3.62 8.50 4.16
C LEU A 46 3.67 8.00 2.73
N CYS A 47 2.65 8.33 1.94
CA CYS A 47 2.59 7.90 0.54
C CYS A 47 2.41 9.11 -0.38
N TRP A 48 3.13 9.11 -1.49
CA TRP A 48 3.05 10.20 -2.46
C TRP A 48 2.59 9.69 -3.81
N ARG A 49 2.37 10.62 -4.74
CA ARG A 49 1.93 10.25 -6.09
C ARG A 49 1.92 11.47 -7.00
N SER A 50 1.77 11.24 -8.30
CA SER A 50 1.75 12.32 -9.28
C SER A 50 0.61 13.29 -8.99
N GLY A 51 0.97 14.49 -8.52
CA GLY A 51 -0.02 15.49 -8.21
C GLY A 51 -0.12 15.78 -6.72
N PHE A 52 0.34 14.83 -5.91
CA PHE A 52 0.29 14.99 -4.46
C PHE A 52 1.01 16.27 -4.03
N SER A 53 0.36 17.02 -3.15
CA SER A 53 0.94 18.27 -2.66
C SER A 53 1.70 18.06 -1.36
N ASP A 54 1.29 17.05 -0.61
CA ASP A 54 1.94 16.73 0.67
C ASP A 54 2.00 15.22 0.88
N TRP A 55 2.56 14.81 2.01
CA TRP A 55 2.68 13.40 2.34
C TRP A 55 1.73 13.01 3.47
N ILE A 56 1.02 11.90 3.28
CA ILE A 56 0.06 11.43 4.28
C ILE A 56 0.17 9.92 4.46
N PRO A 57 0.20 9.47 5.73
CA PRO A 57 0.29 8.05 6.06
C PRO A 57 -0.99 7.29 5.71
N LEU A 58 -0.83 6.03 5.31
CA LEU A 58 -1.96 5.19 4.94
C LEU A 58 -2.70 4.70 6.18
N SER A 59 -2.01 4.72 7.32
CA SER A 59 -2.61 4.29 8.57
C SER A 59 -3.54 5.35 9.14
N GLU A 60 -3.63 6.48 8.44
CA GLU A 60 -4.49 7.58 8.88
C GLU A 60 -5.62 7.81 7.87
N THR A 61 -5.41 7.37 6.64
CA THR A 61 -6.41 7.52 5.60
C THR A 61 -7.11 6.20 5.29
N ALA A 62 -8.44 6.21 5.34
CA ALA A 62 -9.23 5.01 5.07
C ALA A 62 -9.39 4.79 3.56
N GLU A 63 -9.00 5.79 2.78
CA GLU A 63 -9.11 5.70 1.33
C GLU A 63 -8.13 4.67 0.78
N LEU A 64 -7.13 4.33 1.57
CA LEU A 64 -6.11 3.37 1.16
C LEU A 64 -6.55 1.95 1.54
N ALA A 65 -7.56 1.85 2.39
CA ALA A 65 -8.07 0.55 2.82
C ALA A 65 -8.90 -0.12 1.72
N SER A 66 -9.67 0.70 1.00
CA SER A 66 -10.52 0.19 -0.08
C SER A 66 -9.67 -0.44 -1.18
N VAL A 67 -8.38 -0.10 -1.20
CA VAL A 67 -7.46 -0.62 -2.21
C VAL A 67 -6.60 -1.74 -1.63
N LEU A 68 -6.01 -1.47 -0.47
CA LEU A 68 -5.15 -2.44 0.20
C LEU A 68 -5.92 -3.19 1.28
N ALA A 69 -6.28 -4.44 1.00
CA ALA A 69 -7.01 -5.26 1.94
C ALA A 69 -6.10 -6.29 2.60
N PRO A 70 -5.88 -6.14 3.92
CA PRO A 70 -5.03 -7.06 4.69
C PRO A 70 -5.64 -8.44 4.84
N ARG A 71 -4.88 -9.47 4.46
CA ARG A 71 -5.35 -10.84 4.56
C ARG A 71 -4.30 -11.73 5.21
N PRO A 72 -4.75 -12.86 5.77
CA PRO A 72 -3.87 -13.82 6.45
C PRO A 72 -2.97 -14.56 5.45
N SER A 73 -1.87 -15.11 5.97
CA SER A 73 -0.92 -15.84 5.12
C SER A 73 -0.62 -17.21 5.72
N LYS A 74 -0.46 -18.21 4.86
CA LYS A 74 -0.16 -19.57 5.29
C LYS A 74 1.26 -19.96 4.91
N PRO A 75 1.79 -20.99 5.58
CA PRO A 75 3.14 -21.49 5.33
C PRO A 75 3.26 -22.19 3.98
N VAL A 76 4.29 -21.82 3.21
CA VAL A 76 4.51 -22.41 1.89
C VAL A 76 5.96 -22.86 1.73
N ILE A 77 6.14 -24.16 1.55
CA ILE A 77 7.48 -24.72 1.38
C ILE A 77 7.47 -25.87 0.37
N VAL A 78 8.64 -26.16 -0.19
CA VAL A 78 8.77 -27.24 -1.17
C VAL A 78 8.53 -28.60 -0.53
N ALA A 79 8.18 -29.58 -1.34
CA ALA A 79 7.93 -30.93 -0.86
C ALA A 79 9.18 -31.79 -0.93
N PRO A 80 9.20 -32.88 -0.16
CA PRO A 80 10.34 -33.81 -0.13
C PRO A 80 10.48 -34.60 -1.42
N GLU A 81 9.36 -35.04 -1.97
CA GLU A 81 9.36 -35.81 -3.20
C GLU A 81 10.18 -35.11 -4.28
N PRO A 82 11.35 -35.68 -4.60
CA PRO A 82 12.24 -35.12 -5.62
C PRO A 82 11.68 -35.26 -7.02
N VAL A 83 12.11 -34.37 -7.92
CA VAL A 83 11.66 -34.39 -9.30
C VAL A 83 12.75 -34.90 -10.24
N SER A 84 13.96 -34.40 -10.05
CA SER A 84 15.09 -34.79 -10.88
C SER A 84 16.29 -35.19 -10.02
N GLY A 85 17.16 -36.03 -10.57
CA GLY A 85 18.32 -36.47 -9.83
C GLY A 85 19.44 -36.93 -10.74
N MET A 1 -7.82 -13.00 -24.89
CA MET A 1 -7.73 -11.92 -25.86
C MET A 1 -8.64 -10.76 -25.48
N ASP A 2 -8.94 -10.65 -24.19
CA ASP A 2 -9.82 -9.59 -23.70
C ASP A 2 -9.08 -8.68 -22.71
N LYS A 3 -7.76 -8.60 -22.88
CA LYS A 3 -6.93 -7.78 -22.01
C LYS A 3 -5.95 -6.94 -22.83
N GLU A 4 -5.12 -6.16 -22.13
CA GLU A 4 -4.13 -5.33 -22.79
C GLU A 4 -2.79 -5.38 -22.07
N GLU A 5 -1.71 -5.09 -22.79
CA GLU A 5 -0.38 -5.12 -22.21
C GLU A 5 0.19 -3.70 -22.07
N ALA A 6 -0.18 -2.83 -23.02
CA ALA A 6 0.28 -1.45 -23.00
C ALA A 6 -0.81 -0.51 -22.49
N LYS A 7 -2.06 -0.98 -22.53
CA LYS A 7 -3.18 -0.18 -22.06
C LYS A 7 -3.71 -0.71 -20.73
N ALA A 8 -3.00 -1.68 -20.16
CA ALA A 8 -3.40 -2.27 -18.90
C ALA A 8 -3.65 -1.18 -17.84
N ASN A 9 -4.91 -0.91 -17.58
CA ASN A 9 -5.28 0.12 -16.59
C ASN A 9 -5.15 -0.43 -15.17
N ALA A 10 -5.31 -1.75 -15.03
CA ALA A 10 -5.21 -2.39 -13.73
C ALA A 10 -3.91 -2.03 -13.03
N ALA A 11 -2.82 -2.01 -13.80
CA ALA A 11 -1.51 -1.68 -13.26
C ALA A 11 -0.98 -0.39 -13.85
N ALA A 12 -1.90 0.53 -14.17
CA ALA A 12 -1.52 1.82 -14.74
C ALA A 12 -1.45 2.90 -13.67
N HIS A 13 -1.28 2.48 -12.42
CA HIS A 13 -1.19 3.41 -11.30
C HIS A 13 0.26 3.74 -10.99
N GLU A 14 0.53 5.03 -10.77
CA GLU A 14 1.89 5.48 -10.46
C GLU A 14 1.90 6.34 -9.21
N TRP A 15 2.47 5.80 -8.14
CA TRP A 15 2.55 6.52 -6.87
C TRP A 15 3.74 6.03 -6.04
N TYR A 16 4.44 6.97 -5.41
CA TYR A 16 5.60 6.64 -4.60
C TYR A 16 5.22 6.59 -3.12
N VAL A 17 6.18 6.20 -2.28
CA VAL A 17 5.96 6.12 -0.84
C VAL A 17 7.22 6.46 -0.07
N ALA A 18 7.04 7.08 1.09
CA ALA A 18 8.17 7.46 1.93
C ALA A 18 8.60 6.31 2.83
N ILE A 19 9.66 5.61 2.43
CA ILE A 19 10.16 4.48 3.19
C ILE A 19 11.67 4.61 3.44
N ASP A 20 12.09 4.28 4.66
CA ASP A 20 13.50 4.37 5.03
C ASP A 20 13.99 5.81 4.96
N GLU A 21 13.08 6.75 5.16
CA GLU A 21 13.41 8.17 5.12
C GLU A 21 13.79 8.60 3.71
N LYS A 22 13.22 7.93 2.72
CA LYS A 22 13.49 8.25 1.32
C LYS A 22 12.36 7.75 0.42
N GLN A 23 12.17 8.43 -0.70
CA GLN A 23 11.12 8.05 -1.64
C GLN A 23 11.44 6.72 -2.31
N VAL A 24 10.40 5.96 -2.63
CA VAL A 24 10.57 4.66 -3.27
C VAL A 24 10.24 4.74 -4.77
N GLY A 25 10.43 3.62 -5.46
CA GLY A 25 10.15 3.59 -6.89
C GLY A 25 8.66 3.62 -7.18
N PRO A 26 8.32 3.73 -8.48
CA PRO A 26 6.92 3.78 -8.93
C PRO A 26 6.20 2.45 -8.74
N PHE A 27 5.11 2.48 -7.99
CA PHE A 27 4.33 1.27 -7.72
C PHE A 27 2.92 1.39 -8.32
N ASN A 28 2.16 0.31 -8.23
CA ASN A 28 0.80 0.30 -8.76
C ASN A 28 -0.14 -0.47 -7.83
N VAL A 29 -1.42 -0.14 -7.89
CA VAL A 29 -2.42 -0.79 -7.05
C VAL A 29 -2.38 -2.30 -7.23
N GLU A 30 -1.90 -2.74 -8.39
CA GLU A 30 -1.80 -4.17 -8.68
C GLU A 30 -0.55 -4.77 -8.07
N LYS A 31 0.47 -3.93 -7.87
CA LYS A 31 1.73 -4.38 -7.29
C LYS A 31 1.71 -4.25 -5.78
N VAL A 32 1.41 -3.04 -5.30
CA VAL A 32 1.35 -2.79 -3.86
C VAL A 32 0.38 -3.75 -3.17
N LYS A 33 -0.77 -3.97 -3.80
CA LYS A 33 -1.77 -4.87 -3.24
C LYS A 33 -1.14 -6.18 -2.76
N ASP A 34 -0.12 -6.63 -3.48
CA ASP A 34 0.57 -7.86 -3.13
C ASP A 34 1.59 -7.62 -2.01
N LEU A 35 2.27 -6.47 -2.09
CA LEU A 35 3.27 -6.12 -1.08
C LEU A 35 2.62 -5.85 0.26
N TRP A 36 1.75 -4.85 0.31
CA TRP A 36 1.05 -4.49 1.54
C TRP A 36 0.36 -5.71 2.15
N ASP A 37 -0.16 -6.58 1.30
CA ASP A 37 -0.83 -7.79 1.75
C ASP A 37 0.05 -8.60 2.69
N ARG A 38 1.32 -8.74 2.32
CA ARG A 38 2.28 -9.49 3.12
C ARG A 38 3.04 -8.56 4.07
N GLY A 39 2.92 -7.26 3.82
CA GLY A 39 3.61 -6.28 4.66
C GLY A 39 4.97 -5.91 4.12
N GLU A 40 5.05 -5.77 2.79
CA GLU A 40 6.31 -5.41 2.15
C GLU A 40 6.48 -3.89 2.08
N VAL A 41 5.35 -3.19 1.99
CA VAL A 41 5.38 -1.73 1.92
C VAL A 41 5.29 -1.11 3.31
N GLY A 42 5.13 0.21 3.36
CA GLY A 42 5.04 0.89 4.64
C GLY A 42 3.65 1.43 4.92
N PRO A 43 2.93 0.74 5.82
CA PRO A 43 1.57 1.13 6.19
C PRO A 43 1.53 2.43 7.00
N ASP A 44 2.50 2.58 7.90
CA ASP A 44 2.58 3.78 8.73
C ASP A 44 3.36 4.88 8.02
N SER A 45 3.96 4.54 6.89
CA SER A 45 4.75 5.50 6.12
C SER A 45 3.86 6.33 5.21
N LEU A 46 4.31 7.53 4.88
CA LEU A 46 3.56 8.43 4.03
C LEU A 46 3.57 7.96 2.57
N CYS A 47 2.50 8.24 1.85
CA CYS A 47 2.40 7.84 0.45
C CYS A 47 2.15 9.06 -0.44
N TRP A 48 2.88 9.11 -1.56
CA TRP A 48 2.75 10.22 -2.50
C TRP A 48 2.37 9.71 -3.89
N ARG A 49 2.00 10.63 -4.77
CA ARG A 49 1.62 10.27 -6.13
C ARG A 49 1.51 11.52 -7.01
N SER A 50 1.34 11.30 -8.31
CA SER A 50 1.23 12.41 -9.25
C SER A 50 0.04 13.30 -8.91
N GLY A 51 0.33 14.51 -8.44
CA GLY A 51 -0.72 15.44 -8.08
C GLY A 51 -0.78 15.71 -6.59
N PHE A 52 -0.27 14.77 -5.80
CA PHE A 52 -0.26 14.91 -4.35
C PHE A 52 0.42 16.21 -3.93
N SER A 53 -0.18 16.92 -2.98
CA SER A 53 0.37 18.18 -2.50
C SER A 53 0.92 18.02 -1.09
N ASP A 54 0.50 16.96 -0.41
CA ASP A 54 0.94 16.69 0.95
C ASP A 54 1.04 15.19 1.21
N TRP A 55 2.08 14.79 1.93
CA TRP A 55 2.30 13.38 2.25
C TRP A 55 1.39 12.94 3.39
N ILE A 56 0.74 11.79 3.21
CA ILE A 56 -0.15 11.26 4.23
C ILE A 56 -0.02 9.74 4.34
N PRO A 57 0.22 9.26 5.57
CA PRO A 57 0.37 7.82 5.84
C PRO A 57 -0.94 7.06 5.69
N LEU A 58 -0.85 5.79 5.30
CA LEU A 58 -2.02 4.96 5.12
C LEU A 58 -2.78 4.80 6.43
N SER A 59 -2.04 4.68 7.53
CA SER A 59 -2.63 4.52 8.85
C SER A 59 -3.49 5.72 9.21
N GLU A 60 -3.37 6.79 8.42
CA GLU A 60 -4.13 8.01 8.66
C GLU A 60 -5.22 8.18 7.61
N THR A 61 -4.97 7.66 6.41
CA THR A 61 -5.93 7.76 5.32
C THR A 61 -6.50 6.38 4.96
N ALA A 62 -7.82 6.29 4.95
CA ALA A 62 -8.49 5.04 4.62
C ALA A 62 -8.55 4.82 3.11
N GLU A 63 -8.27 5.88 2.36
CA GLU A 63 -8.30 5.81 0.91
C GLU A 63 -7.32 4.76 0.39
N LEU A 64 -6.28 4.50 1.18
CA LEU A 64 -5.26 3.52 0.81
C LEU A 64 -5.65 2.12 1.28
N ALA A 65 -6.36 2.07 2.41
CA ALA A 65 -6.79 0.80 2.97
C ALA A 65 -7.96 0.22 2.18
N SER A 66 -8.66 1.08 1.44
CA SER A 66 -9.80 0.65 0.64
C SER A 66 -9.34 -0.09 -0.61
N VAL A 67 -8.05 0.03 -0.93
CA VAL A 67 -7.49 -0.62 -2.10
C VAL A 67 -6.47 -1.67 -1.70
N LEU A 68 -5.85 -1.49 -0.53
CA LEU A 68 -4.85 -2.42 -0.04
C LEU A 68 -5.47 -3.37 1.00
N ALA A 69 -5.65 -4.62 0.62
CA ALA A 69 -6.22 -5.62 1.51
C ALA A 69 -5.14 -6.52 2.09
N PRO A 70 -5.05 -6.56 3.43
CA PRO A 70 -4.06 -7.37 4.14
C PRO A 70 -4.35 -8.86 4.02
N ARG A 71 -3.37 -9.68 4.41
CA ARG A 71 -3.52 -11.13 4.34
C ARG A 71 -4.02 -11.69 5.66
N PRO A 72 -4.97 -12.64 5.59
CA PRO A 72 -5.55 -13.26 6.78
C PRO A 72 -4.56 -14.17 7.50
N SER A 73 -4.35 -13.92 8.79
CA SER A 73 -3.43 -14.71 9.58
C SER A 73 -4.02 -15.02 10.96
N LYS A 74 -3.49 -16.05 11.60
CA LYS A 74 -3.97 -16.45 12.92
C LYS A 74 -2.80 -16.63 13.89
N PRO A 75 -3.09 -16.48 15.19
CA PRO A 75 -2.07 -16.62 16.25
C PRO A 75 -1.61 -18.06 16.41
N VAL A 76 -0.43 -18.23 17.00
CA VAL A 76 0.13 -19.56 17.21
C VAL A 76 0.61 -19.73 18.65
N ILE A 77 -0.22 -20.35 19.49
CA ILE A 77 0.13 -20.57 20.88
C ILE A 77 1.44 -21.34 21.02
N VAL A 78 2.14 -21.15 22.12
CA VAL A 78 3.40 -21.83 22.38
C VAL A 78 3.28 -22.80 23.54
N ALA A 79 3.62 -24.06 23.30
CA ALA A 79 3.56 -25.08 24.33
C ALA A 79 4.95 -25.42 24.86
N PRO A 80 5.32 -24.81 25.99
CA PRO A 80 6.61 -25.04 26.62
C PRO A 80 6.75 -26.43 27.22
N GLU A 81 5.61 -27.04 27.52
CA GLU A 81 5.59 -28.39 28.09
C GLU A 81 6.45 -29.34 27.28
N PRO A 82 7.60 -29.74 27.85
CA PRO A 82 8.55 -30.65 27.20
C PRO A 82 7.99 -32.06 27.09
N VAL A 83 8.66 -32.89 26.27
CA VAL A 83 8.23 -34.28 26.09
C VAL A 83 8.55 -35.12 27.32
N SER A 84 9.55 -34.68 28.08
CA SER A 84 9.96 -35.40 29.28
C SER A 84 8.96 -35.16 30.43
N GLY A 85 8.19 -36.19 30.76
CA GLY A 85 7.21 -36.07 31.82
C GLY A 85 6.77 -37.42 32.35
N MET A 1 -13.69 -0.14 -23.64
CA MET A 1 -13.30 -1.39 -24.25
C MET A 1 -12.24 -1.17 -25.33
N ASP A 2 -11.36 -0.21 -25.10
CA ASP A 2 -10.29 0.10 -26.05
C ASP A 2 -8.93 0.07 -25.36
N LYS A 3 -8.77 -0.85 -24.42
CA LYS A 3 -7.51 -0.99 -23.69
C LYS A 3 -6.64 -2.08 -24.30
N GLU A 4 -5.53 -2.39 -23.64
CA GLU A 4 -4.61 -3.41 -24.13
C GLU A 4 -4.16 -4.31 -22.99
N GLU A 5 -3.58 -5.46 -23.34
CA GLU A 5 -3.10 -6.42 -22.34
C GLU A 5 -1.80 -5.93 -21.71
N ALA A 6 -1.01 -5.19 -22.47
CA ALA A 6 0.25 -4.67 -21.98
C ALA A 6 0.13 -3.20 -21.57
N LYS A 7 -1.00 -2.59 -21.91
CA LYS A 7 -1.25 -1.19 -21.57
C LYS A 7 -2.47 -1.05 -20.68
N ALA A 8 -2.90 -2.18 -20.10
CA ALA A 8 -4.06 -2.18 -19.21
C ALA A 8 -3.95 -1.08 -18.16
N ASN A 9 -5.09 -0.49 -17.81
CA ASN A 9 -5.13 0.58 -16.82
C ASN A 9 -5.09 0.01 -15.41
N ALA A 10 -5.42 -1.29 -15.29
CA ALA A 10 -5.42 -1.95 -14.00
C ALA A 10 -4.12 -1.70 -13.24
N ALA A 11 -3.03 -1.55 -13.99
CA ALA A 11 -1.72 -1.31 -13.40
C ALA A 11 -1.14 0.02 -13.87
N ALA A 12 -2.02 0.94 -14.26
CA ALA A 12 -1.60 2.25 -14.73
C ALA A 12 -1.45 3.23 -13.57
N HIS A 13 -1.53 2.71 -12.35
CA HIS A 13 -1.40 3.54 -11.16
C HIS A 13 0.06 3.74 -10.80
N GLU A 14 0.46 5.01 -10.69
CA GLU A 14 1.83 5.35 -10.36
C GLU A 14 1.89 6.29 -9.16
N TRP A 15 2.44 5.80 -8.05
CA TRP A 15 2.55 6.60 -6.83
C TRP A 15 3.75 6.16 -6.01
N TYR A 16 4.48 7.13 -5.46
CA TYR A 16 5.65 6.85 -4.65
C TYR A 16 5.28 6.73 -3.17
N VAL A 17 6.27 6.39 -2.34
CA VAL A 17 6.04 6.23 -0.91
C VAL A 17 7.27 6.66 -0.12
N ALA A 18 7.06 6.96 1.16
CA ALA A 18 8.16 7.37 2.03
C ALA A 18 8.73 6.19 2.80
N ILE A 19 9.84 5.65 2.33
CA ILE A 19 10.48 4.51 2.98
C ILE A 19 11.98 4.74 3.15
N ASP A 20 12.50 4.40 4.33
CA ASP A 20 13.92 4.57 4.61
C ASP A 20 14.32 6.04 4.55
N GLU A 21 13.35 6.91 4.76
CA GLU A 21 13.60 8.35 4.72
C GLU A 21 13.93 8.81 3.31
N LYS A 22 13.33 8.17 2.32
CA LYS A 22 13.56 8.51 0.92
C LYS A 22 12.39 8.06 0.04
N GLN A 23 12.37 8.55 -1.19
CA GLN A 23 11.31 8.19 -2.13
C GLN A 23 11.52 6.79 -2.69
N VAL A 24 10.42 6.10 -2.94
CA VAL A 24 10.48 4.74 -3.49
C VAL A 24 10.15 4.73 -4.97
N GLY A 25 10.28 3.56 -5.60
CA GLY A 25 9.98 3.43 -7.01
C GLY A 25 8.50 3.49 -7.29
N PRO A 26 8.14 3.50 -8.59
CA PRO A 26 6.73 3.56 -9.02
C PRO A 26 5.99 2.26 -8.73
N PHE A 27 4.90 2.37 -7.97
CA PHE A 27 4.09 1.21 -7.62
C PHE A 27 2.66 1.37 -8.11
N ASN A 28 1.91 0.28 -8.11
CA ASN A 28 0.52 0.30 -8.55
C ASN A 28 -0.35 -0.58 -7.66
N VAL A 29 -1.66 -0.35 -7.71
CA VAL A 29 -2.60 -1.13 -6.92
C VAL A 29 -2.36 -2.63 -7.07
N GLU A 30 -2.13 -3.05 -8.31
CA GLU A 30 -1.88 -4.46 -8.59
C GLU A 30 -0.58 -4.93 -7.95
N LYS A 31 0.32 -3.98 -7.69
CA LYS A 31 1.61 -4.29 -7.07
C LYS A 31 1.52 -4.21 -5.56
N VAL A 32 1.21 -3.03 -5.04
CA VAL A 32 1.10 -2.81 -3.61
C VAL A 32 0.16 -3.85 -2.97
N LYS A 33 -0.91 -4.18 -3.69
CA LYS A 33 -1.87 -5.16 -3.20
C LYS A 33 -1.18 -6.41 -2.68
N ASP A 34 -0.12 -6.82 -3.38
CA ASP A 34 0.64 -8.00 -2.99
C ASP A 34 1.70 -7.65 -1.96
N LEU A 35 2.20 -6.41 -2.02
CA LEU A 35 3.21 -5.95 -1.09
C LEU A 35 2.61 -5.69 0.30
N TRP A 36 1.71 -4.72 0.36
CA TRP A 36 1.05 -4.38 1.62
C TRP A 36 0.42 -5.61 2.26
N ASP A 37 -0.07 -6.51 1.43
CA ASP A 37 -0.69 -7.74 1.92
C ASP A 37 0.28 -8.54 2.79
N ARG A 38 1.51 -8.66 2.32
CA ARG A 38 2.54 -9.39 3.06
C ARG A 38 3.35 -8.46 3.96
N GLY A 39 3.16 -7.16 3.76
CA GLY A 39 3.89 -6.19 4.56
C GLY A 39 5.20 -5.77 3.93
N GLU A 40 5.18 -5.53 2.62
CA GLU A 40 6.38 -5.14 1.89
C GLU A 40 6.49 -3.62 1.81
N VAL A 41 5.34 -2.96 1.70
CA VAL A 41 5.30 -1.51 1.61
C VAL A 41 5.24 -0.86 3.00
N GLY A 42 5.10 0.46 3.03
CA GLY A 42 5.03 1.17 4.29
C GLY A 42 3.63 1.63 4.62
N PRO A 43 2.93 0.85 5.46
CA PRO A 43 1.56 1.16 5.88
C PRO A 43 1.50 2.37 6.80
N ASP A 44 2.48 2.49 7.69
CA ASP A 44 2.53 3.61 8.62
C ASP A 44 3.28 4.80 8.01
N SER A 45 3.97 4.54 6.91
CA SER A 45 4.73 5.58 6.22
C SER A 45 3.83 6.43 5.33
N LEU A 46 4.32 7.59 4.92
CA LEU A 46 3.55 8.49 4.07
C LEU A 46 3.60 8.03 2.62
N CYS A 47 2.54 8.33 1.88
CA CYS A 47 2.46 7.95 0.47
C CYS A 47 2.32 9.18 -0.42
N TRP A 48 3.04 9.17 -1.53
CA TRP A 48 3.01 10.29 -2.48
C TRP A 48 2.59 9.83 -3.86
N ARG A 49 2.25 10.78 -4.72
CA ARG A 49 1.83 10.46 -6.08
C ARG A 49 1.77 11.72 -6.94
N SER A 50 1.59 11.54 -8.25
CA SER A 50 1.53 12.66 -9.17
C SER A 50 0.40 13.60 -8.80
N GLY A 51 0.75 14.78 -8.30
CA GLY A 51 -0.25 15.76 -7.91
C GLY A 51 -0.26 16.02 -6.42
N PHE A 52 0.20 15.03 -5.64
CA PHE A 52 0.24 15.16 -4.20
C PHE A 52 1.02 16.41 -3.78
N SER A 53 0.48 17.13 -2.79
CA SER A 53 1.11 18.34 -2.31
C SER A 53 1.70 18.13 -0.92
N ASP A 54 1.19 17.12 -0.21
CA ASP A 54 1.66 16.81 1.13
C ASP A 54 1.64 15.31 1.37
N TRP A 55 2.64 14.82 2.09
CA TRP A 55 2.75 13.40 2.39
C TRP A 55 1.78 13.00 3.50
N ILE A 56 1.08 11.89 3.30
CA ILE A 56 0.12 11.41 4.29
C ILE A 56 0.23 9.90 4.47
N PRO A 57 0.25 9.46 5.73
CA PRO A 57 0.35 8.03 6.07
C PRO A 57 -0.92 7.26 5.72
N LEU A 58 -0.77 5.99 5.37
CA LEU A 58 -1.89 5.15 5.00
C LEU A 58 -2.66 4.71 6.24
N SER A 59 -1.99 4.73 7.40
CA SER A 59 -2.62 4.33 8.65
C SER A 59 -3.55 5.42 9.17
N GLU A 60 -3.62 6.53 8.42
CA GLU A 60 -4.48 7.65 8.81
C GLU A 60 -5.62 7.82 7.79
N THR A 61 -5.39 7.37 6.57
CA THR A 61 -6.39 7.48 5.52
C THR A 61 -7.11 6.16 5.29
N ALA A 62 -8.43 6.17 5.37
CA ALA A 62 -9.23 4.98 5.18
C ALA A 62 -9.41 4.67 3.69
N GLU A 63 -9.10 5.65 2.85
CA GLU A 63 -9.23 5.50 1.41
C GLU A 63 -8.21 4.49 0.88
N LEU A 64 -7.23 4.17 1.71
CA LEU A 64 -6.18 3.23 1.33
C LEU A 64 -6.60 1.79 1.64
N ALA A 65 -7.54 1.65 2.57
CA ALA A 65 -8.03 0.33 2.96
C ALA A 65 -8.82 -0.31 1.83
N SER A 66 -9.68 0.47 1.18
CA SER A 66 -10.49 -0.03 0.09
C SER A 66 -9.62 -0.65 -1.01
N VAL A 67 -8.36 -0.21 -1.07
CA VAL A 67 -7.43 -0.72 -2.07
C VAL A 67 -6.57 -1.83 -1.48
N LEU A 68 -6.00 -1.58 -0.30
CA LEU A 68 -5.15 -2.56 0.37
C LEU A 68 -5.92 -3.30 1.46
N ALA A 69 -6.13 -4.60 1.24
CA ALA A 69 -6.85 -5.42 2.20
C ALA A 69 -5.90 -6.13 3.15
N PRO A 70 -6.40 -6.54 4.31
CA PRO A 70 -5.61 -7.24 5.32
C PRO A 70 -5.22 -8.65 4.89
N ARG A 71 -4.29 -9.26 5.61
CA ARG A 71 -3.82 -10.61 5.30
C ARG A 71 -4.26 -11.60 6.38
N PRO A 72 -4.32 -12.89 6.00
CA PRO A 72 -4.72 -13.96 6.92
C PRO A 72 -3.66 -14.22 8.00
N SER A 73 -4.08 -14.15 9.26
CA SER A 73 -3.17 -14.38 10.38
C SER A 73 -2.97 -15.87 10.62
N LYS A 74 -1.87 -16.20 11.29
CA LYS A 74 -1.56 -17.60 11.59
C LYS A 74 -2.16 -18.02 12.92
N PRO A 75 -2.29 -19.33 13.12
CA PRO A 75 -2.85 -19.91 14.36
C PRO A 75 -1.92 -19.72 15.55
N VAL A 76 -2.51 -19.46 16.71
CA VAL A 76 -1.73 -19.25 17.94
C VAL A 76 -1.72 -20.51 18.79
N ILE A 77 -0.66 -20.69 19.56
CA ILE A 77 -0.52 -21.86 20.43
C ILE A 77 0.17 -21.49 21.73
N VAL A 78 -0.14 -22.22 22.80
CA VAL A 78 0.46 -21.98 24.10
C VAL A 78 1.54 -23.01 24.41
N ALA A 79 2.45 -22.66 25.30
CA ALA A 79 3.53 -23.55 25.68
C ALA A 79 2.99 -24.89 26.14
N PRO A 80 3.87 -25.92 26.13
CA PRO A 80 3.50 -27.28 26.53
C PRO A 80 3.24 -27.39 28.04
N GLU A 81 3.96 -26.57 28.82
CA GLU A 81 3.80 -26.58 30.26
C GLU A 81 3.15 -25.29 30.75
N PRO A 82 2.52 -25.35 31.92
CA PRO A 82 1.84 -24.20 32.53
C PRO A 82 2.82 -23.13 33.00
N VAL A 83 2.60 -21.89 32.56
CA VAL A 83 3.47 -20.79 32.95
C VAL A 83 2.70 -19.75 33.76
N SER A 84 1.38 -19.69 33.54
CA SER A 84 0.54 -18.73 34.24
C SER A 84 -0.50 -19.45 35.09
N GLY A 85 -0.94 -18.80 36.17
CA GLY A 85 -1.93 -19.40 37.05
C GLY A 85 -2.68 -18.37 37.85
N MET A 1 -15.98 -7.38 -7.51
CA MET A 1 -14.70 -7.84 -8.04
C MET A 1 -14.82 -9.25 -8.61
N ASP A 2 -15.36 -9.35 -9.82
CA ASP A 2 -15.53 -10.64 -10.47
C ASP A 2 -14.88 -10.64 -11.85
N LYS A 3 -13.75 -9.94 -11.98
CA LYS A 3 -13.04 -9.86 -13.24
C LYS A 3 -11.54 -9.95 -13.02
N GLU A 4 -10.77 -9.65 -14.07
CA GLU A 4 -9.31 -9.70 -14.00
C GLU A 4 -8.73 -8.30 -13.89
N GLU A 5 -7.63 -8.17 -13.16
CA GLU A 5 -6.98 -6.87 -12.98
C GLU A 5 -5.69 -6.81 -13.80
N ALA A 6 -5.15 -7.97 -14.14
CA ALA A 6 -3.92 -8.05 -14.92
C ALA A 6 -4.02 -7.23 -16.21
N LYS A 7 -5.27 -7.01 -16.66
CA LYS A 7 -5.50 -6.25 -17.88
C LYS A 7 -6.35 -5.01 -17.58
N ALA A 8 -6.42 -4.64 -16.30
CA ALA A 8 -7.18 -3.47 -15.89
C ALA A 8 -6.28 -2.27 -15.66
N ASN A 9 -6.85 -1.08 -15.77
CA ASN A 9 -6.09 0.16 -15.57
C ASN A 9 -5.55 0.24 -14.14
N ALA A 10 -6.11 -0.58 -13.26
CA ALA A 10 -5.69 -0.59 -11.86
C ALA A 10 -4.19 -0.86 -11.75
N ALA A 11 -3.64 -1.54 -12.75
CA ALA A 11 -2.21 -1.85 -12.76
C ALA A 11 -1.42 -0.82 -13.55
N ALA A 12 -1.98 0.37 -13.66
CA ALA A 12 -1.33 1.46 -14.39
C ALA A 12 -1.10 2.67 -13.49
N HIS A 13 -1.49 2.54 -12.23
CA HIS A 13 -1.33 3.63 -11.26
C HIS A 13 0.15 3.89 -10.98
N GLU A 14 0.47 5.13 -10.60
CA GLU A 14 1.83 5.50 -10.31
C GLU A 14 1.89 6.40 -9.07
N TRP A 15 2.44 5.86 -7.98
CA TRP A 15 2.56 6.60 -6.73
C TRP A 15 3.73 6.09 -5.92
N TYR A 16 4.58 7.01 -5.47
CA TYR A 16 5.75 6.65 -4.67
C TYR A 16 5.39 6.57 -3.19
N VAL A 17 6.37 6.19 -2.36
CA VAL A 17 6.15 6.08 -0.93
C VAL A 17 7.40 6.50 -0.15
N ALA A 18 7.23 6.74 1.14
CA ALA A 18 8.34 7.15 2.00
C ALA A 18 8.84 5.97 2.83
N ILE A 19 9.91 5.35 2.36
CA ILE A 19 10.51 4.21 3.05
C ILE A 19 11.96 4.49 3.43
N ASP A 20 12.30 4.22 4.68
CA ASP A 20 13.66 4.44 5.17
C ASP A 20 14.09 5.89 4.94
N GLU A 21 13.12 6.80 4.97
CA GLU A 21 13.41 8.22 4.78
C GLU A 21 13.85 8.49 3.35
N LYS A 22 13.68 7.50 2.48
CA LYS A 22 14.07 7.63 1.08
C LYS A 22 12.87 7.37 0.17
N GLN A 23 12.75 8.18 -0.88
CA GLN A 23 11.67 8.04 -1.83
C GLN A 23 11.66 6.66 -2.46
N VAL A 24 10.47 6.16 -2.80
CA VAL A 24 10.33 4.84 -3.42
C VAL A 24 9.99 4.95 -4.90
N GLY A 25 10.19 3.87 -5.63
CA GLY A 25 9.90 3.86 -7.05
C GLY A 25 8.42 3.88 -7.33
N PRO A 26 8.06 3.96 -8.62
CA PRO A 26 6.66 4.00 -9.06
C PRO A 26 5.95 2.67 -8.84
N PHE A 27 4.89 2.68 -8.05
CA PHE A 27 4.12 1.47 -7.78
C PHE A 27 2.72 1.56 -8.38
N ASN A 28 1.96 0.47 -8.26
CA ASN A 28 0.61 0.41 -8.80
C ASN A 28 -0.32 -0.32 -7.85
N VAL A 29 -1.61 -0.01 -7.94
CA VAL A 29 -2.61 -0.63 -7.08
C VAL A 29 -2.54 -2.16 -7.17
N GLU A 30 -2.06 -2.65 -8.31
CA GLU A 30 -1.94 -4.08 -8.54
C GLU A 30 -0.70 -4.64 -7.85
N LYS A 31 0.32 -3.79 -7.71
CA LYS A 31 1.57 -4.20 -7.06
C LYS A 31 1.50 -3.99 -5.56
N VAL A 32 1.26 -2.75 -5.14
CA VAL A 32 1.17 -2.41 -3.73
C VAL A 32 0.20 -3.34 -3.01
N LYS A 33 -0.95 -3.58 -3.61
CA LYS A 33 -1.96 -4.46 -3.03
C LYS A 33 -1.34 -5.75 -2.53
N ASP A 34 -0.37 -6.28 -3.29
CA ASP A 34 0.32 -7.51 -2.92
C ASP A 34 1.38 -7.24 -1.87
N LEU A 35 2.09 -6.12 -2.03
CA LEU A 35 3.15 -5.75 -1.09
C LEU A 35 2.58 -5.49 0.30
N TRP A 36 1.69 -4.51 0.39
CA TRP A 36 1.06 -4.17 1.67
C TRP A 36 0.40 -5.38 2.30
N ASP A 37 -0.05 -6.31 1.46
CA ASP A 37 -0.70 -7.52 1.95
C ASP A 37 0.27 -8.36 2.79
N ARG A 38 1.49 -8.50 2.30
CA ARG A 38 2.50 -9.27 3.01
C ARG A 38 3.33 -8.38 3.93
N GLY A 39 3.15 -7.07 3.78
CA GLY A 39 3.88 -6.13 4.62
C GLY A 39 5.20 -5.72 3.99
N GLU A 40 5.20 -5.49 2.69
CA GLU A 40 6.42 -5.10 1.97
C GLU A 40 6.54 -3.57 1.94
N VAL A 41 5.41 -2.90 1.81
CA VAL A 41 5.40 -1.43 1.76
C VAL A 41 5.25 -0.84 3.15
N GLY A 42 5.09 0.48 3.21
CA GLY A 42 4.94 1.15 4.49
C GLY A 42 3.51 1.59 4.75
N PRO A 43 2.81 0.85 5.63
CA PRO A 43 1.42 1.15 5.99
C PRO A 43 1.29 2.43 6.79
N ASP A 44 2.22 2.65 7.71
CA ASP A 44 2.21 3.84 8.55
C ASP A 44 3.11 4.92 7.98
N SER A 45 3.65 4.66 6.79
CA SER A 45 4.54 5.61 6.12
C SER A 45 3.75 6.55 5.21
N LEU A 46 4.36 7.67 4.85
CA LEU A 46 3.72 8.65 3.98
C LEU A 46 3.82 8.22 2.52
N CYS A 47 2.67 8.18 1.84
CA CYS A 47 2.63 7.79 0.44
C CYS A 47 2.46 9.01 -0.46
N TRP A 48 3.21 9.05 -1.54
CA TRP A 48 3.15 10.17 -2.48
C TRP A 48 2.72 9.68 -3.87
N ARG A 49 2.36 10.63 -4.73
CA ARG A 49 1.93 10.30 -6.08
C ARG A 49 1.91 11.55 -6.97
N SER A 50 1.71 11.35 -8.27
CA SER A 50 1.66 12.45 -9.21
C SER A 50 0.47 13.35 -8.94
N GLY A 51 0.73 14.55 -8.44
CA GLY A 51 -0.35 15.49 -8.16
C GLY A 51 -0.53 15.71 -6.67
N PHE A 52 0.03 14.81 -5.86
CA PHE A 52 -0.08 14.91 -4.42
C PHE A 52 0.42 16.27 -3.92
N SER A 53 -0.31 16.85 -2.97
CA SER A 53 0.06 18.16 -2.42
C SER A 53 1.03 18.00 -1.25
N ASP A 54 0.83 16.96 -0.45
CA ASP A 54 1.69 16.69 0.69
C ASP A 54 1.67 15.21 1.06
N TRP A 55 2.73 14.75 1.70
CA TRP A 55 2.83 13.36 2.11
C TRP A 55 1.87 13.04 3.25
N ILE A 56 1.16 11.94 3.13
CA ILE A 56 0.20 11.53 4.15
C ILE A 56 0.25 10.03 4.39
N PRO A 57 0.25 9.62 5.67
CA PRO A 57 0.30 8.22 6.07
C PRO A 57 -0.99 7.47 5.73
N LEU A 58 -0.84 6.22 5.32
CA LEU A 58 -2.00 5.40 4.96
C LEU A 58 -2.76 4.95 6.21
N SER A 59 -2.07 4.93 7.35
CA SER A 59 -2.67 4.53 8.60
C SER A 59 -3.62 5.61 9.13
N GLU A 60 -3.65 6.74 8.43
CA GLU A 60 -4.50 7.85 8.82
C GLU A 60 -5.64 8.04 7.82
N THR A 61 -5.39 7.67 6.57
CA THR A 61 -6.39 7.80 5.51
C THR A 61 -7.10 6.47 5.26
N ALA A 62 -8.43 6.50 5.32
CA ALA A 62 -9.22 5.30 5.10
C ALA A 62 -9.41 5.05 3.61
N GLU A 63 -8.87 5.93 2.78
CA GLU A 63 -8.98 5.79 1.34
C GLU A 63 -7.92 4.83 0.80
N LEU A 64 -7.14 4.26 1.70
CA LEU A 64 -6.09 3.32 1.33
C LEU A 64 -6.46 1.89 1.73
N ALA A 65 -7.26 1.76 2.79
CA ALA A 65 -7.68 0.46 3.26
C ALA A 65 -8.63 -0.20 2.28
N SER A 66 -9.57 0.58 1.76
CA SER A 66 -10.55 0.06 0.80
C SER A 66 -9.85 -0.59 -0.39
N VAL A 67 -8.63 -0.15 -0.66
CA VAL A 67 -7.86 -0.69 -1.78
C VAL A 67 -6.89 -1.76 -1.29
N LEU A 68 -6.22 -1.49 -0.18
CA LEU A 68 -5.26 -2.43 0.38
C LEU A 68 -5.88 -3.21 1.55
N ALA A 69 -6.22 -4.47 1.29
CA ALA A 69 -6.81 -5.33 2.31
C ALA A 69 -5.74 -5.99 3.17
N PRO A 70 -5.80 -5.72 4.48
CA PRO A 70 -4.83 -6.28 5.44
C PRO A 70 -5.02 -7.78 5.63
N ARG A 71 -4.05 -8.41 6.29
CA ARG A 71 -4.10 -9.84 6.54
C ARG A 71 -5.41 -10.22 7.22
N PRO A 72 -5.77 -11.51 7.13
CA PRO A 72 -7.00 -12.03 7.74
C PRO A 72 -6.93 -12.05 9.26
N SER A 73 -8.07 -12.35 9.90
CA SER A 73 -8.14 -12.39 11.35
C SER A 73 -7.13 -13.40 11.91
N LYS A 74 -6.27 -12.93 12.81
CA LYS A 74 -5.26 -13.78 13.42
C LYS A 74 -5.90 -15.04 14.02
N PRO A 75 -5.09 -16.08 14.22
CA PRO A 75 -5.55 -17.35 14.80
C PRO A 75 -5.91 -17.22 16.27
N VAL A 76 -6.51 -18.27 16.82
CA VAL A 76 -6.91 -18.28 18.23
C VAL A 76 -5.69 -18.16 19.13
N ILE A 77 -5.90 -17.60 20.32
CA ILE A 77 -4.81 -17.43 21.28
C ILE A 77 -5.23 -17.92 22.67
N VAL A 78 -4.24 -18.23 23.50
CA VAL A 78 -4.51 -18.70 24.85
C VAL A 78 -5.45 -17.77 25.59
N ALA A 79 -6.13 -18.29 26.60
CA ALA A 79 -7.07 -17.50 27.39
C ALA A 79 -6.33 -16.52 28.30
N PRO A 80 -7.05 -15.49 28.76
CA PRO A 80 -6.47 -14.46 29.64
C PRO A 80 -6.18 -15.00 31.04
N GLU A 81 -6.64 -16.22 31.30
CA GLU A 81 -6.42 -16.85 32.60
C GLU A 81 -4.94 -16.82 32.98
N PRO A 82 -4.66 -16.90 34.30
CA PRO A 82 -3.30 -16.88 34.82
C PRO A 82 -2.53 -18.16 34.48
N VAL A 83 -1.23 -18.02 34.28
CA VAL A 83 -0.39 -19.16 33.95
C VAL A 83 0.60 -19.45 35.07
N SER A 84 0.97 -18.42 35.82
CA SER A 84 1.90 -18.56 36.92
C SER A 84 1.45 -19.65 37.90
N GLY A 85 2.41 -20.27 38.58
CA GLY A 85 2.08 -21.32 39.52
C GLY A 85 1.84 -22.65 38.84
N MET A 1 11.48 2.99 -29.29
CA MET A 1 10.48 1.92 -29.24
C MET A 1 9.11 2.43 -29.66
N ASP A 2 8.28 1.52 -30.16
CA ASP A 2 6.93 1.88 -30.59
C ASP A 2 5.89 0.99 -29.91
N LYS A 3 6.14 0.64 -28.65
CA LYS A 3 5.23 -0.20 -27.89
C LYS A 3 4.95 0.40 -26.52
N GLU A 4 3.72 0.26 -26.06
CA GLU A 4 3.32 0.79 -24.76
C GLU A 4 2.74 -0.31 -23.87
N GLU A 5 3.18 -0.35 -22.62
CA GLU A 5 2.72 -1.36 -21.67
C GLU A 5 2.08 -0.70 -20.45
N ALA A 6 2.59 0.47 -20.08
CA ALA A 6 2.07 1.20 -18.93
C ALA A 6 0.57 1.48 -19.09
N LYS A 7 0.11 1.48 -20.34
CA LYS A 7 -1.30 1.73 -20.63
C LYS A 7 -2.19 0.78 -19.84
N ALA A 8 -1.67 -0.39 -19.53
CA ALA A 8 -2.42 -1.40 -18.77
C ALA A 8 -2.99 -0.79 -17.50
N ASN A 9 -4.30 -0.58 -17.49
CA ASN A 9 -4.98 -0.01 -16.33
C ASN A 9 -4.64 -0.78 -15.07
N ALA A 10 -4.38 -2.08 -15.22
CA ALA A 10 -4.03 -2.93 -14.09
C ALA A 10 -2.91 -2.32 -13.27
N ALA A 11 -1.77 -2.07 -13.91
CA ALA A 11 -0.62 -1.49 -13.24
C ALA A 11 -0.35 -0.07 -13.74
N ALA A 12 -1.40 0.60 -14.19
CA ALA A 12 -1.27 1.96 -14.70
C ALA A 12 -1.14 2.97 -13.55
N HIS A 13 -1.52 2.54 -12.36
CA HIS A 13 -1.44 3.40 -11.18
C HIS A 13 0.01 3.75 -10.86
N GLU A 14 0.27 5.04 -10.68
CA GLU A 14 1.62 5.52 -10.37
C GLU A 14 1.62 6.37 -9.10
N TRP A 15 2.19 5.83 -8.04
CA TRP A 15 2.26 6.53 -6.76
C TRP A 15 3.45 6.06 -5.94
N TYR A 16 4.27 7.00 -5.49
CA TYR A 16 5.44 6.67 -4.68
C TYR A 16 5.09 6.57 -3.20
N VAL A 17 6.08 6.22 -2.39
CA VAL A 17 5.86 6.08 -0.96
C VAL A 17 7.11 6.49 -0.17
N ALA A 18 6.92 6.87 1.08
CA ALA A 18 8.04 7.29 1.92
C ALA A 18 8.70 6.07 2.58
N ILE A 19 9.81 5.63 1.99
CA ILE A 19 10.54 4.49 2.50
C ILE A 19 12.00 4.85 2.78
N ASP A 20 12.52 4.36 3.89
CA ASP A 20 13.90 4.62 4.28
C ASP A 20 14.15 6.11 4.42
N GLU A 21 13.09 6.86 4.71
CA GLU A 21 13.19 8.31 4.87
C GLU A 21 13.47 8.99 3.54
N LYS A 22 12.98 8.38 2.47
CA LYS A 22 13.18 8.93 1.12
C LYS A 22 12.14 8.40 0.15
N GLN A 23 12.02 9.03 -1.00
CA GLN A 23 11.06 8.62 -2.01
C GLN A 23 11.34 7.20 -2.49
N VAL A 24 10.28 6.44 -2.74
CA VAL A 24 10.41 5.06 -3.20
C VAL A 24 10.16 4.96 -4.70
N GLY A 25 10.31 3.75 -5.23
CA GLY A 25 10.08 3.53 -6.66
C GLY A 25 8.61 3.56 -7.02
N PRO A 26 8.33 3.50 -8.33
CA PRO A 26 6.95 3.50 -8.84
C PRO A 26 6.20 2.21 -8.51
N PHE A 27 4.98 2.36 -8.02
CA PHE A 27 4.16 1.20 -7.67
C PHE A 27 2.75 1.34 -8.24
N ASN A 28 1.99 0.25 -8.19
CA ASN A 28 0.63 0.25 -8.71
C ASN A 28 -0.30 -0.56 -7.80
N VAL A 29 -1.58 -0.26 -7.86
CA VAL A 29 -2.58 -0.96 -7.05
C VAL A 29 -2.50 -2.47 -7.27
N GLU A 30 -2.01 -2.86 -8.43
CA GLU A 30 -1.87 -4.28 -8.77
C GLU A 30 -0.65 -4.89 -8.11
N LYS A 31 0.36 -4.05 -7.85
CA LYS A 31 1.59 -4.50 -7.21
C LYS A 31 1.52 -4.35 -5.70
N VAL A 32 1.20 -3.14 -5.25
CA VAL A 32 1.09 -2.85 -3.83
C VAL A 32 0.14 -3.83 -3.15
N LYS A 33 -0.98 -4.13 -3.81
CA LYS A 33 -1.97 -5.04 -3.27
C LYS A 33 -1.31 -6.32 -2.76
N ASP A 34 -0.27 -6.76 -3.45
CA ASP A 34 0.45 -7.97 -3.07
C ASP A 34 1.52 -7.65 -2.02
N LEU A 35 2.07 -6.44 -2.10
CA LEU A 35 3.11 -6.02 -1.16
C LEU A 35 2.51 -5.74 0.21
N TRP A 36 1.62 -4.76 0.28
CA TRP A 36 0.97 -4.40 1.54
C TRP A 36 0.34 -5.62 2.20
N ASP A 37 -0.19 -6.52 1.38
CA ASP A 37 -0.82 -7.74 1.89
C ASP A 37 0.13 -8.51 2.80
N ARG A 38 1.40 -8.52 2.44
CA ARG A 38 2.42 -9.21 3.23
C ARG A 38 3.22 -8.24 4.08
N GLY A 39 3.05 -6.94 3.80
CA GLY A 39 3.77 -5.93 4.55
C GLY A 39 5.08 -5.54 3.89
N GLU A 40 5.08 -5.47 2.57
CA GLU A 40 6.27 -5.11 1.82
C GLU A 40 6.38 -3.59 1.67
N VAL A 41 5.23 -2.93 1.61
CA VAL A 41 5.20 -1.47 1.45
C VAL A 41 5.21 -0.78 2.81
N GLY A 42 4.98 0.53 2.82
CA GLY A 42 4.97 1.28 4.05
C GLY A 42 3.56 1.68 4.47
N PRO A 43 2.93 0.84 5.30
CA PRO A 43 1.58 1.09 5.80
C PRO A 43 1.52 2.26 6.77
N ASP A 44 2.53 2.37 7.63
CA ASP A 44 2.59 3.44 8.61
C ASP A 44 3.33 4.65 8.05
N SER A 45 4.10 4.42 6.98
CA SER A 45 4.87 5.49 6.35
C SER A 45 3.97 6.34 5.46
N LEU A 46 4.48 7.51 5.07
CA LEU A 46 3.73 8.43 4.22
C LEU A 46 3.66 7.89 2.79
N CYS A 47 2.64 8.31 2.05
CA CYS A 47 2.46 7.89 0.66
C CYS A 47 2.28 9.10 -0.25
N TRP A 48 2.94 9.06 -1.41
CA TRP A 48 2.86 10.14 -2.37
C TRP A 48 2.37 9.63 -3.72
N ARG A 49 2.12 10.56 -4.64
CA ARG A 49 1.64 10.20 -5.98
C ARG A 49 1.58 11.43 -6.88
N SER A 50 1.35 11.19 -8.16
CA SER A 50 1.27 12.28 -9.14
C SER A 50 0.16 13.26 -8.78
N GLY A 51 0.55 14.45 -8.32
CA GLY A 51 -0.43 15.46 -7.95
C GLY A 51 -0.42 15.75 -6.46
N PHE A 52 0.06 14.79 -5.68
CA PHE A 52 0.13 14.95 -4.23
C PHE A 52 0.91 16.20 -3.85
N SER A 53 0.38 16.97 -2.91
CA SER A 53 1.02 18.19 -2.46
C SER A 53 1.65 18.01 -1.08
N ASP A 54 1.13 17.04 -0.33
CA ASP A 54 1.64 16.76 1.01
C ASP A 54 1.63 15.26 1.28
N TRP A 55 2.66 14.79 1.99
CA TRP A 55 2.78 13.38 2.31
C TRP A 55 1.83 12.99 3.45
N ILE A 56 1.21 11.83 3.34
CA ILE A 56 0.28 11.35 4.35
C ILE A 56 0.42 9.85 4.56
N PRO A 57 0.40 9.42 5.83
CA PRO A 57 0.53 8.01 6.19
C PRO A 57 -0.72 7.20 5.81
N LEU A 58 -0.50 5.97 5.37
CA LEU A 58 -1.60 5.10 4.96
C LEU A 58 -2.32 4.54 6.19
N SER A 59 -1.65 4.58 7.33
CA SER A 59 -2.23 4.08 8.57
C SER A 59 -3.18 5.10 9.19
N GLU A 60 -3.31 6.25 8.53
CA GLU A 60 -4.19 7.31 9.01
C GLU A 60 -5.29 7.59 8.00
N THR A 61 -5.01 7.34 6.73
CA THR A 61 -5.99 7.57 5.67
C THR A 61 -6.83 6.32 5.42
N ALA A 62 -8.14 6.46 5.54
CA ALA A 62 -9.05 5.34 5.32
C ALA A 62 -9.31 5.14 3.83
N GLU A 63 -8.86 6.07 3.02
CA GLU A 63 -9.05 5.99 1.57
C GLU A 63 -8.07 4.99 0.95
N LEU A 64 -7.19 4.44 1.78
CA LEU A 64 -6.20 3.48 1.31
C LEU A 64 -6.68 2.05 1.57
N ALA A 65 -7.42 1.87 2.65
CA ALA A 65 -7.94 0.55 3.00
C ALA A 65 -8.72 -0.07 1.85
N SER A 66 -9.58 0.72 1.22
CA SER A 66 -10.38 0.25 0.10
C SER A 66 -9.50 -0.39 -0.97
N VAL A 67 -8.27 0.11 -1.09
CA VAL A 67 -7.32 -0.41 -2.07
C VAL A 67 -6.52 -1.57 -1.49
N LEU A 68 -5.97 -1.36 -0.29
CA LEU A 68 -5.18 -2.39 0.37
C LEU A 68 -6.00 -3.12 1.44
N ALA A 69 -6.30 -4.38 1.18
CA ALA A 69 -7.08 -5.19 2.12
C ALA A 69 -6.23 -5.58 3.33
N PRO A 70 -6.81 -5.42 4.53
CA PRO A 70 -6.13 -5.75 5.78
C PRO A 70 -5.96 -7.25 5.97
N ARG A 71 -5.10 -7.64 6.92
CA ARG A 71 -4.86 -9.05 7.19
C ARG A 71 -5.37 -9.44 8.57
N PRO A 72 -5.57 -10.75 8.78
CA PRO A 72 -6.07 -11.28 10.05
C PRO A 72 -5.03 -11.15 11.18
N SER A 73 -5.44 -10.51 12.27
CA SER A 73 -4.55 -10.32 13.41
C SER A 73 -5.28 -10.58 14.72
N LYS A 74 -4.53 -10.89 15.77
CA LYS A 74 -5.10 -11.17 17.08
C LYS A 74 -5.94 -9.99 17.56
N PRO A 75 -6.84 -10.26 18.52
CA PRO A 75 -7.71 -9.23 19.10
C PRO A 75 -6.95 -8.21 19.93
N VAL A 76 -7.64 -7.14 20.33
CA VAL A 76 -7.03 -6.10 21.13
C VAL A 76 -7.59 -6.10 22.56
N ILE A 77 -6.77 -5.69 23.51
CA ILE A 77 -7.18 -5.64 24.91
C ILE A 77 -7.15 -4.21 25.44
N VAL A 78 -8.08 -3.91 26.35
CA VAL A 78 -8.15 -2.58 26.95
C VAL A 78 -6.94 -2.30 27.84
N ALA A 79 -6.52 -1.04 27.86
CA ALA A 79 -5.37 -0.64 28.67
C ALA A 79 -5.62 -0.90 30.15
N PRO A 80 -4.55 -0.96 30.94
CA PRO A 80 -4.62 -1.20 32.38
C PRO A 80 -5.23 -0.01 33.13
N GLU A 81 -5.36 1.11 32.43
CA GLU A 81 -5.92 2.32 33.04
C GLU A 81 -7.24 2.02 33.74
N PRO A 82 -7.22 2.05 35.08
CA PRO A 82 -8.41 1.78 35.90
C PRO A 82 -9.44 2.89 35.79
N VAL A 83 -10.65 2.62 36.30
CA VAL A 83 -11.73 3.59 36.26
C VAL A 83 -11.46 4.75 37.21
N SER A 84 -10.75 4.47 38.30
CA SER A 84 -10.42 5.49 39.29
C SER A 84 -9.61 6.62 38.65
N GLY A 85 -10.12 7.84 38.77
CA GLY A 85 -9.44 8.99 38.20
C GLY A 85 -10.16 9.56 37.00
#